data_8CG6
#
_entry.id   8CG6
#
_cell.length_a   1.00
_cell.length_b   1.00
_cell.length_c   1.00
_cell.angle_alpha   90.00
_cell.angle_beta   90.00
_cell.angle_gamma   90.00
#
_symmetry.space_group_name_H-M   'P 1'
#
loop_
_entity.id
_entity.type
_entity.pdbx_description
1 polymer 'Non-reducing polyketide synthase CTB1'
2 polymer 'Acyl carrier protein (ACP) of Non-reducing polyketide synthase CTB1'
3 non-polymer N~3~-[(2R)-2-hydroxy-3,3-dimethyl-4-(phosphonooxy)butanoyl]-N-[2-(propanoylamino)ethyl]-beta-alaninamide
#
loop_
_entity_poly.entity_id
_entity_poly.type
_entity_poly.pdbx_seq_one_letter_code
_entity_poly.pdbx_strand_id
1 'polypeptide(L)'
;MEDGAQMRVVAFGDQTYDCSEAVSQLLRVRDDAIVVDFLERAPAVLKAELARLSSEQQEETPRFATLAELVPRYRAGTLN
PAVSQALTCIAQLGLFIRQHSSGQEAYPTAHDSCITGVCTGALTAVAVGSASSVTALVPLALHTVAVAVRLGARAWEIGS
CLADARRGANGRYASWTSAVGGISPQDLQDRISAYTAEQALASVSVPYLSAAVGPGQSSVSAAPVILDAFLSTLLRPLTT
TRLPITAPYHAPHLFTAKDVQHVTDCLPPSEAWPTVRIPIISFSRDEAVSRGASFPAAMSEAVRDCLIRPIALDRMAVSI
ANHARDLGKDSVLPSPIALSFSDKLGPQVNSHLPGAKAPTPELTSKSIPSAIGAEQQPMAKSPIAILAASGRFPQSSSMD
QFWDVLINGVDTHELVPPTRWNAATHVSEDPKAKNVSGTGFGCWLHEAGEFDAAYFNMSPREAPQVDPAQRLALLTATEA
LEQAGVVPNRTSSTQKNRVGVWYGATSNDWMETNSAQNVDTYFIPGGNRAFIPGRVNYFHKFSGPSYTIDTACSSSLAAL
HMACNALWRGEVDTAIVGGTNVLTNPDMTAGLDAGHFLSRSGNCKTFDDEADGYCRGEAVVTLILKRLPDAQADKDPIQA
SILGIATNHSAEAASITRPHAGAQQDLFQQVLTETGLTANDISVCEMAGTGTQAGDSGETTSVVETLAPLNRSGSAVRTT
PLYIGAVKSNVGHAESAAGVSSLAKILLMLKHSKIPPHVGIKTKLNHRLPDLAARNTHIARSEVPWPRPKNGKRRVLLNN
FSAAGGNTCLVLEDAPEPEDSQEVDPREHHIVALSAKTPDSMVNNLTNMITWIDKHSGDSLATLPQLSYTTTARRVHHRH
RAVATGTDLLQIRSSLQEQLDRRVSGERSIPHPPNGPSFVLAFTGQGSAFAGMGVDLYKRFASFRSDIARYDQICEGMSL
PSIKAMFEDEKVFSTASPTLQQLTHVCFQMALYRLWKSLGVQAKAVVGHALGEYAALYAAGVLSQSDTLYLVGRRAQLME
KHLSQGTHAMLAVRAKEEAIVAAIDGPPGEAYEFSCRNGEQRNVLGGTVAQIQAAKAALEAKKIRCQYLDTPMAFHTGQV
DPILPELLQVAAACSIQDPQIPVISPAYGKVIRSAKDFQPEYFTHHCRSSVNMVDALQSAVEEGLLDKNVIGLEIGPGPV
VTQFVKEAVGTTMQTFASINKDKDTWQLMTQALAKFYLAGASVEWSRYHEDFPGAQKVLELPAYGWALKNYWLQYVNDWS
LRKGDPAVVVAASAAALEHHHHHH
;
A,B
2 'polypeptide(L)'
;GSHMDPSPNEIGTVWRDALKILSEESGLTDEELTDDTSFADVGVDSLMSLVITSRLRDELDIDFPDRALFEECQTIFDLR
KRFSGSTE
;
C
#
loop_
_chem_comp.id
_chem_comp.type
_chem_comp.name
_chem_comp.formula
42X non-polymer N~3~-[(2R)-2-hydroxy-3,3-dimethyl-4-(phosphonooxy)butanoyl]-N-[2-(propanoylamino)ethyl]-beta-alaninamide 'C14 H28 N3 O8 P'
#
# COMPACT_ATOMS: atom_id res chain seq x y z
N ALA A 5 41.13 17.01 8.32
CA ALA A 5 41.36 18.19 7.52
C ALA A 5 40.94 17.94 6.07
N GLN A 6 39.78 17.33 5.89
CA GLN A 6 39.19 17.08 4.58
C GLN A 6 37.84 17.77 4.52
N MET A 7 37.53 18.37 3.37
CA MET A 7 36.20 18.92 3.13
C MET A 7 35.53 18.14 2.01
N ARG A 8 34.24 17.92 2.15
CA ARG A 8 33.44 17.21 1.16
C ARG A 8 32.42 18.18 0.55
N VAL A 9 32.43 18.28 -0.78
CA VAL A 9 31.54 19.19 -1.49
C VAL A 9 30.49 18.35 -2.20
N VAL A 10 29.23 18.62 -1.91
CA VAL A 10 28.11 18.00 -2.62
C VAL A 10 27.81 18.85 -3.85
N ALA A 11 27.87 18.24 -5.03
CA ALA A 11 27.67 18.94 -6.28
C ALA A 11 26.48 18.33 -7.01
N PHE A 12 25.58 19.19 -7.49
CA PHE A 12 24.40 18.76 -8.22
C PHE A 12 24.53 19.16 -9.67
N GLY A 13 24.03 18.32 -10.57
CA GLY A 13 24.21 18.48 -11.99
C GLY A 13 23.17 19.37 -12.63
N ASP A 14 23.04 19.24 -13.95
CA ASP A 14 22.14 20.06 -14.74
C ASP A 14 21.21 19.19 -15.55
N GLN A 15 20.46 19.79 -16.47
CA GLN A 15 19.57 19.03 -17.34
C GLN A 15 20.32 18.14 -18.32
N THR A 16 21.62 18.36 -18.51
CA THR A 16 22.39 17.51 -19.42
C THR A 16 22.35 16.06 -18.97
N TYR A 17 22.51 15.82 -17.68
CA TYR A 17 22.49 14.46 -17.16
C TYR A 17 21.11 13.84 -17.41
N ASP A 18 21.11 12.57 -17.80
CA ASP A 18 19.88 11.82 -18.03
C ASP A 18 19.56 11.03 -16.77
N CYS A 19 18.44 11.35 -16.14
CA CYS A 19 18.06 10.78 -14.85
C CYS A 19 17.07 9.63 -14.99
N SER A 20 16.78 9.18 -16.21
CA SER A 20 15.83 8.09 -16.39
C SER A 20 16.23 6.87 -15.58
N GLU A 21 17.50 6.47 -15.67
CA GLU A 21 17.96 5.30 -14.91
C GLU A 21 17.82 5.54 -13.41
N ALA A 22 18.22 6.73 -12.94
CA ALA A 22 18.13 7.02 -11.51
C ALA A 22 16.67 7.04 -11.05
N VAL A 23 15.78 7.63 -11.85
CA VAL A 23 14.38 7.68 -11.48
C VAL A 23 13.81 6.28 -11.37
N SER A 24 14.13 5.42 -12.36
CA SER A 24 13.65 4.04 -12.30
C SER A 24 14.19 3.33 -11.08
N GLN A 25 15.48 3.50 -10.79
CA GLN A 25 16.08 2.86 -9.63
C GLN A 25 15.36 3.27 -8.35
N LEU A 26 15.14 4.58 -8.19
CA LEU A 26 14.47 5.07 -6.98
C LEU A 26 13.05 4.53 -6.90
N LEU A 27 12.33 4.50 -8.02
CA LEU A 27 11.00 3.88 -8.01
C LEU A 27 11.08 2.42 -7.60
N ARG A 28 12.22 1.76 -7.87
CA ARG A 28 12.37 0.37 -7.47
C ARG A 28 12.67 0.22 -5.98
N VAL A 29 13.27 1.23 -5.36
CA VAL A 29 13.68 1.12 -3.96
C VAL A 29 12.44 1.06 -3.08
N ARG A 30 12.42 0.09 -2.16
CA ARG A 30 11.33 -0.06 -1.22
C ARG A 30 11.77 -0.25 0.23
N ASP A 31 13.03 -0.60 0.50
CA ASP A 31 13.45 -0.86 1.86
C ASP A 31 13.32 0.38 2.73
N ASP A 32 13.71 1.54 2.21
CA ASP A 32 13.63 2.78 2.97
C ASP A 32 12.19 3.28 3.01
N ALA A 33 11.89 4.09 4.02
CA ALA A 33 10.58 4.68 4.19
C ALA A 33 10.52 6.15 3.79
N ILE A 34 11.54 6.92 4.13
CA ILE A 34 11.54 8.34 3.77
C ILE A 34 11.60 8.50 2.25
N VAL A 35 12.42 7.71 1.57
CA VAL A 35 12.50 7.79 0.12
C VAL A 35 11.15 7.43 -0.49
N VAL A 36 10.51 6.38 0.03
CA VAL A 36 9.24 5.94 -0.51
C VAL A 36 8.20 7.05 -0.36
N ASP A 37 8.13 7.65 0.82
CA ASP A 37 7.14 8.71 1.06
C ASP A 37 7.42 9.92 0.18
N PHE A 38 8.69 10.31 0.03
CA PHE A 38 9.01 11.46 -0.81
C PHE A 38 8.63 11.20 -2.26
N LEU A 39 8.96 10.01 -2.77
CA LEU A 39 8.63 9.69 -4.16
C LEU A 39 7.14 9.52 -4.36
N GLU A 40 6.41 9.15 -3.32
CA GLU A 40 4.95 9.05 -3.43
C GLU A 40 4.31 10.43 -3.44
N ARG A 41 4.78 11.33 -2.57
CA ARG A 41 4.19 12.65 -2.47
C ARG A 41 4.57 13.54 -3.64
N ALA A 42 5.77 13.37 -4.19
CA ALA A 42 6.22 14.22 -5.28
C ALA A 42 5.25 14.28 -6.45
N PRO A 43 4.73 13.16 -6.96
CA PRO A 43 3.78 13.25 -8.08
C PRO A 43 2.54 14.07 -7.76
N ALA A 44 2.11 14.10 -6.49
CA ALA A 44 0.96 14.91 -6.13
C ALA A 44 1.24 16.39 -6.38
N VAL A 45 2.42 16.86 -5.96
CA VAL A 45 2.80 18.25 -6.20
C VAL A 45 2.90 18.51 -7.69
N LEU A 46 3.49 17.57 -8.43
CA LEU A 46 3.61 17.73 -9.88
C LEU A 46 2.23 17.91 -10.52
N LYS A 47 1.29 17.04 -10.17
CA LYS A 47 -0.05 17.14 -10.74
C LYS A 47 -0.73 18.44 -10.34
N ALA A 48 -0.60 18.82 -9.07
CA ALA A 48 -1.25 20.05 -8.61
C ALA A 48 -0.71 21.26 -9.35
N GLU A 49 0.62 21.35 -9.50
CA GLU A 49 1.20 22.50 -10.18
C GLU A 49 0.91 22.48 -11.68
N LEU A 50 0.92 21.29 -12.29
CA LEU A 50 0.64 21.20 -13.72
C LEU A 50 -0.79 21.58 -14.05
N ALA A 51 -1.70 21.44 -13.08
CA ALA A 51 -3.11 21.72 -13.29
C ALA A 51 -3.46 23.19 -13.15
N ARG A 52 -2.46 24.08 -13.17
CA ARG A 52 -2.70 25.52 -13.09
C ARG A 52 -1.89 26.25 -14.16
N LEU A 53 -1.60 25.58 -15.27
CA LEU A 53 -0.82 26.16 -16.35
C LEU A 53 -1.73 26.55 -17.51
N SER A 54 -1.19 27.37 -18.41
CA SER A 54 -1.96 27.89 -19.52
C SER A 54 -2.60 26.77 -20.33
N SER A 55 -3.62 27.12 -21.10
CA SER A 55 -4.32 26.13 -21.90
C SER A 55 -3.39 25.50 -22.93
N GLU A 56 -2.60 26.32 -23.61
CA GLU A 56 -1.69 25.81 -24.64
C GLU A 56 -0.79 24.73 -24.07
N GLN A 57 -0.37 24.88 -22.82
CA GLN A 57 0.52 23.92 -22.19
C GLN A 57 -0.24 22.70 -21.68
N GLN A 58 -1.30 22.94 -20.90
CA GLN A 58 -2.06 21.83 -20.33
C GLN A 58 -2.60 20.91 -21.42
N GLU A 59 -2.81 21.45 -22.63
CA GLU A 59 -3.20 20.59 -23.74
C GLU A 59 -2.11 19.58 -24.08
N GLU A 60 -0.85 20.03 -24.09
CA GLU A 60 0.25 19.21 -24.57
C GLU A 60 0.96 18.44 -23.46
N THR A 61 0.64 18.68 -22.19
CA THR A 61 1.33 17.99 -21.12
C THR A 61 0.94 16.51 -21.11
N PRO A 62 1.85 15.61 -20.67
CA PRO A 62 1.51 14.19 -20.63
C PRO A 62 0.23 13.92 -19.87
N ARG A 63 -0.31 12.71 -20.02
CA ARG A 63 -1.54 12.28 -19.37
C ARG A 63 -1.17 11.04 -18.58
N PHE A 64 -0.75 11.23 -17.33
CA PHE A 64 -0.15 10.18 -16.53
C PHE A 64 -0.93 10.00 -15.23
N ALA A 65 -0.57 8.93 -14.51
CA ALA A 65 -1.17 8.60 -13.22
C ALA A 65 -0.14 8.55 -12.10
N THR A 66 1.06 8.06 -12.38
CA THR A 66 2.14 8.01 -11.40
C THR A 66 3.45 8.39 -12.09
N LEU A 67 4.54 8.35 -11.33
CA LEU A 67 5.84 8.71 -11.88
C LEU A 67 6.37 7.65 -12.84
N ALA A 68 5.89 6.41 -12.75
CA ALA A 68 6.39 5.36 -13.63
C ALA A 68 6.09 5.65 -15.09
N GLU A 69 5.05 6.45 -15.36
CA GLU A 69 4.66 6.74 -16.74
C GLU A 69 5.49 7.84 -17.38
N LEU A 70 6.34 8.53 -16.62
CA LEU A 70 7.12 9.63 -17.16
C LEU A 70 8.47 9.21 -17.68
N VAL A 71 9.06 8.14 -17.13
CA VAL A 71 10.40 7.72 -17.57
C VAL A 71 10.41 7.30 -19.02
N PRO A 72 9.43 6.56 -19.55
CA PRO A 72 9.55 6.16 -20.97
C PRO A 72 9.41 7.33 -21.92
N ARG A 73 8.47 8.24 -21.65
CA ARG A 73 8.35 9.43 -22.48
C ARG A 73 9.59 10.30 -22.38
N TYR A 74 10.18 10.37 -21.18
CA TYR A 74 11.45 11.07 -21.02
C TYR A 74 12.52 10.43 -21.91
N ARG A 75 12.58 9.10 -21.93
CA ARG A 75 13.55 8.42 -22.77
C ARG A 75 13.30 8.75 -24.24
N ALA A 76 12.05 8.75 -24.66
CA ALA A 76 11.71 9.04 -26.05
C ALA A 76 11.97 10.49 -26.43
N GLY A 77 12.24 11.36 -25.46
CA GLY A 77 12.46 12.77 -25.76
C GLY A 77 11.19 13.53 -26.11
N THR A 78 10.04 13.06 -25.67
CA THR A 78 8.75 13.68 -25.97
C THR A 78 8.13 14.31 -24.72
N LEU A 79 8.98 14.89 -23.87
CA LEU A 79 8.54 15.49 -22.61
C LEU A 79 8.79 16.99 -22.67
N ASN A 80 7.76 17.77 -22.32
CA ASN A 80 7.88 19.22 -22.38
C ASN A 80 8.84 19.71 -21.29
N PRO A 81 9.38 20.92 -21.45
CA PRO A 81 10.43 21.36 -20.52
C PRO A 81 10.02 21.37 -19.06
N ALA A 82 8.76 21.70 -18.76
CA ALA A 82 8.36 21.81 -17.36
C ALA A 82 8.49 20.47 -16.64
N VAL A 83 7.90 19.41 -17.22
CA VAL A 83 7.98 18.11 -16.59
C VAL A 83 9.40 17.59 -16.58
N SER A 84 10.19 17.90 -17.61
CA SER A 84 11.58 17.48 -17.62
C SER A 84 12.35 18.09 -16.45
N GLN A 85 12.22 19.40 -16.25
CA GLN A 85 12.89 20.06 -15.13
C GLN A 85 12.41 19.49 -13.81
N ALA A 86 11.10 19.30 -13.66
CA ALA A 86 10.58 18.78 -12.41
C ALA A 86 11.11 17.38 -12.13
N LEU A 87 11.20 16.54 -13.16
CA LEU A 87 11.71 15.19 -12.98
C LEU A 87 13.19 15.22 -12.63
N THR A 88 13.95 16.12 -13.23
CA THR A 88 15.36 16.25 -12.87
C THR A 88 15.50 16.62 -11.39
N CYS A 89 14.71 17.58 -10.93
CA CYS A 89 14.77 17.95 -9.51
C CYS A 89 14.37 16.79 -8.62
N ILE A 90 13.30 16.08 -9.00
CA ILE A 90 12.85 14.95 -8.19
C ILE A 90 13.94 13.90 -8.09
N ALA A 91 14.58 13.57 -9.22
CA ALA A 91 15.64 12.58 -9.22
C ALA A 91 16.80 13.03 -8.33
N GLN A 92 17.22 14.28 -8.47
CA GLN A 92 18.34 14.76 -7.68
C GLN A 92 18.04 14.68 -6.19
N LEU A 93 16.88 15.19 -5.79
CA LEU A 93 16.54 15.21 -4.36
C LEU A 93 16.35 13.80 -3.82
N GLY A 94 15.71 12.92 -4.58
CA GLY A 94 15.56 11.54 -4.14
C GLY A 94 16.89 10.83 -3.98
N LEU A 95 17.79 11.03 -4.95
CA LEU A 95 19.10 10.40 -4.85
C LEU A 95 19.85 10.90 -3.63
N PHE A 96 19.76 12.21 -3.36
CA PHE A 96 20.42 12.73 -2.16
C PHE A 96 19.81 12.15 -0.89
N ILE A 97 18.48 12.06 -0.83
CA ILE A 97 17.83 11.57 0.37
C ILE A 97 18.24 10.12 0.63
N ARG A 98 18.22 9.30 -0.42
CA ARG A 98 18.53 7.88 -0.25
C ARG A 98 19.95 7.68 0.27
N GLN A 99 20.91 8.41 -0.28
CA GLN A 99 22.30 8.24 0.13
C GLN A 99 22.51 8.62 1.59
N HIS A 100 21.62 9.43 2.16
CA HIS A 100 21.77 9.90 3.54
C HIS A 100 20.76 9.30 4.50
N SER A 101 19.70 8.67 4.00
CA SER A 101 18.70 8.02 4.85
C SER A 101 19.01 6.53 5.00
N SER A 102 19.08 5.81 3.87
CA SER A 102 19.42 4.40 3.90
C SER A 102 20.92 4.16 3.74
N GLY A 103 21.65 5.14 3.22
CA GLY A 103 23.09 5.01 3.10
C GLY A 103 23.86 5.28 4.37
N GLN A 104 23.20 5.82 5.39
CA GLN A 104 23.81 6.06 6.69
C GLN A 104 25.11 6.85 6.54
N GLU A 105 24.98 8.06 6.01
CA GLU A 105 26.08 9.00 5.90
C GLU A 105 25.76 10.23 6.73
N ALA A 106 26.78 10.75 7.42
CA ALA A 106 26.59 11.92 8.26
C ALA A 106 26.09 13.10 7.43
N TYR A 107 25.05 13.75 7.91
CA TYR A 107 24.53 14.92 7.23
C TYR A 107 25.59 16.01 7.22
N PRO A 108 25.82 16.70 6.09
CA PRO A 108 26.86 17.74 6.07
C PRO A 108 26.68 18.76 7.18
N THR A 109 27.73 19.53 7.45
CA THR A 109 27.71 20.60 8.44
C THR A 109 28.38 21.83 7.85
N ALA A 110 28.49 22.87 8.66
CA ALA A 110 29.06 24.13 8.20
C ALA A 110 30.57 24.20 8.39
N HIS A 111 31.18 23.20 9.03
CA HIS A 111 32.61 23.23 9.27
C HIS A 111 33.40 22.36 8.30
N ASP A 112 32.76 21.44 7.59
CA ASP A 112 33.48 20.47 6.78
C ASP A 112 32.81 20.18 5.43
N SER A 113 32.02 21.10 4.88
CA SER A 113 31.30 20.80 3.66
C SER A 113 30.86 22.10 2.99
N CYS A 114 30.30 21.95 1.80
CA CYS A 114 29.62 23.03 1.09
C CYS A 114 28.79 22.39 -0.03
N ILE A 115 27.78 23.13 -0.49
CA ILE A 115 26.90 22.67 -1.55
C ILE A 115 27.03 23.62 -2.74
N THR A 116 26.81 23.07 -3.94
CA THR A 116 26.96 23.84 -5.16
C THR A 116 25.95 23.34 -6.19
N GLY A 117 25.88 24.05 -7.30
CA GLY A 117 24.97 23.70 -8.38
C GLY A 117 25.31 24.51 -9.61
N VAL A 118 24.67 24.16 -10.72
CA VAL A 118 24.96 24.81 -12.00
C VAL A 118 23.72 25.45 -12.61
N CYS A 119 22.73 24.64 -13.02
CA CYS A 119 21.52 25.15 -13.64
C CYS A 119 20.29 24.81 -12.82
N THR A 120 20.04 23.53 -12.57
CA THR A 120 19.02 23.10 -11.63
C THR A 120 19.61 22.74 -10.27
N GLY A 121 20.92 22.48 -10.22
CA GLY A 121 21.57 22.23 -8.95
C GLY A 121 21.45 23.39 -7.99
N ALA A 122 21.20 24.60 -8.48
CA ALA A 122 21.00 25.72 -7.58
C ALA A 122 19.77 25.52 -6.72
N LEU A 123 18.66 25.09 -7.32
CA LEU A 123 17.42 24.90 -6.56
C LEU A 123 17.59 23.81 -5.52
N THR A 124 18.07 22.64 -5.93
CA THR A 124 18.24 21.53 -5.00
C THR A 124 19.26 21.87 -3.92
N ALA A 125 20.35 22.53 -4.30
CA ALA A 125 21.37 22.89 -3.32
C ALA A 125 20.82 23.89 -2.30
N VAL A 126 20.01 24.84 -2.76
CA VAL A 126 19.41 25.79 -1.82
C VAL A 126 18.47 25.07 -0.87
N ALA A 127 17.68 24.13 -1.38
CA ALA A 127 16.79 23.36 -0.52
C ALA A 127 17.59 22.55 0.50
N VAL A 128 18.72 21.98 0.08
CA VAL A 128 19.53 21.16 0.97
C VAL A 128 20.21 22.02 2.02
N GLY A 129 20.62 23.23 1.65
CA GLY A 129 21.48 24.03 2.51
C GLY A 129 20.81 24.55 3.76
N SER A 130 19.48 24.51 3.83
CA SER A 130 18.77 25.03 4.99
C SER A 130 18.55 23.93 6.04
N ALA A 131 17.89 22.84 5.65
CA ALA A 131 17.61 21.77 6.58
C ALA A 131 18.92 21.14 7.07
N SER A 132 18.92 20.75 8.35
CA SER A 132 20.07 20.08 8.95
C SER A 132 19.80 18.60 9.21
N SER A 133 18.69 18.07 8.71
CA SER A 133 18.38 16.66 8.86
C SER A 133 17.52 16.21 7.68
N VAL A 134 17.51 14.90 7.45
CA VAL A 134 16.73 14.36 6.34
C VAL A 134 15.25 14.68 6.53
N THR A 135 14.74 14.50 7.75
CA THR A 135 13.33 14.75 8.01
C THR A 135 12.98 16.22 7.78
N ALA A 136 13.87 17.12 8.16
CA ALA A 136 13.64 18.55 8.02
C ALA A 136 13.81 19.04 6.59
N LEU A 137 14.02 18.14 5.63
CA LEU A 137 14.26 18.52 4.25
C LEU A 137 13.14 18.13 3.29
N VAL A 138 12.24 17.24 3.70
CA VAL A 138 11.18 16.78 2.79
C VAL A 138 10.27 17.93 2.36
N PRO A 139 9.70 18.73 3.26
CA PRO A 139 8.85 19.84 2.80
C PRO A 139 9.59 20.83 1.90
N LEU A 140 10.86 21.08 2.20
CA LEU A 140 11.66 21.94 1.33
C LEU A 140 11.87 21.28 -0.03
N ALA A 141 12.02 19.95 -0.05
CA ALA A 141 12.11 19.25 -1.32
C ALA A 141 10.84 19.45 -2.14
N LEU A 142 9.68 19.35 -1.50
CA LEU A 142 8.42 19.54 -2.22
C LEU A 142 8.30 20.97 -2.73
N HIS A 143 8.69 21.95 -1.91
CA HIS A 143 8.66 23.34 -2.37
C HIS A 143 9.58 23.53 -3.57
N THR A 144 10.77 22.93 -3.54
CA THR A 144 11.68 23.05 -4.66
C THR A 144 11.11 22.38 -5.89
N VAL A 145 10.41 21.26 -5.73
CA VAL A 145 9.79 20.61 -6.88
C VAL A 145 8.75 21.53 -7.52
N ALA A 146 7.92 22.17 -6.70
CA ALA A 146 6.93 23.08 -7.25
C ALA A 146 7.60 24.26 -7.95
N VAL A 147 8.65 24.81 -7.34
CA VAL A 147 9.35 25.94 -7.95
C VAL A 147 9.96 25.53 -9.28
N ALA A 148 10.51 24.31 -9.34
CA ALA A 148 11.08 23.83 -10.60
C ALA A 148 10.01 23.68 -11.67
N VAL A 149 8.84 23.14 -11.30
CA VAL A 149 7.75 23.05 -12.27
C VAL A 149 7.43 24.43 -12.82
N ARG A 150 7.30 25.41 -11.94
CA ARG A 150 6.96 26.76 -12.38
C ARG A 150 8.05 27.34 -13.28
N LEU A 151 9.32 27.14 -12.91
CA LEU A 151 10.41 27.67 -13.70
C LEU A 151 10.43 27.05 -15.09
N GLY A 152 10.28 25.73 -15.17
CA GLY A 152 10.24 25.08 -16.46
C GLY A 152 9.07 25.56 -17.30
N ALA A 153 7.90 25.73 -16.68
CA ALA A 153 6.74 26.22 -17.42
C ALA A 153 7.01 27.61 -17.98
N ARG A 154 7.58 28.50 -17.17
CA ARG A 154 7.84 29.87 -17.64
C ARG A 154 8.84 29.87 -18.79
N ALA A 155 9.91 29.08 -18.66
CA ALA A 155 10.91 29.07 -19.73
C ALA A 155 10.35 28.46 -21.01
N TRP A 156 9.66 27.31 -20.90
CA TRP A 156 8.98 26.73 -22.05
C TRP A 156 8.05 27.74 -22.72
N GLU A 157 7.27 28.45 -21.92
CA GLU A 157 6.35 29.46 -22.44
C GLU A 157 7.08 30.58 -23.19
N ILE A 158 8.13 31.14 -22.60
CA ILE A 158 8.86 32.21 -23.30
C ILE A 158 9.43 31.67 -24.61
N GLY A 159 10.00 30.47 -24.58
CA GLY A 159 10.53 29.90 -25.81
C GLY A 159 9.46 29.69 -26.87
N SER A 160 8.29 29.20 -26.46
CA SER A 160 7.21 28.96 -27.41
C SER A 160 6.74 30.27 -28.03
N CYS A 161 6.62 31.31 -27.22
CA CYS A 161 6.24 32.61 -27.77
C CYS A 161 7.30 33.11 -28.75
N LEU A 162 8.58 32.93 -28.41
CA LEU A 162 9.64 33.47 -29.26
C LEU A 162 9.69 32.75 -30.61
N ALA A 163 9.54 31.42 -30.61
CA ALA A 163 9.63 30.64 -31.83
C ALA A 163 8.64 29.48 -31.76
N ASP A 164 8.10 29.12 -32.90
CA ASP A 164 7.06 28.11 -32.98
C ASP A 164 7.66 26.73 -33.25
N ALA A 165 7.01 25.70 -32.72
CA ALA A 165 7.41 24.33 -32.99
C ALA A 165 7.22 24.01 -34.47
N ARG A 166 8.17 23.25 -35.03
CA ARG A 166 8.15 22.93 -36.44
C ARG A 166 7.09 21.88 -36.75
N ARG A 167 6.74 21.78 -38.03
CA ARG A 167 5.79 20.75 -38.47
C ARG A 167 6.41 19.36 -38.36
N GLY A 168 7.67 19.22 -38.73
CA GLY A 168 8.35 17.93 -38.72
C GLY A 168 8.93 17.50 -37.40
N ALA A 169 8.70 18.27 -36.34
CA ALA A 169 9.22 17.88 -35.03
C ALA A 169 8.79 16.46 -34.66
N ASN A 170 7.55 16.10 -34.99
CA ASN A 170 7.02 14.75 -34.76
C ASN A 170 7.11 14.39 -33.28
N GLY A 171 6.38 15.15 -32.47
CA GLY A 171 6.32 14.89 -31.03
C GLY A 171 7.53 15.35 -30.24
N ARG A 172 8.73 14.98 -30.68
CA ARG A 172 9.93 15.34 -29.95
C ARG A 172 10.09 16.86 -29.86
N TYR A 173 10.62 17.32 -28.74
CA TYR A 173 10.86 18.75 -28.52
C TYR A 173 12.29 19.06 -28.93
N ALA A 174 12.45 19.98 -29.88
CA ALA A 174 13.76 20.28 -30.44
C ALA A 174 14.70 20.77 -29.33
N SER A 175 15.99 20.83 -29.67
CA SER A 175 17.02 21.27 -28.74
C SER A 175 17.33 22.74 -28.97
N TRP A 176 17.55 23.47 -27.87
CA TRP A 176 17.80 24.90 -27.92
C TRP A 176 19.26 25.27 -27.67
N THR A 177 20.12 24.30 -27.41
CA THR A 177 21.49 24.58 -27.01
C THR A 177 22.45 23.67 -27.75
N SER A 178 23.69 24.12 -27.87
CA SER A 178 24.73 23.37 -28.56
C SER A 178 26.08 23.70 -27.94
N ALA A 179 26.88 22.68 -27.70
CA ALA A 179 28.22 22.86 -27.15
C ALA A 179 29.19 23.20 -28.27
N VAL A 180 30.04 24.19 -28.04
CA VAL A 180 31.01 24.66 -29.02
C VAL A 180 32.40 24.53 -28.41
N GLY A 181 33.32 23.92 -29.16
CA GLY A 181 34.66 23.72 -28.66
C GLY A 181 35.72 23.91 -29.73
N GLY A 182 36.73 24.73 -29.44
CA GLY A 182 37.80 24.98 -30.37
C GLY A 182 38.27 26.42 -30.39
N ILE A 183 37.54 27.30 -29.73
CA ILE A 183 37.87 28.72 -29.69
C ILE A 183 37.48 29.29 -28.34
N SER A 184 38.25 30.27 -27.87
CA SER A 184 38.00 30.86 -26.57
C SER A 184 36.68 31.63 -26.58
N PRO A 185 36.00 31.71 -25.43
CA PRO A 185 34.67 32.35 -25.42
C PRO A 185 34.68 33.78 -25.91
N GLN A 186 35.76 34.54 -25.67
CA GLN A 186 35.81 35.92 -26.16
C GLN A 186 35.74 35.95 -27.68
N ASP A 187 36.49 35.08 -28.34
CA ASP A 187 36.43 35.02 -29.80
C ASP A 187 35.04 34.58 -30.27
N LEU A 188 34.41 33.67 -29.53
CA LEU A 188 33.07 33.24 -29.90
C LEU A 188 32.08 34.39 -29.83
N GLN A 189 32.18 35.21 -28.78
CA GLN A 189 31.31 36.39 -28.69
C GLN A 189 31.62 37.39 -29.80
N ASP A 190 32.90 37.56 -30.13
CA ASP A 190 33.24 38.46 -31.25
C ASP A 190 32.58 37.97 -32.54
N ARG A 191 32.66 36.66 -32.79
CA ARG A 191 32.10 36.12 -34.03
C ARG A 191 30.57 36.23 -34.03
N ILE A 192 29.93 35.97 -32.88
CA ILE A 192 28.47 36.10 -32.84
C ILE A 192 28.05 37.53 -33.06
N SER A 193 28.79 38.49 -32.49
CA SER A 193 28.48 39.90 -32.74
C SER A 193 28.62 40.24 -34.21
N ALA A 194 29.70 39.77 -34.84
CA ALA A 194 29.88 40.05 -36.27
C ALA A 194 28.75 39.45 -37.10
N TYR A 195 28.37 38.21 -36.79
CA TYR A 195 27.30 37.55 -37.52
C TYR A 195 25.99 38.31 -37.36
N THR A 196 25.68 38.74 -36.14
CA THR A 196 24.44 39.49 -35.91
C THR A 196 24.45 40.80 -36.67
N ALA A 197 25.57 41.53 -36.64
CA ALA A 197 25.66 42.78 -37.37
C ALA A 197 25.54 42.56 -38.87
N GLU A 198 26.02 41.41 -39.37
CA GLU A 198 25.91 41.13 -40.79
C GLU A 198 24.49 40.75 -41.20
N GLN A 199 23.78 40.00 -40.35
CA GLN A 199 22.47 39.49 -40.72
C GLN A 199 21.33 40.40 -40.29
N ALA A 200 21.52 41.16 -39.20
CA ALA A 200 20.49 42.07 -38.70
C ALA A 200 19.22 41.32 -38.31
N LEU A 201 19.39 40.42 -37.34
CA LEU A 201 18.26 39.67 -36.80
C LEU A 201 17.56 40.48 -35.71
N ALA A 202 16.37 40.03 -35.33
CA ALA A 202 15.65 40.66 -34.23
C ALA A 202 16.47 40.58 -32.95
N SER A 203 16.50 41.68 -32.21
CA SER A 203 17.34 41.75 -31.01
C SER A 203 16.82 40.87 -29.88
N VAL A 204 15.60 40.32 -30.00
CA VAL A 204 15.04 39.48 -28.94
C VAL A 204 15.24 38.00 -29.21
N SER A 205 15.85 37.63 -30.34
CA SER A 205 16.09 36.23 -30.63
C SER A 205 17.50 35.99 -31.17
N VAL A 206 18.39 36.96 -31.04
CA VAL A 206 19.77 36.78 -31.52
C VAL A 206 20.46 35.70 -30.69
N PRO A 207 21.30 34.85 -31.28
CA PRO A 207 22.00 33.85 -30.46
C PRO A 207 22.85 34.51 -29.40
N TYR A 208 22.95 33.84 -28.26
CA TYR A 208 23.65 34.37 -27.10
C TYR A 208 24.57 33.30 -26.51
N LEU A 209 25.62 33.75 -25.84
CA LEU A 209 26.59 32.86 -25.22
C LEU A 209 26.01 32.35 -23.92
N SER A 210 25.41 31.17 -23.95
CA SER A 210 24.67 30.68 -22.79
C SER A 210 25.58 30.51 -21.57
N ALA A 211 26.77 29.94 -21.77
CA ALA A 211 27.66 29.66 -20.65
C ALA A 211 29.08 29.56 -21.17
N ALA A 212 30.03 29.56 -20.22
CA ALA A 212 31.43 29.32 -20.51
C ALA A 212 31.90 28.16 -19.65
N VAL A 213 32.50 27.15 -20.28
CA VAL A 213 32.81 25.90 -19.60
C VAL A 213 34.30 25.58 -19.77
N GLY A 214 35.12 26.61 -19.91
CA GLY A 214 36.55 26.40 -19.97
C GLY A 214 37.26 27.39 -20.89
N PRO A 215 38.58 27.22 -21.01
CA PRO A 215 39.35 28.13 -21.88
C PRO A 215 39.13 27.86 -23.36
N GLY A 216 38.63 26.68 -23.73
CA GLY A 216 38.45 26.34 -25.13
C GLY A 216 37.13 25.65 -25.39
N GLN A 217 36.11 25.95 -24.60
CA GLN A 217 34.79 25.37 -24.78
C GLN A 217 33.75 26.34 -24.23
N SER A 218 32.53 26.20 -24.71
CA SER A 218 31.41 27.03 -24.27
C SER A 218 30.11 26.40 -24.77
N SER A 219 29.02 27.12 -24.61
CA SER A 219 27.70 26.68 -25.03
C SER A 219 26.94 27.86 -25.63
N VAL A 220 26.24 27.60 -26.73
CA VAL A 220 25.47 28.63 -27.43
C VAL A 220 24.04 28.13 -27.60
N SER A 221 23.07 28.99 -27.34
CA SER A 221 21.67 28.62 -27.40
C SER A 221 20.87 29.69 -28.14
N ALA A 222 19.81 29.24 -28.79
CA ALA A 222 18.88 30.12 -29.50
C ALA A 222 17.71 29.26 -29.94
N ALA A 223 16.78 29.87 -30.69
CA ALA A 223 15.70 29.09 -31.25
C ALA A 223 16.24 28.09 -32.27
N PRO A 224 15.62 26.91 -32.38
CA PRO A 224 16.27 25.82 -33.15
C PRO A 224 16.62 26.20 -34.57
N VAL A 225 15.76 26.94 -35.27
CA VAL A 225 16.00 27.24 -36.67
C VAL A 225 17.18 28.21 -36.81
N ILE A 226 17.14 29.31 -36.07
CA ILE A 226 18.23 30.28 -36.14
C ILE A 226 19.51 29.66 -35.58
N LEU A 227 19.39 28.82 -34.55
CA LEU A 227 20.57 28.16 -34.02
C LEU A 227 21.23 27.29 -35.08
N ASP A 228 20.44 26.49 -35.79
CA ASP A 228 20.99 25.67 -36.86
C ASP A 228 21.61 26.55 -37.94
N ALA A 229 20.97 27.68 -38.25
CA ALA A 229 21.52 28.58 -39.25
C ALA A 229 22.89 29.10 -38.82
N PHE A 230 23.04 29.44 -37.54
CA PHE A 230 24.32 29.95 -37.07
C PHE A 230 25.38 28.85 -37.04
N LEU A 231 25.01 27.64 -36.64
CA LEU A 231 25.99 26.58 -36.53
C LEU A 231 26.56 26.21 -37.89
N SER A 232 25.76 26.33 -38.96
CA SER A 232 26.22 25.93 -40.27
C SER A 232 27.44 26.74 -40.73
N THR A 233 27.65 27.94 -40.19
CA THR A 233 28.80 28.75 -40.55
C THR A 233 29.97 28.58 -39.58
N LEU A 234 30.11 27.40 -38.99
CA LEU A 234 31.25 27.06 -38.15
C LEU A 234 32.09 26.03 -38.89
N LEU A 235 33.37 26.34 -39.09
CA LEU A 235 34.22 25.51 -39.94
C LEU A 235 34.54 24.19 -39.26
N ARG A 236 35.38 23.40 -39.93
CA ARG A 236 35.64 22.03 -39.47
C ARG A 236 36.29 21.99 -38.09
N PRO A 237 37.38 22.71 -37.81
CA PRO A 237 38.03 22.58 -36.51
C PRO A 237 37.29 23.34 -35.42
N LEU A 238 35.97 23.22 -35.42
CA LEU A 238 35.10 23.90 -34.46
C LEU A 238 33.95 22.97 -34.08
N THR A 239 34.28 21.72 -33.78
CA THR A 239 33.29 20.66 -33.59
C THR A 239 32.13 21.10 -32.72
N THR A 240 30.95 20.53 -32.97
CA THR A 240 29.73 20.96 -32.32
C THR A 240 28.82 19.76 -32.13
N THR A 241 27.91 19.87 -31.16
CA THR A 241 26.95 18.82 -30.86
C THR A 241 25.63 19.47 -30.49
N ARG A 242 24.71 18.67 -29.93
CA ARG A 242 23.43 19.16 -29.46
C ARG A 242 23.15 18.60 -28.08
N LEU A 243 22.59 19.44 -27.20
CA LEU A 243 22.28 19.04 -25.84
C LEU A 243 20.77 18.96 -25.64
N PRO A 244 20.30 18.18 -24.68
CA PRO A 244 18.85 17.97 -24.49
C PRO A 244 18.21 19.08 -23.66
N ILE A 245 18.34 20.32 -24.12
CA ILE A 245 17.69 21.47 -23.52
C ILE A 245 16.55 21.90 -24.43
N THR A 246 15.37 22.10 -23.86
CA THR A 246 14.16 22.32 -24.63
C THR A 246 13.54 23.70 -24.36
N ALA A 247 14.37 24.66 -23.97
CA ALA A 247 13.89 26.01 -23.70
C ALA A 247 15.10 26.91 -23.47
N PRO A 248 14.92 28.23 -23.57
CA PRO A 248 16.05 29.14 -23.37
C PRO A 248 16.22 29.55 -21.92
N TYR A 249 17.45 29.50 -21.42
CA TYR A 249 17.79 29.97 -20.09
C TYR A 249 19.01 30.88 -20.18
N HIS A 250 19.32 31.54 -19.07
CA HIS A 250 20.48 32.42 -18.99
C HIS A 250 20.45 33.46 -20.09
N ALA A 251 19.31 34.13 -20.22
CA ALA A 251 19.07 35.14 -21.25
C ALA A 251 18.73 36.46 -20.57
N PRO A 252 19.72 37.31 -20.29
CA PRO A 252 19.41 38.60 -19.68
C PRO A 252 18.48 39.46 -20.52
N HIS A 253 18.42 39.22 -21.83
CA HIS A 253 17.59 40.01 -22.72
C HIS A 253 16.19 39.44 -22.91
N LEU A 254 15.89 38.29 -22.31
CA LEU A 254 14.57 37.67 -22.41
C LEU A 254 13.76 37.74 -21.13
N PHE A 255 14.41 37.65 -19.97
CA PHE A 255 13.73 37.59 -18.69
C PHE A 255 14.09 38.80 -17.85
N THR A 256 13.19 39.17 -16.95
CA THR A 256 13.36 40.32 -16.07
C THR A 256 12.93 39.94 -14.66
N ALA A 257 13.10 40.88 -13.73
CA ALA A 257 12.78 40.60 -12.34
C ALA A 257 11.33 40.14 -12.17
N LYS A 258 10.44 40.60 -13.03
CA LYS A 258 9.05 40.15 -12.96
C LYS A 258 8.99 38.64 -13.10
N ASP A 259 9.80 38.06 -13.98
CA ASP A 259 9.77 36.62 -14.19
C ASP A 259 10.20 35.88 -12.93
N VAL A 260 11.31 36.30 -12.32
CA VAL A 260 11.78 35.60 -11.13
C VAL A 260 10.78 35.77 -9.99
N GLN A 261 10.12 36.92 -9.91
CA GLN A 261 9.08 37.09 -8.91
C GLN A 261 7.92 36.13 -9.16
N HIS A 262 7.51 35.99 -10.43
CA HIS A 262 6.39 35.10 -10.74
C HIS A 262 6.72 33.66 -10.38
N VAL A 263 7.87 33.17 -10.84
CA VAL A 263 8.19 31.76 -10.65
C VAL A 263 8.27 31.43 -9.16
N THR A 264 8.92 32.28 -8.38
CA THR A 264 9.12 32.03 -6.96
C THR A 264 7.92 32.46 -6.11
N ASP A 265 6.84 32.93 -6.73
CA ASP A 265 5.69 33.41 -5.97
C ASP A 265 4.87 32.30 -5.34
N CYS A 266 5.18 31.03 -5.59
CA CYS A 266 4.42 29.94 -5.01
C CYS A 266 4.68 29.77 -3.52
N LEU A 267 5.82 30.23 -3.02
CA LEU A 267 6.13 30.09 -1.61
C LEU A 267 5.31 31.08 -0.80
N PRO A 268 4.45 30.63 0.12
CA PRO A 268 3.71 31.57 0.94
C PRO A 268 4.65 32.39 1.80
N PRO A 269 4.27 33.62 2.14
CA PRO A 269 5.15 34.44 2.98
C PRO A 269 5.00 34.08 4.45
N SER A 270 6.11 34.11 5.17
CA SER A 270 6.13 33.81 6.60
C SER A 270 7.48 34.26 7.14
N GLU A 271 7.74 33.95 8.41
CA GLU A 271 8.93 34.43 9.10
C GLU A 271 9.78 33.33 9.71
N ALA A 272 9.36 32.07 9.70
CA ALA A 272 10.16 30.97 10.21
C ALA A 272 10.76 30.13 9.09
N TRP A 273 10.87 30.68 7.88
CA TRP A 273 11.52 29.96 6.80
C TRP A 273 12.94 29.63 7.23
N PRO A 274 13.35 28.36 7.18
CA PRO A 274 14.70 28.02 7.65
C PRO A 274 15.77 28.80 6.91
N THR A 275 16.78 29.24 7.66
CA THR A 275 17.87 29.99 7.08
C THR A 275 18.86 29.05 6.40
N VAL A 276 19.78 29.64 5.64
CA VAL A 276 20.83 28.89 4.95
C VAL A 276 22.04 28.87 5.87
N ARG A 277 22.32 27.71 6.48
CA ARG A 277 23.34 27.60 7.51
C ARG A 277 24.63 26.98 7.03
N ILE A 278 24.58 26.12 6.03
CA ILE A 278 25.77 25.48 5.46
C ILE A 278 26.14 26.25 4.19
N PRO A 279 27.35 26.80 4.09
CA PRO A 279 27.66 27.72 2.99
C PRO A 279 27.42 27.08 1.63
N ILE A 280 26.50 27.66 0.87
CA ILE A 280 26.30 27.30 -0.53
C ILE A 280 27.23 28.15 -1.37
N ILE A 281 28.03 27.51 -2.21
CA ILE A 281 29.02 28.20 -3.03
C ILE A 281 28.45 28.35 -4.43
N SER A 282 28.29 29.60 -4.87
CA SER A 282 27.83 29.93 -6.20
C SER A 282 28.92 30.74 -6.90
N PHE A 283 29.19 30.39 -8.15
CA PHE A 283 30.35 30.91 -8.86
C PHE A 283 30.01 31.96 -9.91
N SER A 284 28.82 31.87 -10.52
CA SER A 284 28.43 32.87 -11.51
C SER A 284 28.33 34.25 -10.89
N ARG A 285 27.76 34.34 -9.69
CA ARG A 285 27.55 35.63 -9.05
C ARG A 285 28.88 36.22 -8.58
N ASP A 286 28.86 37.53 -8.32
CA ASP A 286 30.08 38.22 -7.94
C ASP A 286 30.61 37.72 -6.59
N GLU A 287 29.71 37.50 -5.63
CA GLU A 287 30.10 37.04 -4.30
C GLU A 287 30.11 35.50 -4.32
N ALA A 288 31.31 34.92 -4.15
CA ALA A 288 31.46 33.49 -4.31
C ALA A 288 30.55 32.72 -3.37
N VAL A 289 30.77 32.86 -2.06
CA VAL A 289 30.07 32.07 -1.05
C VAL A 289 28.98 32.94 -0.43
N SER A 290 27.77 32.39 -0.37
CA SER A 290 26.62 33.09 0.21
C SER A 290 26.06 32.24 1.35
N ARG A 291 25.69 32.90 2.44
CA ARG A 291 25.20 32.20 3.62
C ARG A 291 24.40 33.17 4.48
N GLY A 292 23.55 32.61 5.33
CA GLY A 292 22.76 33.39 6.25
C GLY A 292 21.47 33.95 5.69
N ALA A 293 21.14 33.65 4.44
CA ALA A 293 19.90 34.15 3.86
C ALA A 293 18.73 33.23 4.21
N SER A 294 17.52 33.81 4.16
CA SER A 294 16.33 33.03 4.38
C SER A 294 16.11 32.06 3.23
N PHE A 295 15.04 31.27 3.30
CA PHE A 295 14.80 30.27 2.27
C PHE A 295 14.23 30.90 1.00
N PRO A 296 13.14 31.69 1.08
CA PRO A 296 12.64 32.31 -0.15
C PRO A 296 13.66 33.21 -0.84
N ALA A 297 14.45 33.95 -0.07
CA ALA A 297 15.45 34.82 -0.67
C ALA A 297 16.51 34.03 -1.41
N ALA A 298 17.02 32.96 -0.79
CA ALA A 298 18.01 32.13 -1.46
C ALA A 298 17.42 31.46 -2.69
N MET A 299 16.16 31.01 -2.60
CA MET A 299 15.52 30.39 -3.75
C MET A 299 15.39 31.39 -4.90
N SER A 300 14.97 32.62 -4.59
CA SER A 300 14.86 33.63 -5.63
C SER A 300 16.21 33.95 -6.25
N GLU A 301 17.26 34.02 -5.43
CA GLU A 301 18.60 34.25 -5.96
C GLU A 301 19.02 33.10 -6.87
N ALA A 302 18.74 31.86 -6.48
CA ALA A 302 19.06 30.72 -7.33
C ALA A 302 18.33 30.78 -8.66
N VAL A 303 17.04 31.13 -8.64
CA VAL A 303 16.28 31.21 -9.88
C VAL A 303 16.79 32.36 -10.75
N ARG A 304 17.19 33.47 -10.11
CA ARG A 304 17.79 34.56 -10.87
C ARG A 304 19.10 34.11 -11.53
N ASP A 305 19.91 33.33 -10.81
CA ASP A 305 21.12 32.81 -11.42
C ASP A 305 20.77 31.92 -12.61
N CYS A 306 19.75 31.09 -12.47
CA CYS A 306 19.39 30.15 -13.54
C CYS A 306 18.83 30.87 -14.76
N LEU A 307 18.07 31.95 -14.58
CA LEU A 307 17.32 32.54 -15.67
C LEU A 307 17.93 33.82 -16.23
N ILE A 308 18.74 34.54 -15.46
CA ILE A 308 19.23 35.85 -15.85
C ILE A 308 20.73 35.87 -16.09
N ARG A 309 21.50 34.94 -15.52
CA ARG A 309 22.94 35.05 -15.54
C ARG A 309 23.55 33.90 -16.32
N PRO A 310 24.69 34.13 -16.99
CA PRO A 310 25.34 33.05 -17.75
C PRO A 310 26.21 32.21 -16.81
N ILE A 311 25.91 30.90 -16.74
CA ILE A 311 26.72 30.02 -15.91
C ILE A 311 28.17 30.09 -16.36
N ALA A 312 29.07 30.15 -15.39
CA ALA A 312 30.50 30.17 -15.63
C ALA A 312 31.11 28.99 -14.88
N LEU A 313 31.14 27.83 -15.54
CA LEU A 313 31.76 26.65 -14.94
C LEU A 313 33.28 26.75 -14.90
N ASP A 314 33.86 27.70 -15.62
CA ASP A 314 35.30 27.91 -15.52
C ASP A 314 35.70 28.30 -14.10
N ARG A 315 34.82 29.01 -13.39
CA ARG A 315 35.14 29.44 -12.03
C ARG A 315 34.98 28.32 -11.01
N MET A 316 34.01 27.42 -11.22
CA MET A 316 33.63 26.43 -10.20
C MET A 316 34.82 25.89 -9.41
N ALA A 317 35.84 25.38 -10.11
CA ALA A 317 36.94 24.71 -9.43
C ALA A 317 37.72 25.66 -8.53
N VAL A 318 38.15 26.79 -9.09
CA VAL A 318 38.94 27.73 -8.28
C VAL A 318 38.09 28.33 -7.18
N SER A 319 36.79 28.47 -7.41
CA SER A 319 35.90 28.99 -6.37
C SER A 319 35.86 28.03 -5.19
N ILE A 320 35.71 26.73 -5.47
CA ILE A 320 35.74 25.73 -4.40
C ILE A 320 37.09 25.77 -3.69
N ALA A 321 38.17 25.83 -4.46
CA ALA A 321 39.49 25.83 -3.85
C ALA A 321 39.69 27.04 -2.94
N ASN A 322 39.24 28.21 -3.39
CA ASN A 322 39.37 29.41 -2.56
C ASN A 322 38.49 29.33 -1.32
N HIS A 323 37.32 28.69 -1.43
CA HIS A 323 36.53 28.45 -0.23
C HIS A 323 37.30 27.56 0.75
N ALA A 324 37.98 26.55 0.23
CA ALA A 324 38.76 25.67 1.10
C ALA A 324 39.98 26.38 1.68
N ARG A 325 40.73 27.07 0.83
CA ARG A 325 41.93 27.76 1.28
C ARG A 325 41.63 28.72 2.42
N ASP A 326 40.46 29.37 2.36
CA ASP A 326 40.06 30.31 3.40
C ASP A 326 39.53 29.62 4.65
N LEU A 327 39.22 28.32 4.58
CA LEU A 327 38.73 27.58 5.74
C LEU A 327 39.81 26.76 6.42
N GLY A 328 41.00 26.66 5.83
CA GLY A 328 42.12 25.97 6.44
C GLY A 328 42.30 24.52 6.05
N LYS A 329 41.39 23.95 5.27
CA LYS A 329 41.53 22.56 4.84
C LYS A 329 42.69 22.44 3.86
N ASP A 330 42.94 21.20 3.42
CA ASP A 330 44.06 20.93 2.53
C ASP A 330 43.60 20.20 1.27
N SER A 331 42.61 19.32 1.40
CA SER A 331 42.13 18.54 0.27
C SER A 331 40.61 18.51 0.28
N VAL A 332 40.04 18.35 -0.91
CA VAL A 332 38.59 18.37 -1.11
C VAL A 332 38.16 17.02 -1.67
N LEU A 333 37.13 16.44 -1.07
CA LEU A 333 36.59 15.15 -1.51
C LEU A 333 35.24 15.38 -2.19
N PRO A 334 35.14 15.31 -3.51
CA PRO A 334 33.85 15.52 -4.14
C PRO A 334 32.92 14.34 -3.92
N SER A 335 31.64 14.65 -3.79
CA SER A 335 30.58 13.65 -3.68
C SER A 335 29.50 13.98 -4.69
N PRO A 336 29.83 13.96 -5.98
CA PRO A 336 28.88 14.43 -6.99
C PRO A 336 27.62 13.58 -7.01
N ILE A 337 26.49 14.24 -7.24
CA ILE A 337 25.20 13.57 -7.31
C ILE A 337 24.49 14.04 -8.58
N ALA A 338 24.18 13.09 -9.47
CA ALA A 338 23.53 13.39 -10.74
C ALA A 338 24.32 14.42 -11.56
N LEU A 339 25.60 14.61 -11.22
CA LEU A 339 26.47 15.52 -11.96
C LEU A 339 27.09 14.76 -13.11
N SER A 340 26.67 15.07 -14.33
CA SER A 340 27.28 14.47 -15.50
C SER A 340 28.77 14.75 -15.53
N PHE A 341 29.55 13.70 -15.76
CA PHE A 341 30.93 13.85 -16.21
C PHE A 341 31.79 14.43 -15.10
N SER A 342 31.61 13.90 -13.89
CA SER A 342 32.15 14.48 -12.67
C SER A 342 33.53 13.96 -12.29
N ASP A 343 34.07 12.99 -13.01
CA ASP A 343 35.35 12.43 -12.62
C ASP A 343 36.45 13.49 -12.68
N LYS A 344 36.41 14.36 -13.69
CA LYS A 344 37.42 15.40 -13.84
C LYS A 344 37.40 16.41 -12.70
N LEU A 345 36.30 16.48 -11.95
CA LEU A 345 36.18 17.51 -10.92
C LEU A 345 37.29 17.40 -9.88
N GLY A 346 37.55 16.20 -9.39
CA GLY A 346 38.46 15.98 -8.29
C GLY A 346 39.84 16.53 -8.54
N PRO A 347 40.52 16.00 -9.57
CA PRO A 347 41.87 16.50 -9.87
C PRO A 347 41.91 17.98 -10.14
N GLN A 348 40.92 18.52 -10.84
CA GLN A 348 40.92 19.94 -11.16
C GLN A 348 40.87 20.78 -9.88
N VAL A 349 39.97 20.42 -8.96
CA VAL A 349 39.84 21.23 -7.75
C VAL A 349 41.06 21.05 -6.86
N ASN A 350 41.61 19.84 -6.79
CA ASN A 350 42.77 19.62 -5.94
C ASN A 350 44.05 20.21 -6.51
N SER A 351 44.11 20.47 -7.81
CA SER A 351 45.35 20.96 -8.40
C SER A 351 45.75 22.30 -7.81
N HIS A 352 44.79 23.22 -7.63
CA HIS A 352 45.13 24.58 -7.27
C HIS A 352 45.74 24.65 -5.87
N LEU A 353 45.07 24.06 -4.89
CA LEU A 353 45.62 24.04 -3.54
C LEU A 353 46.49 22.81 -3.34
N PRO A 354 47.44 22.85 -2.41
CA PRO A 354 48.29 21.67 -2.20
C PRO A 354 47.46 20.44 -1.88
N GLY A 355 47.87 19.30 -2.44
CA GLY A 355 47.10 18.08 -2.36
C GLY A 355 47.60 17.11 -1.31
N ALA A 356 46.70 16.22 -0.91
CA ALA A 356 46.95 15.19 0.09
C ALA A 356 45.86 14.14 -0.07
N LYS A 357 45.73 13.27 0.93
CA LYS A 357 44.59 12.36 1.09
C LYS A 357 44.85 11.00 0.47
N ALA A 358 44.37 9.95 1.15
CA ALA A 358 44.36 8.59 0.64
C ALA A 358 42.94 8.05 0.73
N PRO A 359 42.54 7.17 -0.19
CA PRO A 359 41.16 6.71 -0.21
C PRO A 359 40.80 5.94 1.06
N THR A 360 39.56 6.11 1.52
CA THR A 360 39.04 5.36 2.66
C THR A 360 37.66 4.78 2.34
N PRO A 361 37.54 4.04 1.23
CA PRO A 361 36.23 3.47 0.87
C PRO A 361 35.93 2.16 1.57
N GLU A 362 36.93 1.46 2.08
CA GLU A 362 36.67 0.24 2.84
C GLU A 362 35.92 0.61 4.12
N LEU A 363 34.69 0.13 4.23
CA LEU A 363 33.89 0.43 5.42
C LEU A 363 34.28 -0.48 6.58
N THR A 364 34.06 -1.78 6.39
CA THR A 364 34.19 -2.86 7.38
C THR A 364 33.15 -2.69 8.49
N SER A 365 32.47 -1.55 8.50
CA SER A 365 31.15 -1.42 9.09
C SER A 365 30.10 -1.44 7.98
N LYS A 366 30.14 -2.52 7.19
CA LYS A 366 29.29 -2.59 6.00
C LYS A 366 27.85 -2.29 6.35
N SER A 367 27.37 -2.82 7.46
CA SER A 367 26.01 -2.61 7.95
C SER A 367 25.90 -3.34 9.27
N ILE A 368 24.93 -2.93 10.08
CA ILE A 368 24.71 -3.56 11.37
C ILE A 368 23.68 -4.67 11.18
N PRO A 369 23.94 -5.89 11.64
CA PRO A 369 22.96 -6.97 11.43
C PRO A 369 21.59 -6.56 11.96
N SER A 370 20.56 -6.85 11.18
CA SER A 370 19.21 -6.42 11.50
C SER A 370 18.54 -7.42 12.44
N ALA A 371 17.72 -6.90 13.34
CA ALA A 371 16.95 -7.76 14.21
C ALA A 371 16.02 -8.64 13.39
N ILE A 372 15.82 -9.87 13.85
CA ILE A 372 15.01 -10.82 13.10
C ILE A 372 13.64 -10.22 12.84
N GLY A 373 13.20 -10.29 11.58
CA GLY A 373 11.95 -9.69 11.17
C GLY A 373 12.04 -8.23 10.78
N ALA A 374 13.24 -7.65 10.80
CA ALA A 374 13.42 -6.26 10.42
C ALA A 374 13.96 -6.07 9.01
N GLU A 375 14.81 -6.98 8.53
CA GLU A 375 15.36 -6.86 7.19
C GLU A 375 14.30 -7.01 6.11
N GLN A 376 13.15 -7.61 6.43
CA GLN A 376 12.13 -7.85 5.41
C GLN A 376 11.67 -6.52 4.81
N GLN A 377 11.41 -6.55 3.50
CA GLN A 377 10.87 -5.38 2.84
C GLN A 377 9.46 -5.10 3.34
N PRO A 378 8.99 -3.85 3.19
CA PRO A 378 7.63 -3.53 3.57
C PRO A 378 6.63 -4.58 3.13
N MET A 379 5.47 -4.64 3.80
CA MET A 379 4.50 -5.69 3.51
C MET A 379 4.09 -5.68 2.03
N ALA A 380 4.13 -4.51 1.40
CA ALA A 380 3.98 -4.44 -0.05
C ALA A 380 5.32 -4.70 -0.73
N LYS A 381 5.26 -5.18 -1.97
CA LYS A 381 6.44 -5.63 -2.70
C LYS A 381 7.17 -6.72 -1.90
N SER A 382 6.46 -7.83 -1.76
CA SER A 382 6.99 -9.03 -1.12
C SER A 382 6.71 -10.21 -2.04
N PRO A 383 7.74 -10.86 -2.61
CA PRO A 383 7.47 -11.97 -3.54
C PRO A 383 6.53 -13.00 -2.96
N ILE A 384 5.33 -13.14 -3.53
CA ILE A 384 4.41 -14.15 -3.07
C ILE A 384 4.90 -15.51 -3.53
N ALA A 385 4.64 -16.54 -2.73
CA ALA A 385 5.10 -17.89 -2.99
C ALA A 385 3.93 -18.82 -3.24
N ILE A 386 4.10 -19.73 -4.18
CA ILE A 386 3.10 -20.77 -4.48
C ILE A 386 3.53 -22.04 -3.77
N LEU A 387 2.69 -22.52 -2.85
CA LEU A 387 3.04 -23.67 -2.03
C LEU A 387 2.68 -24.99 -2.71
N ALA A 388 1.44 -25.09 -3.21
CA ALA A 388 0.98 -26.33 -3.82
C ALA A 388 -0.09 -26.01 -4.84
N ALA A 389 -0.33 -26.96 -5.72
CA ALA A 389 -1.36 -26.83 -6.75
C ALA A 389 -1.97 -28.19 -7.01
N SER A 390 -3.29 -28.21 -7.18
CA SER A 390 -4.01 -29.44 -7.46
C SER A 390 -5.09 -29.17 -8.50
N GLY A 391 -5.33 -30.16 -9.35
CA GLY A 391 -6.30 -30.01 -10.42
C GLY A 391 -6.89 -31.34 -10.82
N ARG A 392 -7.95 -31.28 -11.61
CA ARG A 392 -8.68 -32.45 -12.09
C ARG A 392 -8.94 -32.32 -13.59
N PHE A 393 -7.90 -32.01 -14.34
CA PHE A 393 -8.02 -31.68 -15.75
C PHE A 393 -8.50 -32.92 -16.53
N PRO A 394 -9.10 -32.71 -17.70
CA PRO A 394 -9.82 -33.82 -18.35
C PRO A 394 -8.91 -34.98 -18.71
N GLN A 395 -9.46 -36.19 -18.62
CA GLN A 395 -8.80 -37.44 -18.97
C GLN A 395 -7.61 -37.72 -18.06
N SER A 396 -7.35 -36.87 -17.06
CA SER A 396 -6.21 -37.06 -16.16
C SER A 396 -6.63 -36.53 -14.79
N SER A 397 -7.09 -37.42 -13.93
CA SER A 397 -7.63 -37.04 -12.62
C SER A 397 -6.53 -36.95 -11.56
N SER A 398 -5.49 -36.17 -11.87
CA SER A 398 -4.40 -35.90 -10.92
C SER A 398 -3.43 -34.96 -11.61
N MET A 399 -2.45 -34.48 -10.85
CA MET A 399 -1.50 -33.53 -11.41
C MET A 399 -0.48 -34.24 -12.27
N ASP A 400 0.04 -35.37 -11.80
CA ASP A 400 1.06 -36.11 -12.55
C ASP A 400 0.47 -36.73 -13.81
N GLN A 401 -0.75 -37.24 -13.72
CA GLN A 401 -1.41 -37.76 -14.91
C GLN A 401 -1.55 -36.66 -15.95
N PHE A 402 -1.91 -35.45 -15.52
CA PHE A 402 -2.01 -34.33 -16.45
C PHE A 402 -0.65 -34.02 -17.06
N TRP A 403 0.42 -34.05 -16.26
CA TRP A 403 1.74 -33.79 -16.82
C TRP A 403 2.10 -34.83 -17.86
N ASP A 404 1.77 -36.10 -17.61
CA ASP A 404 2.04 -37.13 -18.60
C ASP A 404 1.25 -36.86 -19.88
N VAL A 405 -0.04 -36.58 -19.73
CA VAL A 405 -0.91 -36.31 -20.87
C VAL A 405 -0.38 -35.13 -21.68
N LEU A 406 0.25 -34.17 -21.01
CA LEU A 406 0.74 -32.98 -21.70
C LEU A 406 2.08 -33.24 -22.37
N ILE A 407 3.02 -33.85 -21.66
CA ILE A 407 4.35 -34.07 -22.22
C ILE A 407 4.28 -35.02 -23.41
N ASN A 408 3.48 -36.08 -23.30
CA ASN A 408 3.31 -36.97 -24.46
C ASN A 408 2.79 -36.19 -25.66
N GLY A 409 1.72 -35.43 -25.46
CA GLY A 409 1.11 -34.66 -26.52
C GLY A 409 -0.08 -35.40 -27.10
N VAL A 410 -1.29 -35.03 -26.68
CA VAL A 410 -2.49 -35.75 -27.09
C VAL A 410 -3.70 -34.83 -27.01
N ASP A 411 -4.52 -34.86 -28.05
CA ASP A 411 -5.78 -34.13 -28.01
C ASP A 411 -6.77 -34.87 -27.12
N THR A 412 -7.78 -34.12 -26.64
CA THR A 412 -8.81 -34.67 -25.77
C THR A 412 -10.20 -34.53 -26.38
N HIS A 413 -10.29 -34.24 -27.68
CA HIS A 413 -11.59 -34.14 -28.33
C HIS A 413 -12.35 -35.44 -28.15
N GLU A 414 -13.60 -35.32 -27.69
CA GLU A 414 -14.44 -36.48 -27.41
C GLU A 414 -15.75 -36.33 -28.17
N LEU A 415 -16.20 -37.41 -28.81
CA LEU A 415 -17.49 -37.38 -29.48
C LEU A 415 -18.61 -37.14 -28.47
N VAL A 416 -18.73 -38.01 -27.48
CA VAL A 416 -19.76 -37.86 -26.44
C VAL A 416 -19.12 -38.08 -25.08
N PRO A 417 -19.60 -37.43 -24.02
CA PRO A 417 -19.11 -37.75 -22.68
C PRO A 417 -19.43 -39.19 -22.34
N PRO A 418 -18.63 -39.83 -21.49
CA PRO A 418 -18.85 -41.25 -21.20
C PRO A 418 -20.26 -41.56 -20.71
N THR A 419 -20.68 -40.97 -19.60
CA THR A 419 -21.96 -41.29 -19.00
C THR A 419 -22.66 -40.05 -18.47
N ARG A 420 -22.47 -38.90 -19.10
CA ARG A 420 -23.15 -37.69 -18.64
C ARG A 420 -24.63 -37.72 -18.98
N TRP A 421 -24.96 -37.83 -20.27
CA TRP A 421 -26.34 -37.92 -20.71
C TRP A 421 -26.35 -38.45 -22.14
N ASN A 422 -27.52 -38.41 -22.78
CA ASN A 422 -27.70 -38.98 -24.10
C ASN A 422 -26.85 -38.26 -25.14
N ALA A 423 -26.87 -38.74 -26.38
CA ALA A 423 -26.08 -38.18 -27.46
C ALA A 423 -26.98 -37.38 -28.39
N ALA A 424 -26.38 -36.39 -29.06
CA ALA A 424 -27.11 -35.54 -30.00
C ALA A 424 -28.27 -34.84 -29.31
N GLY A 440 -21.37 -29.29 -32.16
CA GLY A 440 -20.62 -28.83 -31.00
C GLY A 440 -20.02 -29.97 -30.22
N PHE A 441 -18.69 -30.02 -30.19
CA PHE A 441 -17.95 -31.07 -29.50
C PHE A 441 -16.80 -30.44 -28.74
N GLY A 442 -16.35 -31.12 -27.68
CA GLY A 442 -15.28 -30.56 -26.87
C GLY A 442 -14.70 -31.59 -25.93
N CYS A 443 -13.78 -31.12 -25.10
CA CYS A 443 -13.06 -31.95 -24.15
C CYS A 443 -13.78 -31.94 -22.80
N TRP A 444 -13.92 -33.13 -22.20
CA TRP A 444 -14.71 -33.30 -21.00
C TRP A 444 -13.89 -33.96 -19.91
N LEU A 445 -14.31 -33.74 -18.66
CA LEU A 445 -13.74 -34.45 -17.52
C LEU A 445 -14.33 -35.85 -17.48
N HIS A 446 -13.46 -36.86 -17.54
CA HIS A 446 -13.96 -38.23 -17.62
C HIS A 446 -14.61 -38.68 -16.32
N GLU A 447 -14.23 -38.09 -15.19
CA GLU A 447 -14.75 -38.48 -13.88
C GLU A 447 -15.14 -37.20 -13.13
N ALA A 448 -16.39 -36.77 -13.30
CA ALA A 448 -16.90 -35.56 -12.69
C ALA A 448 -18.02 -35.79 -11.69
N GLY A 449 -18.78 -36.87 -11.83
CA GLY A 449 -19.87 -37.14 -10.91
C GLY A 449 -19.46 -37.97 -9.72
N GLU A 450 -18.15 -38.08 -9.50
CA GLU A 450 -17.61 -38.89 -8.41
C GLU A 450 -17.29 -37.99 -7.22
N PHE A 451 -17.81 -38.35 -6.05
CA PHE A 451 -17.55 -37.57 -4.85
C PHE A 451 -17.79 -38.44 -3.62
N ASP A 452 -17.21 -38.02 -2.50
CA ASP A 452 -17.36 -38.70 -1.22
C ASP A 452 -18.20 -37.84 -0.29
N ALA A 453 -19.27 -38.41 0.24
CA ALA A 453 -20.17 -37.69 1.13
C ALA A 453 -19.80 -37.85 2.59
N ALA A 454 -19.38 -39.05 3.01
CA ALA A 454 -19.11 -39.29 4.42
C ALA A 454 -17.98 -38.40 4.91
N TYR A 455 -16.92 -38.26 4.12
CA TYR A 455 -15.78 -37.47 4.54
C TYR A 455 -16.16 -36.01 4.80
N PHE A 456 -17.23 -35.52 4.18
CA PHE A 456 -17.64 -34.13 4.32
C PHE A 456 -18.93 -33.99 5.13
N ASN A 457 -19.26 -34.99 5.95
CA ASN A 457 -20.38 -34.94 6.89
C ASN A 457 -21.67 -34.51 6.19
N MET A 458 -21.89 -35.04 4.99
CA MET A 458 -23.09 -34.75 4.22
C MET A 458 -23.89 -36.02 4.01
N SER A 459 -25.20 -35.85 3.81
CA SER A 459 -26.11 -36.97 3.70
C SER A 459 -25.86 -37.75 2.41
N PRO A 460 -26.28 -39.01 2.35
CA PRO A 460 -26.05 -39.82 1.15
C PRO A 460 -26.96 -39.45 -0.01
N ARG A 461 -27.97 -38.60 0.20
CA ARG A 461 -28.89 -38.19 -0.86
C ARG A 461 -28.85 -36.70 -1.13
N GLU A 462 -28.06 -35.92 -0.40
CA GLU A 462 -27.96 -34.49 -0.63
C GLU A 462 -26.85 -34.12 -1.62
N ALA A 463 -26.01 -35.07 -2.02
CA ALA A 463 -24.99 -34.77 -3.00
C ALA A 463 -25.57 -34.22 -4.30
N PRO A 464 -26.63 -34.79 -4.87
CA PRO A 464 -27.14 -34.24 -6.14
C PRO A 464 -27.53 -32.77 -6.06
N GLN A 465 -28.09 -32.33 -4.93
CA GLN A 465 -28.50 -30.94 -4.79
C GLN A 465 -27.30 -29.99 -4.67
N VAL A 466 -26.09 -30.52 -4.52
CA VAL A 466 -24.88 -29.72 -4.47
C VAL A 466 -24.29 -29.68 -5.87
N ASP A 467 -23.93 -28.47 -6.31
CA ASP A 467 -23.38 -28.31 -7.65
C ASP A 467 -22.09 -29.13 -7.79
N PRO A 468 -21.98 -29.98 -8.80
CA PRO A 468 -20.76 -30.81 -8.91
C PRO A 468 -19.49 -29.98 -8.99
N ALA A 469 -19.56 -28.78 -9.57
CA ALA A 469 -18.40 -27.91 -9.55
C ALA A 469 -17.99 -27.59 -8.12
N GLN A 470 -18.97 -27.39 -7.23
CA GLN A 470 -18.65 -27.16 -5.83
C GLN A 470 -17.96 -28.37 -5.22
N ARG A 471 -18.43 -29.58 -5.53
CA ARG A 471 -17.81 -30.78 -4.98
C ARG A 471 -16.38 -30.92 -5.48
N LEU A 472 -16.15 -30.68 -6.77
CA LEU A 472 -14.80 -30.77 -7.31
C LEU A 472 -13.89 -29.73 -6.68
N ALA A 473 -14.39 -28.50 -6.50
CA ALA A 473 -13.60 -27.47 -5.86
C ALA A 473 -13.25 -27.83 -4.43
N LEU A 474 -14.21 -28.36 -3.67
CA LEU A 474 -13.95 -28.83 -2.33
C LEU A 474 -12.86 -29.90 -2.33
N LEU A 475 -12.98 -30.88 -3.22
CA LEU A 475 -12.02 -31.98 -3.25
C LEU A 475 -10.62 -31.46 -3.55
N THR A 476 -10.51 -30.63 -4.59
CA THR A 476 -9.20 -30.13 -5.00
C THR A 476 -8.60 -29.25 -3.92
N ALA A 477 -9.42 -28.43 -3.26
CA ALA A 477 -8.92 -27.57 -2.20
C ALA A 477 -8.39 -28.39 -1.03
N THR A 478 -9.14 -29.43 -0.63
CA THR A 478 -8.66 -30.24 0.48
C THR A 478 -7.35 -30.91 0.12
N GLU A 479 -7.25 -31.44 -1.11
CA GLU A 479 -6.00 -32.09 -1.51
C GLU A 479 -4.85 -31.10 -1.54
N ALA A 480 -5.08 -29.89 -2.05
CA ALA A 480 -4.03 -28.89 -2.11
C ALA A 480 -3.56 -28.50 -0.71
N LEU A 481 -4.49 -28.28 0.21
CA LEU A 481 -4.11 -27.93 1.58
C LEU A 481 -3.36 -29.06 2.25
N GLU A 482 -3.79 -30.30 2.04
CA GLU A 482 -3.06 -31.43 2.62
C GLU A 482 -1.65 -31.52 2.08
N GLN A 483 -1.48 -31.31 0.76
CA GLN A 483 -0.16 -31.39 0.17
C GLN A 483 0.73 -30.23 0.60
N ALA A 484 0.14 -29.07 0.84
CA ALA A 484 0.92 -27.90 1.23
C ALA A 484 1.53 -28.04 2.62
N GLY A 485 1.14 -29.05 3.39
CA GLY A 485 1.62 -29.18 4.75
C GLY A 485 1.13 -28.07 5.65
N VAL A 486 -0.12 -27.65 5.48
CA VAL A 486 -0.71 -26.56 6.24
C VAL A 486 -1.85 -27.14 7.05
N VAL A 487 -1.72 -27.15 8.37
CA VAL A 487 -2.74 -27.66 9.27
C VAL A 487 -3.39 -26.46 9.95
N PRO A 488 -4.70 -26.46 10.20
CA PRO A 488 -5.35 -25.26 10.72
C PRO A 488 -4.76 -24.85 12.07
N ASN A 489 -4.60 -23.55 12.24
CA ASN A 489 -4.20 -22.93 13.51
C ASN A 489 -3.06 -23.70 14.17
N ARG A 490 -1.93 -23.75 13.47
CA ARG A 490 -0.69 -24.27 14.03
C ARG A 490 0.39 -23.22 14.18
N THR A 491 0.38 -22.19 13.34
CA THR A 491 1.41 -21.18 13.35
C THR A 491 0.78 -19.83 13.05
N SER A 492 1.49 -18.77 13.40
CA SER A 492 0.98 -17.41 13.19
C SER A 492 0.56 -17.21 11.74
N SER A 493 1.41 -17.60 10.80
CA SER A 493 1.11 -17.38 9.39
C SER A 493 -0.13 -18.14 8.95
N THR A 494 -0.40 -19.30 9.56
CA THR A 494 -1.53 -20.14 9.18
C THR A 494 -2.59 -20.19 10.28
N GLN A 495 -2.82 -19.07 10.95
CA GLN A 495 -3.83 -19.05 12.00
C GLN A 495 -5.23 -19.17 11.39
N LYS A 496 -6.17 -19.62 12.22
CA LYS A 496 -7.51 -19.91 11.72
C LYS A 496 -8.15 -18.69 11.06
N ASN A 497 -7.83 -17.49 11.53
CA ASN A 497 -8.47 -16.27 11.07
C ASN A 497 -7.76 -15.62 9.90
N ARG A 498 -6.55 -16.07 9.57
CA ARG A 498 -5.68 -15.37 8.63
C ARG A 498 -5.62 -16.10 7.29
N VAL A 499 -6.74 -16.70 6.89
CA VAL A 499 -6.82 -17.49 5.67
C VAL A 499 -8.09 -17.09 4.94
N GLY A 500 -7.97 -16.85 3.63
CA GLY A 500 -9.10 -16.38 2.87
C GLY A 500 -9.18 -16.98 1.47
N VAL A 501 -10.32 -17.55 1.13
CA VAL A 501 -10.52 -18.13 -0.20
C VAL A 501 -10.86 -17.02 -1.18
N TRP A 502 -10.45 -17.19 -2.43
CA TRP A 502 -10.63 -16.18 -3.47
C TRP A 502 -11.08 -16.84 -4.77
N TYR A 503 -12.04 -17.74 -4.68
CA TYR A 503 -12.52 -18.46 -5.86
C TYR A 503 -13.13 -17.49 -6.87
N GLY A 504 -12.82 -17.71 -8.14
CA GLY A 504 -13.44 -16.95 -9.21
C GLY A 504 -14.40 -17.78 -10.02
N ALA A 505 -15.70 -17.54 -9.85
CA ALA A 505 -16.72 -18.32 -10.52
C ALA A 505 -16.92 -17.80 -11.94
N THR A 506 -17.93 -18.33 -12.62
CA THR A 506 -18.23 -17.94 -14.00
C THR A 506 -19.72 -18.11 -14.24
N SER A 507 -20.16 -17.72 -15.45
CA SER A 507 -21.56 -17.83 -15.84
C SER A 507 -21.85 -19.28 -16.26
N ASN A 508 -21.87 -20.14 -15.26
CA ASN A 508 -22.14 -21.57 -15.46
C ASN A 508 -23.59 -21.93 -15.16
N ASP A 509 -24.08 -21.56 -13.98
CA ASP A 509 -25.47 -21.82 -13.61
C ASP A 509 -25.77 -23.31 -13.64
N ALA A 530 -21.42 -17.79 -4.49
CA ALA A 530 -21.76 -17.40 -3.13
C ALA A 530 -21.34 -18.49 -2.14
N PHE A 531 -21.88 -19.69 -2.33
CA PHE A 531 -21.54 -20.83 -1.48
C PHE A 531 -20.28 -21.56 -1.94
N ILE A 532 -19.78 -21.28 -3.14
CA ILE A 532 -18.56 -21.94 -3.61
C ILE A 532 -17.40 -21.68 -2.65
N PRO A 533 -17.13 -20.45 -2.22
CA PRO A 533 -16.11 -20.23 -1.19
C PRO A 533 -16.67 -20.42 0.21
N GLY A 534 -17.97 -20.23 0.36
CA GLY A 534 -18.58 -20.32 1.67
C GLY A 534 -18.44 -21.70 2.28
N ARG A 535 -18.74 -22.74 1.50
CA ARG A 535 -18.59 -24.10 2.01
C ARG A 535 -17.14 -24.44 2.29
N VAL A 536 -16.23 -23.98 1.43
CA VAL A 536 -14.81 -24.23 1.64
C VAL A 536 -14.37 -23.66 2.98
N ASN A 537 -14.77 -22.42 3.26
CA ASN A 537 -14.42 -21.80 4.53
C ASN A 537 -15.13 -22.49 5.69
N TYR A 538 -16.38 -22.92 5.49
CA TYR A 538 -17.18 -23.45 6.58
C TYR A 538 -16.66 -24.81 7.03
N PHE A 539 -16.66 -25.80 6.13
CA PHE A 539 -16.31 -27.15 6.54
C PHE A 539 -14.87 -27.21 7.04
N HIS A 540 -13.95 -26.53 6.36
CA HIS A 540 -12.56 -26.55 6.80
C HIS A 540 -12.37 -25.83 8.12
N LYS A 541 -13.39 -25.11 8.60
CA LYS A 541 -13.36 -24.32 9.82
C LYS A 541 -12.53 -23.05 9.64
N PHE A 542 -12.10 -22.75 8.43
CA PHE A 542 -11.34 -21.53 8.19
C PHE A 542 -12.28 -20.33 8.24
N SER A 543 -11.81 -19.25 8.86
CA SER A 543 -12.59 -18.03 8.98
C SER A 543 -11.78 -16.88 8.39
N GLY A 544 -12.37 -16.18 7.43
CA GLY A 544 -11.70 -15.07 6.79
C GLY A 544 -12.43 -14.61 5.55
N PRO A 545 -11.81 -13.71 4.80
CA PRO A 545 -12.47 -13.19 3.59
C PRO A 545 -12.83 -14.31 2.63
N SER A 546 -14.00 -14.21 2.03
CA SER A 546 -14.49 -15.17 1.04
C SER A 546 -15.12 -14.39 -0.10
N TYR A 547 -14.87 -14.82 -1.33
CA TYR A 547 -15.32 -14.06 -2.48
C TYR A 547 -15.57 -15.00 -3.66
N THR A 548 -16.34 -14.50 -4.61
CA THR A 548 -16.73 -15.21 -5.83
C THR A 548 -16.50 -14.33 -7.04
N ILE A 549 -15.29 -13.75 -7.10
CA ILE A 549 -14.98 -12.74 -8.09
C ILE A 549 -15.44 -13.19 -9.47
N ASP A 550 -15.85 -12.21 -10.29
CA ASP A 550 -16.26 -12.49 -11.67
C ASP A 550 -16.06 -11.20 -12.46
N THR A 551 -15.14 -11.23 -13.42
CA THR A 551 -14.84 -10.08 -14.26
C THR A 551 -15.14 -10.45 -15.71
N ALA A 552 -14.71 -9.59 -16.62
CA ALA A 552 -14.98 -9.76 -18.04
C ALA A 552 -14.52 -11.14 -18.53
N CYS A 553 -13.23 -11.43 -18.40
CA CYS A 553 -12.66 -12.65 -18.97
C CYS A 553 -11.58 -13.28 -18.09
N SER A 554 -10.85 -12.46 -17.32
CA SER A 554 -9.87 -12.98 -16.37
C SER A 554 -10.55 -13.32 -15.05
N SER A 555 -11.55 -14.20 -15.13
CA SER A 555 -12.37 -14.49 -13.97
C SER A 555 -11.54 -15.08 -12.83
N SER A 556 -10.66 -16.03 -13.13
CA SER A 556 -9.81 -16.62 -12.11
C SER A 556 -8.53 -15.82 -11.88
N LEU A 557 -7.94 -15.29 -12.94
CA LEU A 557 -6.69 -14.56 -12.78
C LEU A 557 -6.90 -13.23 -12.09
N ALA A 558 -8.05 -12.59 -12.30
CA ALA A 558 -8.37 -11.38 -11.54
C ALA A 558 -8.47 -11.68 -10.05
N ALA A 559 -9.14 -12.80 -9.70
CA ALA A 559 -9.23 -13.20 -8.31
C ALA A 559 -7.85 -13.46 -7.73
N LEU A 560 -6.99 -14.14 -8.50
CA LEU A 560 -5.63 -14.37 -8.04
C LEU A 560 -4.89 -13.04 -7.83
N HIS A 561 -5.03 -12.12 -8.78
CA HIS A 561 -4.37 -10.83 -8.68
C HIS A 561 -4.77 -10.12 -7.40
N MET A 562 -6.06 -10.06 -7.13
CA MET A 562 -6.51 -9.32 -5.96
C MET A 562 -6.22 -10.08 -4.67
N ALA A 563 -6.13 -11.40 -4.72
CA ALA A 563 -5.67 -12.15 -3.55
C ALA A 563 -4.21 -11.82 -3.24
N CYS A 564 -3.36 -11.76 -4.26
CA CYS A 564 -1.98 -11.33 -4.04
C CYS A 564 -1.94 -9.89 -3.54
N ASN A 565 -2.84 -9.04 -4.01
CA ASN A 565 -2.91 -7.68 -3.48
C ASN A 565 -3.23 -7.69 -1.99
N ALA A 566 -4.21 -8.49 -1.59
CA ALA A 566 -4.57 -8.59 -0.18
C ALA A 566 -3.38 -9.09 0.64
N LEU A 567 -2.67 -10.10 0.13
CA LEU A 567 -1.49 -10.58 0.83
C LEU A 567 -0.44 -9.48 0.95
N TRP A 568 -0.24 -8.70 -0.12
CA TRP A 568 0.70 -7.59 -0.08
C TRP A 568 0.23 -6.49 0.86
N ARG A 569 -1.04 -6.49 1.25
CA ARG A 569 -1.57 -5.51 2.18
C ARG A 569 -1.70 -6.03 3.61
N GLY A 570 -1.86 -7.33 3.80
CA GLY A 570 -1.97 -7.90 5.12
C GLY A 570 -3.36 -8.24 5.59
N GLU A 571 -4.38 -8.09 4.73
CA GLU A 571 -5.72 -8.49 5.13
C GLU A 571 -5.76 -9.94 5.57
N VAL A 572 -4.96 -10.80 4.94
CA VAL A 572 -4.76 -12.18 5.34
C VAL A 572 -3.30 -12.56 5.12
N ASP A 573 -2.93 -13.71 5.67
CA ASP A 573 -1.57 -14.23 5.53
C ASP A 573 -1.52 -15.52 4.73
N THR A 574 -2.63 -15.91 4.10
CA THR A 574 -2.70 -17.14 3.33
C THR A 574 -3.94 -17.06 2.46
N ALA A 575 -3.83 -17.58 1.23
CA ALA A 575 -4.92 -17.51 0.27
C ALA A 575 -5.12 -18.87 -0.39
N ILE A 576 -6.36 -19.13 -0.79
CA ILE A 576 -6.72 -20.33 -1.54
C ILE A 576 -7.49 -19.85 -2.77
N VAL A 577 -6.78 -19.63 -3.87
CA VAL A 577 -7.38 -19.18 -5.10
C VAL A 577 -7.63 -20.40 -5.98
N GLY A 578 -8.49 -20.23 -6.98
CA GLY A 578 -8.78 -21.32 -7.89
C GLY A 578 -9.97 -21.09 -8.80
N GLY A 579 -9.84 -21.47 -10.07
CA GLY A 579 -10.93 -21.37 -11.01
C GLY A 579 -11.80 -22.61 -10.99
N THR A 580 -12.79 -22.62 -11.89
CA THR A 580 -13.71 -23.73 -11.97
C THR A 580 -14.43 -23.67 -13.30
N ASN A 581 -14.93 -24.83 -13.74
CA ASN A 581 -15.70 -24.92 -14.97
C ASN A 581 -16.44 -26.25 -15.06
N VAL A 582 -17.76 -26.20 -15.24
CA VAL A 582 -18.58 -27.41 -15.35
C VAL A 582 -19.75 -27.10 -16.27
N LEU A 583 -20.10 -28.07 -17.12
CA LEU A 583 -21.21 -27.94 -18.05
C LEU A 583 -22.27 -28.97 -17.69
N THR A 584 -23.53 -28.50 -17.62
CA THR A 584 -24.64 -29.36 -17.21
C THR A 584 -25.88 -29.24 -18.09
N ASN A 585 -25.91 -28.31 -19.04
CA ASN A 585 -27.10 -28.12 -19.86
C ASN A 585 -26.74 -27.42 -21.17
N PRO A 586 -27.12 -27.98 -22.33
CA PRO A 586 -26.83 -27.29 -23.59
C PRO A 586 -27.83 -26.18 -23.90
N ARG A 600 -14.39 -25.15 -36.94
CA ARG A 600 -13.61 -25.26 -35.72
C ARG A 600 -13.24 -26.72 -35.44
N SER A 601 -12.82 -27.42 -36.49
CA SER A 601 -12.46 -28.83 -36.33
C SER A 601 -11.31 -29.00 -35.35
N GLY A 602 -10.29 -28.15 -35.45
CA GLY A 602 -9.20 -28.21 -34.51
C GLY A 602 -9.64 -27.81 -33.11
N ASN A 603 -8.94 -28.37 -32.12
CA ASN A 603 -9.26 -28.09 -30.72
C ASN A 603 -8.79 -26.69 -30.39
N CYS A 604 -9.56 -25.70 -30.82
CA CYS A 604 -9.24 -24.29 -30.63
C CYS A 604 -7.85 -24.01 -31.21
N LYS A 605 -7.78 -24.16 -32.54
CA LYS A 605 -6.51 -24.05 -33.24
C LYS A 605 -5.75 -22.80 -32.82
N THR A 606 -4.43 -22.94 -32.71
CA THR A 606 -3.56 -21.94 -32.09
C THR A 606 -2.87 -21.11 -33.17
N PHE A 607 -3.51 -20.00 -33.54
CA PHE A 607 -3.03 -19.07 -34.57
C PHE A 607 -2.43 -19.80 -35.77
N ASP A 608 -3.27 -20.59 -36.44
CA ASP A 608 -2.89 -21.27 -37.67
C ASP A 608 -3.99 -21.05 -38.70
N ASP A 609 -3.94 -21.81 -39.79
CA ASP A 609 -4.84 -21.61 -40.92
C ASP A 609 -6.29 -21.41 -40.49
N GLU A 610 -6.87 -22.43 -39.85
CA GLU A 610 -8.28 -22.42 -39.46
C GLU A 610 -8.37 -22.40 -37.94
N ALA A 611 -8.71 -21.24 -37.38
CA ALA A 611 -8.89 -21.09 -35.94
C ALA A 611 -10.09 -20.20 -35.64
N ASP A 612 -11.11 -20.25 -36.50
CA ASP A 612 -12.25 -19.35 -36.34
C ASP A 612 -12.94 -19.55 -35.00
N GLY A 613 -13.13 -20.81 -34.59
CA GLY A 613 -13.79 -21.13 -33.36
C GLY A 613 -12.86 -21.68 -32.29
N TYR A 614 -13.47 -22.19 -31.22
CA TYR A 614 -12.74 -22.77 -30.12
C TYR A 614 -13.61 -23.83 -29.46
N CYS A 615 -12.96 -24.72 -28.70
CA CYS A 615 -13.61 -25.84 -28.06
C CYS A 615 -13.67 -25.58 -26.56
N ARG A 616 -14.87 -25.57 -26.00
CA ARG A 616 -15.01 -25.39 -24.56
C ARG A 616 -14.36 -26.56 -23.84
N GLY A 617 -13.60 -26.26 -22.79
CA GLY A 617 -12.92 -27.28 -22.03
C GLY A 617 -13.24 -27.17 -20.56
N GLU A 618 -13.24 -28.32 -19.88
CA GLU A 618 -13.55 -28.40 -18.47
C GLU A 618 -12.27 -28.56 -17.67
N ALA A 619 -12.16 -27.84 -16.56
CA ALA A 619 -10.98 -27.89 -15.71
C ALA A 619 -11.31 -27.26 -14.36
N VAL A 620 -10.44 -27.49 -13.40
CA VAL A 620 -10.59 -26.93 -12.06
C VAL A 620 -9.23 -26.92 -11.39
N VAL A 621 -8.92 -25.84 -10.70
CA VAL A 621 -7.61 -25.64 -10.08
C VAL A 621 -7.80 -24.98 -8.72
N THR A 622 -6.86 -25.24 -7.81
CA THR A 622 -6.78 -24.52 -6.55
C THR A 622 -5.33 -24.39 -6.16
N LEU A 623 -4.89 -23.17 -5.89
CA LEU A 623 -3.52 -22.90 -5.46
C LEU A 623 -3.51 -22.49 -4.00
N ILE A 624 -2.31 -22.50 -3.42
CA ILE A 624 -2.08 -22.08 -2.04
C ILE A 624 -0.97 -21.05 -2.07
N LEU A 625 -1.32 -19.80 -1.77
CA LEU A 625 -0.40 -18.68 -1.84
C LEU A 625 -0.02 -18.25 -0.42
N LYS A 626 1.18 -17.68 -0.30
CA LYS A 626 1.65 -17.22 0.99
C LYS A 626 2.89 -16.35 0.77
N ARG A 627 3.03 -15.30 1.57
CA ARG A 627 4.17 -14.41 1.45
C ARG A 627 5.47 -15.20 1.63
N LEU A 628 6.44 -14.93 0.76
CA LEU A 628 7.66 -15.72 0.76
C LEU A 628 8.38 -15.69 2.11
N PRO A 629 8.59 -14.54 2.74
CA PRO A 629 9.25 -14.58 4.07
C PRO A 629 8.48 -15.40 5.08
N ASP A 630 7.14 -15.35 5.03
CA ASP A 630 6.34 -16.17 5.95
C ASP A 630 6.51 -17.65 5.67
N ALA A 631 6.35 -18.05 4.40
CA ALA A 631 6.41 -19.46 4.07
C ALA A 631 7.79 -20.03 4.34
N GLN A 632 8.84 -19.29 3.99
CA GLN A 632 10.20 -19.80 4.16
C GLN A 632 10.52 -20.05 5.63
N ALA A 633 9.94 -19.27 6.54
CA ALA A 633 10.17 -19.48 7.96
C ALA A 633 9.45 -20.73 8.47
N ASP A 634 8.34 -21.10 7.84
CA ASP A 634 7.58 -22.28 8.24
C ASP A 634 8.02 -23.54 7.52
N LYS A 635 9.04 -23.46 6.68
CA LYS A 635 9.61 -24.62 5.99
C LYS A 635 8.52 -25.41 5.26
N ASP A 636 7.87 -24.74 4.33
CA ASP A 636 6.84 -25.32 3.49
C ASP A 636 7.40 -25.66 2.13
N PRO A 637 6.67 -26.44 1.33
CA PRO A 637 7.19 -26.88 0.02
C PRO A 637 6.98 -25.84 -1.08
N ILE A 638 7.86 -24.85 -1.09
CA ILE A 638 7.75 -23.76 -2.06
C ILE A 638 7.99 -24.31 -3.46
N GLN A 639 7.20 -23.83 -4.41
CA GLN A 639 7.25 -24.29 -5.80
C GLN A 639 7.69 -23.19 -6.75
N ALA A 640 7.18 -21.98 -6.59
CA ALA A 640 7.57 -20.84 -7.42
C ALA A 640 7.26 -19.58 -6.63
N SER A 641 7.34 -18.43 -7.30
CA SER A 641 7.03 -17.17 -6.64
C SER A 641 6.55 -16.16 -7.67
N ILE A 642 5.54 -15.38 -7.32
CA ILE A 642 4.93 -14.40 -8.21
C ILE A 642 5.60 -13.06 -7.94
N LEU A 643 6.52 -12.68 -8.83
CA LEU A 643 7.26 -11.43 -8.64
C LEU A 643 6.33 -10.22 -8.76
N GLY A 644 5.55 -10.16 -9.83
CA GLY A 644 4.68 -9.02 -10.06
C GLY A 644 3.47 -9.42 -10.88
N ILE A 645 2.56 -8.48 -11.04
CA ILE A 645 1.33 -8.72 -11.79
C ILE A 645 0.70 -7.37 -12.12
N ALA A 646 0.08 -7.30 -13.30
CA ALA A 646 -0.53 -6.07 -13.77
C ALA A 646 -1.77 -6.39 -14.58
N THR A 647 -2.54 -5.36 -14.89
CA THR A 647 -3.79 -5.51 -15.63
C THR A 647 -3.99 -4.29 -16.51
N ASN A 648 -4.72 -4.50 -17.60
CA ASN A 648 -5.06 -3.41 -18.52
C ASN A 648 -6.34 -3.78 -19.24
N HIS A 649 -7.41 -3.04 -18.97
CA HIS A 649 -8.73 -3.34 -19.51
C HIS A 649 -9.04 -2.53 -20.77
N SER A 650 -8.02 -2.00 -21.43
CA SER A 650 -8.20 -1.22 -22.64
C SER A 650 -9.01 -2.00 -23.67
N ALA A 663 -1.04 0.26 -25.36
CA ALA A 663 -1.80 -0.51 -24.38
C ALA A 663 -1.31 -1.96 -24.35
N GLN A 664 -1.32 -2.60 -25.51
CA GLN A 664 -0.90 -4.00 -25.58
C GLN A 664 0.61 -4.13 -25.39
N GLN A 665 1.38 -3.30 -26.08
CA GLN A 665 2.83 -3.42 -26.04
C GLN A 665 3.42 -2.88 -24.75
N ASP A 666 2.90 -1.76 -24.25
CA ASP A 666 3.52 -1.08 -23.13
C ASP A 666 3.31 -1.81 -21.80
N LEU A 667 2.30 -2.67 -21.71
CA LEU A 667 2.04 -3.34 -20.44
C LEU A 667 3.20 -4.24 -20.04
N PHE A 668 3.75 -4.99 -20.99
CA PHE A 668 4.86 -5.89 -20.67
C PHE A 668 6.08 -5.10 -20.20
N GLN A 669 6.40 -4.01 -20.90
CA GLN A 669 7.53 -3.19 -20.48
C GLN A 669 7.28 -2.58 -19.11
N GLN A 670 6.06 -2.14 -18.85
CA GLN A 670 5.71 -1.61 -17.53
C GLN A 670 5.96 -2.65 -16.45
N VAL A 671 5.46 -3.87 -16.66
CA VAL A 671 5.63 -4.92 -15.65
C VAL A 671 7.10 -5.24 -15.47
N LEU A 672 7.85 -5.36 -16.57
CA LEU A 672 9.25 -5.73 -16.47
C LEU A 672 10.04 -4.67 -15.72
N THR A 673 9.78 -3.39 -16.02
CA THR A 673 10.47 -2.32 -15.30
C THR A 673 10.05 -2.28 -13.84
N GLU A 674 8.79 -2.59 -13.55
CA GLU A 674 8.36 -2.67 -12.16
C GLU A 674 9.12 -3.77 -11.42
N THR A 675 9.34 -4.90 -12.09
CA THR A 675 10.09 -6.01 -11.50
C THR A 675 11.60 -5.84 -11.66
N GLY A 676 12.04 -4.85 -12.43
CA GLY A 676 13.46 -4.61 -12.62
C GLY A 676 14.20 -5.71 -13.35
N LEU A 677 13.63 -6.21 -14.43
CA LEU A 677 14.24 -7.26 -15.23
C LEU A 677 14.42 -6.79 -16.67
N THR A 678 15.44 -7.33 -17.32
CA THR A 678 15.64 -7.11 -18.75
C THR A 678 14.87 -8.17 -19.55
N ALA A 679 14.58 -7.83 -20.80
CA ALA A 679 13.72 -8.70 -21.61
C ALA A 679 14.32 -10.08 -21.78
N ASN A 680 15.62 -10.17 -22.03
CA ASN A 680 16.24 -11.46 -22.32
C ASN A 680 16.20 -12.42 -21.13
N ASP A 681 16.03 -11.90 -19.92
CA ASP A 681 15.96 -12.78 -18.76
C ASP A 681 14.79 -13.75 -18.87
N ILE A 682 13.64 -13.26 -19.31
CA ILE A 682 12.51 -14.15 -19.52
C ILE A 682 12.90 -15.24 -20.52
N SER A 683 12.32 -16.43 -20.34
CA SER A 683 12.65 -17.57 -21.18
C SER A 683 11.46 -18.30 -21.75
N VAL A 684 10.25 -18.06 -21.25
CA VAL A 684 9.07 -18.78 -21.74
C VAL A 684 7.87 -17.85 -21.57
N CYS A 685 6.87 -18.03 -22.44
CA CYS A 685 5.63 -17.27 -22.36
C CYS A 685 4.44 -18.20 -22.61
N GLU A 686 3.33 -17.88 -21.94
CA GLU A 686 2.09 -18.62 -22.11
C GLU A 686 1.03 -17.71 -22.72
N MET A 687 -0.02 -18.34 -23.25
CA MET A 687 -1.14 -17.65 -23.85
C MET A 687 -2.44 -18.13 -23.22
N ALA A 688 -3.48 -17.31 -23.37
CA ALA A 688 -4.83 -17.66 -22.95
C ALA A 688 -5.79 -17.80 -24.12
N GLY A 689 -5.86 -16.79 -24.99
CA GLY A 689 -6.66 -16.88 -26.20
C GLY A 689 -8.14 -16.95 -25.94
N THR A 690 -8.95 -16.73 -26.97
CA THR A 690 -10.40 -16.82 -26.88
C THR A 690 -11.01 -17.73 -27.94
N GLY A 691 -10.47 -17.72 -29.15
CA GLY A 691 -11.00 -18.57 -30.21
C GLY A 691 -11.07 -17.89 -31.57
N THR A 692 -10.75 -16.60 -31.62
CA THR A 692 -10.79 -15.84 -32.86
C THR A 692 -9.38 -15.67 -33.42
N GLN A 693 -9.25 -15.78 -34.75
CA GLN A 693 -7.94 -15.75 -35.38
C GLN A 693 -7.23 -14.43 -35.10
N ALA A 694 -7.95 -13.30 -35.21
CA ALA A 694 -7.33 -12.01 -34.94
C ALA A 694 -6.79 -11.96 -33.52
N GLY A 695 -7.53 -12.50 -32.55
CA GLY A 695 -7.08 -12.45 -31.18
C GLY A 695 -5.77 -13.17 -30.97
N ASP A 696 -5.66 -14.42 -31.43
CA ASP A 696 -4.43 -15.18 -31.23
C ASP A 696 -3.29 -14.57 -32.05
N SER A 697 -3.56 -14.12 -33.26
CA SER A 697 -2.51 -13.51 -34.07
C SER A 697 -1.95 -12.27 -33.39
N GLY A 698 -2.83 -11.40 -32.90
CA GLY A 698 -2.39 -10.22 -32.19
C GLY A 698 -1.63 -10.57 -30.92
N GLU A 699 -2.15 -11.52 -30.16
CA GLU A 699 -1.44 -12.01 -28.98
C GLU A 699 0.00 -12.37 -29.33
N THR A 700 0.17 -13.28 -30.29
CA THR A 700 1.51 -13.78 -30.61
C THR A 700 2.40 -12.64 -31.08
N THR A 701 1.92 -11.86 -32.05
CA THR A 701 2.79 -10.84 -32.64
C THR A 701 3.17 -9.80 -31.60
N SER A 702 2.23 -9.33 -30.80
CA SER A 702 2.55 -8.32 -29.80
C SER A 702 3.52 -8.87 -28.75
N VAL A 703 3.27 -10.09 -28.27
CA VAL A 703 4.15 -10.67 -27.25
C VAL A 703 5.57 -10.79 -27.81
N VAL A 704 5.70 -11.34 -29.02
CA VAL A 704 7.02 -11.54 -29.58
C VAL A 704 7.72 -10.20 -29.80
N GLU A 705 7.01 -9.23 -30.37
CA GLU A 705 7.63 -7.94 -30.65
C GLU A 705 8.12 -7.28 -29.36
N THR A 706 7.26 -7.25 -28.34
CA THR A 706 7.64 -6.62 -27.10
C THR A 706 8.72 -7.40 -26.35
N LEU A 707 8.86 -8.70 -26.62
CA LEU A 707 9.85 -9.53 -25.95
C LEU A 707 11.04 -9.91 -26.82
N ALA A 708 10.96 -9.72 -28.14
CA ALA A 708 12.05 -10.06 -29.05
C ALA A 708 12.50 -8.79 -29.77
N PRO A 709 13.40 -8.01 -29.18
CA PRO A 709 13.95 -6.85 -29.89
C PRO A 709 14.57 -7.27 -31.21
N LEU A 710 14.40 -6.43 -32.23
CA LEU A 710 15.05 -6.60 -33.51
C LEU A 710 16.17 -5.57 -33.64
N ASN A 711 17.37 -6.03 -33.97
CA ASN A 711 18.50 -5.12 -34.08
C ASN A 711 18.26 -4.09 -35.17
N ARG A 712 18.74 -2.87 -34.93
CA ARG A 712 18.57 -1.81 -35.91
C ARG A 712 19.19 -2.19 -37.24
N SER A 713 20.43 -2.71 -37.20
CA SER A 713 21.05 -3.23 -38.41
C SER A 713 20.39 -4.52 -38.89
N GLY A 714 19.71 -5.23 -37.99
CA GLY A 714 19.04 -6.47 -38.34
C GLY A 714 19.84 -7.69 -37.91
N SER A 715 19.44 -8.29 -36.80
CA SER A 715 20.13 -9.47 -36.27
C SER A 715 19.36 -9.94 -35.05
N ALA A 716 19.79 -11.09 -34.51
CA ALA A 716 19.19 -11.67 -33.33
C ALA A 716 19.83 -11.06 -32.08
N VAL A 717 19.09 -10.20 -31.39
CA VAL A 717 19.58 -9.58 -30.17
C VAL A 717 19.25 -10.42 -28.95
N ARG A 718 18.09 -11.06 -28.95
CA ARG A 718 17.66 -11.91 -27.84
C ARG A 718 18.48 -13.19 -27.87
N THR A 719 19.51 -13.26 -27.01
CA THR A 719 20.45 -14.38 -27.07
C THR A 719 19.76 -15.71 -26.78
N THR A 720 19.27 -15.88 -25.56
CA THR A 720 18.68 -17.14 -25.18
C THR A 720 17.36 -17.36 -25.91
N PRO A 721 17.04 -18.60 -26.27
CA PRO A 721 15.76 -18.86 -26.95
C PRO A 721 14.58 -18.48 -26.07
N LEU A 722 13.54 -17.95 -26.69
CA LEU A 722 12.32 -17.55 -25.99
C LEU A 722 11.19 -18.46 -26.48
N TYR A 723 11.06 -19.62 -25.84
CA TYR A 723 10.02 -20.55 -26.22
C TYR A 723 8.64 -19.97 -25.94
N ILE A 724 7.66 -20.44 -26.69
CA ILE A 724 6.26 -20.04 -26.52
C ILE A 724 5.41 -21.31 -26.45
N GLY A 725 4.34 -21.24 -25.67
CA GLY A 725 3.44 -22.36 -25.55
C GLY A 725 2.06 -21.89 -25.15
N ALA A 726 1.08 -22.75 -25.39
CA ALA A 726 -0.29 -22.45 -25.03
C ALA A 726 -1.02 -23.75 -24.75
N VAL A 727 -1.69 -23.81 -23.59
CA VAL A 727 -2.41 -25.01 -23.20
C VAL A 727 -3.68 -25.21 -24.02
N LYS A 728 -4.07 -24.20 -24.81
CA LYS A 728 -5.35 -24.26 -25.50
C LYS A 728 -5.50 -25.54 -26.30
N SER A 729 -4.50 -25.87 -27.11
CA SER A 729 -4.62 -27.03 -27.99
C SER A 729 -4.66 -28.33 -27.20
N ASN A 730 -3.89 -28.41 -26.11
CA ASN A 730 -3.74 -29.68 -25.41
C ASN A 730 -5.05 -30.15 -24.79
N VAL A 731 -5.78 -29.25 -24.14
CA VAL A 731 -6.98 -29.64 -23.39
C VAL A 731 -8.16 -28.74 -23.73
N GLY A 732 -7.91 -27.65 -24.44
CA GLY A 732 -8.97 -26.74 -24.82
C GLY A 732 -8.96 -25.45 -24.01
N HIS A 733 -10.13 -24.85 -23.84
CA HIS A 733 -10.26 -23.58 -23.13
C HIS A 733 -11.40 -23.69 -22.13
N ALA A 734 -11.14 -23.22 -20.90
CA ALA A 734 -12.15 -23.25 -19.85
C ALA A 734 -12.91 -21.94 -19.74
N GLU A 735 -12.35 -20.86 -20.29
CA GLU A 735 -12.94 -19.51 -20.26
C GLU A 735 -12.99 -18.89 -18.86
N SER A 736 -12.83 -19.70 -17.81
CA SER A 736 -12.75 -19.15 -16.46
C SER A 736 -11.53 -19.67 -15.74
N ALA A 737 -11.10 -20.88 -16.08
CA ALA A 737 -9.94 -21.50 -15.46
C ALA A 737 -8.72 -21.49 -16.36
N ALA A 738 -8.76 -20.78 -17.49
CA ALA A 738 -7.63 -20.81 -18.41
C ALA A 738 -6.35 -20.30 -17.74
N GLY A 739 -6.46 -19.21 -16.98
CA GLY A 739 -5.27 -18.67 -16.34
C GLY A 739 -4.67 -19.63 -15.34
N VAL A 740 -5.51 -20.24 -14.50
CA VAL A 740 -4.99 -21.15 -13.47
C VAL A 740 -4.45 -22.42 -14.13
N SER A 741 -5.10 -22.90 -15.19
CA SER A 741 -4.58 -24.07 -15.89
C SER A 741 -3.21 -23.77 -16.51
N SER A 742 -3.07 -22.60 -17.12
CA SER A 742 -1.77 -22.24 -17.67
C SER A 742 -0.72 -22.15 -16.58
N LEU A 743 -1.07 -21.54 -15.45
CA LEU A 743 -0.14 -21.46 -14.32
C LEU A 743 0.25 -22.85 -13.82
N ALA A 744 -0.71 -23.78 -13.79
CA ALA A 744 -0.40 -25.15 -13.41
C ALA A 744 0.61 -25.76 -14.38
N LYS A 745 0.42 -25.51 -15.67
CA LYS A 745 1.38 -26.00 -16.65
C LYS A 745 2.77 -25.40 -16.40
N ILE A 746 2.82 -24.11 -16.06
CA ILE A 746 4.12 -23.49 -15.76
C ILE A 746 4.76 -24.17 -14.56
N LEU A 747 3.96 -24.45 -13.52
CA LEU A 747 4.51 -25.09 -12.34
C LEU A 747 5.07 -26.47 -12.68
N LEU A 748 4.35 -27.24 -13.50
CA LEU A 748 4.86 -28.56 -13.88
C LEU A 748 6.14 -28.44 -14.70
N MET A 749 6.20 -27.48 -15.63
CA MET A 749 7.41 -27.29 -16.41
C MET A 749 8.59 -26.93 -15.51
N LEU A 750 8.35 -26.06 -14.53
CA LEU A 750 9.41 -25.70 -13.58
C LEU A 750 9.87 -26.92 -12.78
N LYS A 751 8.92 -27.71 -12.29
CA LYS A 751 9.28 -28.87 -11.48
C LYS A 751 10.09 -29.87 -12.29
N HIS A 752 9.67 -30.15 -13.52
CA HIS A 752 10.33 -31.17 -14.34
C HIS A 752 11.41 -30.60 -15.25
N SER A 753 11.55 -29.28 -15.30
CA SER A 753 12.60 -28.63 -16.10
C SER A 753 12.64 -29.18 -17.52
N LYS A 754 11.51 -29.07 -18.20
CA LYS A 754 11.36 -29.66 -19.53
C LYS A 754 10.27 -28.90 -20.28
N ILE A 755 10.64 -28.22 -21.34
CA ILE A 755 9.64 -27.54 -22.18
C ILE A 755 8.93 -28.59 -23.03
N PRO A 756 7.60 -28.68 -22.99
CA PRO A 756 6.92 -29.76 -23.70
C PRO A 756 6.90 -29.52 -25.19
N PRO A 757 6.68 -30.57 -26.00
CA PRO A 757 6.48 -30.35 -27.43
C PRO A 757 5.18 -29.61 -27.68
N HIS A 758 5.17 -28.82 -28.75
CA HIS A 758 3.99 -28.05 -29.12
C HIS A 758 3.12 -28.85 -30.08
N VAL A 759 1.81 -28.73 -29.89
CA VAL A 759 0.83 -29.37 -30.76
C VAL A 759 0.00 -28.27 -31.40
N GLY A 760 -0.34 -28.46 -32.68
CA GLY A 760 -1.03 -27.43 -33.44
C GLY A 760 -0.59 -27.35 -34.89
N ILE A 761 0.37 -28.20 -35.27
CA ILE A 761 0.80 -28.27 -36.66
C ILE A 761 -0.27 -28.86 -37.58
N LYS A 762 -1.29 -29.49 -37.02
CA LYS A 762 -2.28 -30.20 -37.83
C LYS A 762 -2.88 -29.26 -38.88
N THR A 763 -2.64 -29.59 -40.15
CA THR A 763 -3.16 -28.92 -41.34
C THR A 763 -2.44 -27.60 -41.62
N LYS A 764 -1.61 -27.08 -40.72
CA LYS A 764 -0.88 -25.86 -40.98
C LYS A 764 0.16 -25.63 -39.90
N LEU A 765 1.32 -25.10 -40.31
CA LEU A 765 2.29 -24.51 -39.41
C LEU A 765 2.39 -23.04 -39.74
N ASN A 766 2.16 -22.18 -38.74
CA ASN A 766 1.95 -20.75 -38.99
C ASN A 766 3.26 -19.99 -39.07
N HIS A 767 4.17 -20.45 -39.93
CA HIS A 767 5.37 -19.65 -40.22
C HIS A 767 4.99 -18.34 -40.89
N ARG A 768 3.86 -18.30 -41.58
CA ARG A 768 3.38 -17.07 -42.18
C ARG A 768 3.08 -16.00 -41.13
N LEU A 769 2.74 -16.42 -39.91
CA LEU A 769 2.35 -15.48 -38.88
C LEU A 769 3.46 -14.46 -38.65
N PRO A 770 3.19 -13.16 -38.75
CA PRO A 770 4.25 -12.18 -38.53
C PRO A 770 4.89 -12.35 -37.17
N ASP A 771 6.22 -12.27 -37.15
CA ASP A 771 7.00 -12.31 -35.91
C ASP A 771 6.67 -13.56 -35.10
N LEU A 772 6.67 -14.72 -35.76
CA LEU A 772 6.52 -15.97 -35.04
C LEU A 772 7.85 -16.41 -34.45
N ALA A 773 8.82 -16.73 -35.31
CA ALA A 773 10.16 -17.09 -34.85
C ALA A 773 11.14 -16.68 -35.94
N ALA A 774 11.79 -15.53 -35.74
CA ALA A 774 12.81 -15.04 -36.67
C ALA A 774 14.16 -14.84 -36.02
N ARG A 775 14.24 -14.75 -34.70
CA ARG A 775 15.52 -14.59 -34.00
C ARG A 775 15.34 -15.15 -32.59
N ASN A 776 15.81 -16.38 -32.39
CA ASN A 776 15.79 -17.04 -31.08
C ASN A 776 14.43 -16.91 -30.41
N THR A 777 13.41 -17.45 -31.08
CA THR A 777 12.07 -17.58 -30.54
C THR A 777 11.52 -18.97 -30.87
N HIS A 778 12.35 -19.98 -30.68
CA HIS A 778 12.03 -21.32 -31.16
C HIS A 778 10.78 -21.86 -30.48
N ILE A 779 10.00 -22.63 -31.25
CA ILE A 779 8.81 -23.30 -30.74
C ILE A 779 8.93 -24.79 -31.10
N ALA A 780 10.17 -25.28 -31.15
CA ALA A 780 10.41 -26.63 -31.63
C ALA A 780 9.52 -27.64 -30.92
N ARG A 781 8.91 -28.52 -31.71
CA ARG A 781 7.96 -29.50 -31.19
C ARG A 781 8.66 -30.81 -30.82
N SER A 782 9.72 -30.67 -30.03
CA SER A 782 10.43 -31.82 -29.47
C SER A 782 11.01 -31.36 -28.14
N GLU A 783 10.47 -31.87 -27.04
CA GLU A 783 10.78 -31.36 -25.72
C GLU A 783 12.27 -31.13 -25.55
N VAL A 784 12.64 -29.88 -25.24
CA VAL A 784 14.04 -29.49 -25.11
C VAL A 784 14.39 -29.39 -23.63
N PRO A 785 15.57 -29.83 -23.22
CA PRO A 785 15.96 -29.62 -21.82
C PRO A 785 15.95 -28.14 -21.46
N TRP A 786 15.52 -27.85 -20.24
CA TRP A 786 15.41 -26.48 -19.74
C TRP A 786 16.16 -26.43 -18.41
N PRO A 787 17.49 -26.44 -18.45
CA PRO A 787 18.25 -26.56 -17.20
C PRO A 787 18.19 -25.30 -16.36
N ARG A 788 18.23 -25.49 -15.06
CA ARG A 788 18.30 -24.36 -14.14
C ARG A 788 19.69 -23.72 -14.26
N PRO A 789 19.79 -22.43 -14.53
CA PRO A 789 21.13 -21.83 -14.64
C PRO A 789 21.87 -21.93 -13.31
N LYS A 790 23.16 -22.24 -13.39
CA LYS A 790 23.96 -22.39 -12.19
C LYS A 790 23.92 -21.10 -11.38
N ASN A 791 23.60 -21.23 -10.08
CA ASN A 791 23.38 -20.09 -9.21
C ASN A 791 22.59 -19.01 -9.95
N GLY A 792 21.63 -19.43 -10.77
CA GLY A 792 20.79 -18.52 -11.52
C GLY A 792 19.34 -18.74 -11.18
N LYS A 793 18.44 -18.40 -12.10
CA LYS A 793 17.01 -18.57 -11.80
C LYS A 793 16.21 -18.37 -13.08
N ARG A 794 15.24 -19.25 -13.29
CA ARG A 794 14.37 -19.13 -14.45
C ARG A 794 13.31 -18.06 -14.22
N ARG A 795 12.67 -17.63 -15.31
CA ARG A 795 11.60 -16.65 -15.24
C ARG A 795 10.64 -16.89 -16.39
N VAL A 796 9.35 -16.66 -16.14
CA VAL A 796 8.29 -16.99 -17.08
C VAL A 796 7.22 -15.90 -17.03
N LEU A 797 6.57 -15.67 -18.16
CA LEU A 797 5.43 -14.77 -18.26
C LEU A 797 4.15 -15.56 -18.44
N LEU A 798 3.03 -14.88 -18.24
CA LEU A 798 1.71 -15.48 -18.42
C LEU A 798 0.75 -14.37 -18.84
N ASN A 799 0.52 -14.25 -20.15
CA ASN A 799 -0.39 -13.25 -20.68
C ASN A 799 -1.77 -13.86 -20.84
N ASN A 800 -2.79 -13.07 -20.51
CA ASN A 800 -4.19 -13.53 -20.53
C ASN A 800 -5.04 -12.57 -21.35
N PHE A 801 -4.54 -12.20 -22.53
CA PHE A 801 -5.30 -11.32 -23.41
C PHE A 801 -6.63 -11.95 -23.78
N SER A 802 -7.68 -11.14 -23.77
CA SER A 802 -9.01 -11.59 -24.15
C SER A 802 -9.61 -10.61 -25.14
N ALA A 803 -10.69 -11.04 -25.80
CA ALA A 803 -11.31 -10.23 -26.84
C ALA A 803 -11.77 -8.88 -26.30
N ALA A 804 -12.41 -8.88 -25.14
CA ALA A 804 -12.81 -7.63 -24.51
C ALA A 804 -11.62 -6.82 -24.00
N GLY A 805 -10.43 -7.42 -23.98
CA GLY A 805 -9.25 -6.75 -23.45
C GLY A 805 -8.72 -7.47 -22.23
N GLY A 806 -8.55 -6.75 -21.13
CA GLY A 806 -8.11 -7.38 -19.90
C GLY A 806 -6.79 -8.10 -20.03
N ASN A 807 -5.81 -7.47 -20.67
CA ASN A 807 -4.50 -8.09 -20.84
C ASN A 807 -3.76 -8.03 -19.51
N THR A 808 -3.66 -9.17 -18.83
CA THR A 808 -2.98 -9.28 -17.55
C THR A 808 -1.68 -10.05 -17.74
N CYS A 809 -0.59 -9.52 -17.16
CA CYS A 809 0.71 -10.16 -17.21
C CYS A 809 1.25 -10.30 -15.79
N LEU A 810 1.67 -11.52 -15.45
CA LEU A 810 2.31 -11.80 -14.17
C LEU A 810 3.57 -12.61 -14.41
N VAL A 811 4.63 -12.26 -13.70
CA VAL A 811 5.93 -12.88 -13.88
C VAL A 811 6.14 -13.92 -12.78
N LEU A 812 6.42 -15.15 -13.17
CA LEU A 812 6.68 -16.22 -12.22
C LEU A 812 8.19 -16.30 -11.97
N GLU A 813 8.61 -17.30 -11.20
CA GLU A 813 10.01 -17.39 -10.78
C GLU A 813 10.27 -18.78 -10.23
N ASP A 814 11.53 -19.19 -10.31
CA ASP A 814 11.95 -20.43 -9.67
C ASP A 814 12.16 -20.20 -8.19
N ALA A 815 11.76 -21.16 -7.38
CA ALA A 815 11.87 -21.01 -5.94
C ALA A 815 13.33 -20.85 -5.53
N PRO A 816 13.63 -20.03 -4.52
CA PRO A 816 15.03 -19.89 -4.10
C PRO A 816 15.68 -21.22 -3.79
N GLU A 817 17.02 -21.23 -3.73
CA GLU A 817 17.74 -22.46 -3.49
C GLU A 817 17.36 -23.03 -2.12
N PRO A 818 16.98 -24.30 -2.03
CA PRO A 818 16.55 -24.84 -0.74
C PRO A 818 17.66 -24.76 0.30
N GLU A 819 17.25 -24.53 1.54
CA GLU A 819 18.20 -24.38 2.63
C GLU A 819 18.97 -25.68 2.85
N ASP A 820 20.25 -25.54 3.21
CA ASP A 820 21.12 -26.68 3.50
C ASP A 820 21.43 -26.65 4.99
N SER A 821 20.65 -27.38 5.77
CA SER A 821 20.76 -27.45 7.22
C SER A 821 20.77 -28.90 7.66
N GLN A 822 21.59 -29.71 7.00
CA GLN A 822 21.54 -31.16 7.18
C GLN A 822 21.36 -31.55 8.64
N GLU A 823 22.35 -31.23 9.48
CA GLU A 823 22.27 -31.51 10.91
C GLU A 823 21.66 -32.89 11.16
N VAL A 824 22.39 -33.91 10.72
CA VAL A 824 21.89 -35.27 10.65
C VAL A 824 21.13 -35.63 11.93
N ASP A 825 19.91 -36.11 11.77
CA ASP A 825 19.08 -36.46 12.91
C ASP A 825 19.73 -37.62 13.66
N PRO A 826 19.94 -37.52 14.97
CA PRO A 826 20.54 -38.62 15.72
C PRO A 826 19.57 -39.60 16.34
N ARG A 827 18.26 -39.32 16.31
CA ARG A 827 17.30 -40.24 16.91
C ARG A 827 17.42 -41.62 16.29
N GLU A 828 17.46 -42.64 17.13
CA GLU A 828 17.63 -44.01 16.66
C GLU A 828 16.36 -44.63 16.11
N HIS A 829 15.19 -44.12 16.51
CA HIS A 829 13.92 -44.71 16.10
C HIS A 829 12.96 -43.59 15.71
N HIS A 830 11.99 -43.94 14.87
CA HIS A 830 11.07 -42.96 14.33
C HIS A 830 9.67 -43.56 14.27
N ILE A 831 8.69 -42.68 14.08
CA ILE A 831 7.28 -43.04 14.14
C ILE A 831 6.58 -42.48 12.91
N VAL A 832 5.76 -43.30 12.27
CA VAL A 832 4.97 -42.91 11.11
C VAL A 832 3.51 -43.17 11.44
N ALA A 833 2.68 -42.14 11.33
CA ALA A 833 1.28 -42.20 11.70
C ALA A 833 0.41 -41.83 10.52
N LEU A 834 -0.64 -42.62 10.29
CA LEU A 834 -1.61 -42.36 9.24
C LEU A 834 -3.00 -42.21 9.86
N SER A 835 -3.89 -41.56 9.11
CA SER A 835 -5.23 -41.30 9.59
C SER A 835 -6.21 -41.32 8.42
N ALA A 836 -7.47 -41.58 8.74
CA ALA A 836 -8.54 -41.61 7.76
C ALA A 836 -9.86 -41.39 8.48
N LYS A 837 -10.92 -41.14 7.70
CA LYS A 837 -12.24 -40.89 8.24
C LYS A 837 -13.24 -41.98 7.85
N THR A 838 -12.75 -43.12 7.35
CA THR A 838 -13.62 -44.21 6.94
C THR A 838 -12.78 -45.47 6.75
N PRO A 839 -13.29 -46.66 7.11
CA PRO A 839 -12.46 -47.86 6.99
C PRO A 839 -11.89 -48.08 5.60
N ASP A 840 -12.73 -47.96 4.57
CA ASP A 840 -12.23 -48.13 3.21
C ASP A 840 -11.19 -47.08 2.88
N SER A 841 -11.43 -45.84 3.31
CA SER A 841 -10.43 -44.80 3.14
C SER A 841 -9.14 -45.17 3.86
N MET A 842 -9.26 -45.81 5.01
CA MET A 842 -8.07 -46.20 5.77
C MET A 842 -7.26 -47.24 5.02
N VAL A 843 -7.91 -48.27 4.48
CA VAL A 843 -7.15 -49.29 3.76
C VAL A 843 -6.56 -48.71 2.48
N ASN A 844 -7.30 -47.82 1.81
CA ASN A 844 -6.74 -47.18 0.63
C ASN A 844 -5.51 -46.37 0.98
N ASN A 845 -5.57 -45.61 2.08
CA ASN A 845 -4.40 -44.83 2.51
C ASN A 845 -3.23 -45.75 2.84
N LEU A 846 -3.50 -46.86 3.51
CA LEU A 846 -2.43 -47.80 3.84
C LEU A 846 -1.77 -48.33 2.58
N THR A 847 -2.58 -48.72 1.59
CA THR A 847 -2.02 -49.25 0.35
C THR A 847 -1.19 -48.19 -0.38
N ASN A 848 -1.70 -46.96 -0.43
CA ASN A 848 -0.95 -45.90 -1.10
C ASN A 848 0.37 -45.63 -0.38
N MET A 849 0.34 -45.59 0.95
CA MET A 849 1.57 -45.37 1.70
C MET A 849 2.58 -46.49 1.44
N ILE A 850 2.12 -47.73 1.46
CA ILE A 850 3.01 -48.86 1.22
C ILE A 850 3.62 -48.75 -0.16
N THR A 851 2.80 -48.49 -1.18
CA THR A 851 3.31 -48.37 -2.53
C THR A 851 4.34 -47.24 -2.63
N TRP A 852 4.08 -46.12 -1.96
CA TRP A 852 5.05 -45.03 -1.95
C TRP A 852 6.36 -45.49 -1.33
N ILE A 853 6.29 -46.28 -0.26
CA ILE A 853 7.51 -46.73 0.41
C ILE A 853 8.35 -47.58 -0.54
N ASP A 854 7.72 -48.52 -1.25
CA ASP A 854 8.48 -49.39 -2.13
C ASP A 854 9.16 -48.61 -3.25
N LYS A 855 8.44 -47.68 -3.87
CA LYS A 855 9.05 -46.83 -4.90
C LYS A 855 10.08 -45.90 -4.30
N HIS A 856 10.02 -45.65 -3.00
CA HIS A 856 10.97 -44.76 -2.32
C HIS A 856 11.79 -45.53 -1.28
N SER A 857 12.06 -46.81 -1.55
CA SER A 857 12.73 -47.63 -0.56
C SER A 857 14.19 -47.25 -0.37
N GLY A 858 14.82 -46.66 -1.39
CA GLY A 858 16.24 -46.39 -1.35
C GLY A 858 16.63 -44.99 -1.75
N ASP A 859 15.81 -43.99 -1.41
CA ASP A 859 16.13 -42.62 -1.79
C ASP A 859 17.43 -42.16 -1.14
N SER A 860 17.53 -42.30 0.17
CA SER A 860 18.71 -41.85 0.91
C SER A 860 18.57 -42.31 2.36
N LEU A 861 19.57 -41.96 3.16
CA LEU A 861 19.56 -42.33 4.57
C LEU A 861 18.70 -41.40 5.42
N ALA A 862 18.42 -40.19 4.94
CA ALA A 862 17.75 -39.16 5.72
C ALA A 862 16.32 -38.93 5.23
N THR A 863 15.62 -40.01 4.88
CA THR A 863 14.24 -39.94 4.43
C THR A 863 13.23 -40.28 5.52
N LEU A 864 13.52 -41.30 6.33
CA LEU A 864 12.57 -41.70 7.37
C LEU A 864 12.27 -40.56 8.34
N PRO A 865 13.25 -39.83 8.87
CA PRO A 865 12.91 -38.71 9.76
C PRO A 865 11.97 -37.71 9.11
N GLN A 866 12.23 -37.37 7.84
CA GLN A 866 11.37 -36.41 7.16
C GLN A 866 9.99 -37.00 6.89
N LEU A 867 9.93 -38.29 6.58
CA LEU A 867 8.63 -38.94 6.40
C LEU A 867 7.81 -38.86 7.68
N SER A 868 8.45 -39.15 8.81
CA SER A 868 7.76 -39.06 10.10
C SER A 868 7.30 -37.63 10.36
N TYR A 869 8.18 -36.67 10.12
CA TYR A 869 7.85 -35.28 10.37
C TYR A 869 6.62 -34.87 9.56
N THR A 870 6.57 -35.29 8.29
CA THR A 870 5.45 -34.95 7.43
C THR A 870 4.17 -35.62 7.90
N THR A 871 4.24 -36.93 8.17
CA THR A 871 3.02 -37.68 8.45
C THR A 871 2.49 -37.45 9.86
N THR A 872 3.27 -36.83 10.75
CA THR A 872 2.81 -36.55 12.10
C THR A 872 2.59 -35.07 12.37
N ALA A 873 3.60 -34.23 12.12
CA ALA A 873 3.58 -32.84 12.53
C ALA A 873 3.06 -31.89 11.47
N ARG A 874 2.66 -32.39 10.31
CA ARG A 874 2.14 -31.53 9.24
C ARG A 874 0.90 -32.14 8.62
N ARG A 875 0.00 -32.65 9.45
CA ARG A 875 -1.24 -33.24 8.96
C ARG A 875 -2.28 -33.20 10.07
N VAL A 876 -3.53 -33.07 9.68
CA VAL A 876 -4.66 -33.17 10.61
C VAL A 876 -5.01 -34.65 10.76
N HIS A 877 -5.08 -35.11 12.00
CA HIS A 877 -5.21 -36.53 12.31
C HIS A 877 -6.66 -36.84 12.63
N HIS A 878 -7.30 -37.64 11.79
CA HIS A 878 -8.73 -37.90 11.90
C HIS A 878 -8.98 -38.96 12.96
N ARG A 879 -10.20 -39.46 13.02
CA ARG A 879 -10.63 -40.31 14.13
C ARG A 879 -10.29 -41.79 13.92
N HIS A 880 -10.05 -42.22 12.68
CA HIS A 880 -9.55 -43.56 12.42
C HIS A 880 -8.04 -43.47 12.21
N ARG A 881 -7.28 -44.18 13.03
CA ARG A 881 -5.84 -43.98 13.11
C ARG A 881 -5.10 -45.31 13.09
N ALA A 882 -3.90 -45.27 12.51
CA ALA A 882 -2.96 -46.38 12.53
C ALA A 882 -1.56 -45.80 12.53
N VAL A 883 -0.61 -46.56 13.09
CA VAL A 883 0.74 -46.06 13.29
C VAL A 883 1.71 -47.24 13.25
N ALA A 884 2.92 -46.97 12.78
CA ALA A 884 3.99 -47.95 12.74
C ALA A 884 5.29 -47.30 13.16
N THR A 885 6.11 -48.05 13.88
CA THR A 885 7.38 -47.55 14.39
C THR A 885 8.50 -48.52 14.01
N GLY A 886 9.71 -47.98 13.88
CA GLY A 886 10.84 -48.80 13.51
C GLY A 886 12.09 -47.96 13.36
N THR A 887 13.11 -48.58 12.77
CA THR A 887 14.41 -47.94 12.56
C THR A 887 14.64 -47.52 11.12
N ASP A 888 14.15 -48.30 10.16
CA ASP A 888 14.36 -48.02 8.74
C ASP A 888 13.06 -48.26 7.99
N LEU A 889 13.02 -47.75 6.76
CA LEU A 889 11.79 -47.83 5.96
C LEU A 889 11.36 -49.28 5.77
N LEU A 890 12.28 -50.24 5.85
CA LEU A 890 11.90 -51.64 5.69
C LEU A 890 11.01 -52.10 6.83
N GLN A 891 11.37 -51.76 8.07
CA GLN A 891 10.53 -52.13 9.20
C GLN A 891 9.17 -51.45 9.13
N ILE A 892 9.14 -50.18 8.72
CA ILE A 892 7.88 -49.48 8.55
C ILE A 892 7.03 -50.20 7.51
N ARG A 893 7.64 -50.60 6.39
CA ARG A 893 6.90 -51.29 5.35
C ARG A 893 6.33 -52.60 5.86
N SER A 894 7.13 -53.37 6.60
CA SER A 894 6.65 -54.64 7.12
C SER A 894 5.49 -54.43 8.08
N SER A 895 5.60 -53.47 8.98
CA SER A 895 4.54 -53.21 9.94
C SER A 895 3.25 -52.77 9.24
N LEU A 896 3.38 -51.85 8.28
CA LEU A 896 2.20 -51.39 7.56
C LEU A 896 1.56 -52.53 6.79
N GLN A 897 2.37 -53.38 6.15
CA GLN A 897 1.82 -54.52 5.43
C GLN A 897 1.08 -55.45 6.37
N GLU A 898 1.66 -55.71 7.55
CA GLU A 898 1.00 -56.59 8.51
C GLU A 898 -0.34 -56.01 8.95
N GLN A 899 -0.36 -54.70 9.25
CA GLN A 899 -1.61 -54.07 9.65
C GLN A 899 -2.63 -54.12 8.52
N LEU A 900 -2.18 -53.91 7.28
CA LEU A 900 -3.10 -53.97 6.14
C LEU A 900 -3.70 -55.35 6.00
N ASP A 901 -2.87 -56.39 6.08
CA ASP A 901 -3.39 -57.75 5.98
C ASP A 901 -4.37 -58.03 7.12
N ARG A 902 -4.04 -57.60 8.33
CA ARG A 902 -4.96 -57.77 9.44
C ARG A 902 -6.31 -57.10 9.14
N ARG A 903 -6.27 -55.88 8.60
CA ARG A 903 -7.50 -55.13 8.37
C ARG A 903 -8.34 -55.79 7.29
N VAL A 904 -7.74 -56.14 6.15
CA VAL A 904 -8.50 -56.70 5.05
C VAL A 904 -8.97 -58.12 5.36
N SER A 905 -8.37 -58.77 6.35
CA SER A 905 -8.77 -60.13 6.68
C SER A 905 -10.24 -60.23 7.07
N GLY A 906 -10.84 -59.14 7.55
CA GLY A 906 -12.24 -59.16 7.92
C GLY A 906 -12.54 -58.31 9.14
N GLU A 907 -11.52 -57.96 9.91
CA GLU A 907 -11.71 -57.14 11.11
C GLU A 907 -11.86 -55.68 10.70
N ARG A 908 -12.96 -55.07 11.11
CA ARG A 908 -13.21 -53.67 10.79
C ARG A 908 -12.42 -52.75 11.73
N SER A 909 -12.31 -51.50 11.34
CA SER A 909 -11.67 -50.47 12.14
C SER A 909 -12.71 -49.61 12.82
N ILE A 910 -12.55 -49.38 14.11
CA ILE A 910 -13.51 -48.60 14.89
C ILE A 910 -12.82 -47.33 15.38
N PRO A 911 -13.54 -46.21 15.45
CA PRO A 911 -12.90 -44.96 15.89
C PRO A 911 -12.45 -45.03 17.34
N HIS A 912 -11.39 -44.31 17.63
CA HIS A 912 -10.88 -44.21 19.00
C HIS A 912 -11.92 -43.52 19.88
N PRO A 913 -11.75 -43.52 21.19
CA PRO A 913 -12.76 -42.92 22.05
C PRO A 913 -12.99 -41.47 21.68
N PRO A 914 -14.23 -40.97 21.79
CA PRO A 914 -14.56 -39.65 21.25
C PRO A 914 -13.64 -38.55 21.74
N ASN A 915 -13.57 -38.36 23.06
CA ASN A 915 -12.78 -37.26 23.60
C ASN A 915 -11.29 -37.59 23.61
N GLY A 916 -10.90 -38.63 24.34
CA GLY A 916 -9.51 -39.02 24.42
C GLY A 916 -9.23 -39.90 25.62
N PRO A 917 -7.97 -40.23 25.83
CA PRO A 917 -7.59 -41.08 26.97
C PRO A 917 -7.26 -40.25 28.21
N SER A 918 -7.26 -40.95 29.34
CA SER A 918 -6.95 -40.35 30.63
C SER A 918 -5.69 -40.99 31.18
N PHE A 919 -4.70 -40.16 31.51
CA PHE A 919 -3.43 -40.64 32.03
C PHE A 919 -3.35 -40.44 33.54
N VAL A 920 -2.88 -41.46 34.24
CA VAL A 920 -2.63 -41.39 35.68
C VAL A 920 -1.12 -41.54 35.85
N LEU A 921 -0.44 -40.42 36.08
CA LEU A 921 1.01 -40.43 36.16
C LEU A 921 1.46 -41.22 37.38
N ALA A 922 2.77 -41.36 37.53
CA ALA A 922 3.35 -42.11 38.64
C ALA A 922 4.79 -41.67 38.83
N PHE A 923 5.17 -41.43 40.07
CA PHE A 923 6.53 -40.98 40.42
C PHE A 923 7.18 -42.04 41.29
N THR A 924 8.40 -42.44 40.91
CA THR A 924 9.10 -43.52 41.59
C THR A 924 9.99 -42.97 42.70
N GLY A 925 10.50 -43.91 43.52
CA GLY A 925 11.40 -43.57 44.60
C GLY A 925 12.84 -43.48 44.14
N GLN A 926 13.73 -43.34 45.11
CA GLN A 926 15.16 -43.21 44.85
C GLN A 926 15.86 -44.57 44.74
N GLY A 927 15.11 -45.64 44.49
CA GLY A 927 15.66 -46.97 44.36
C GLY A 927 16.02 -47.38 42.95
N SER A 928 15.98 -46.45 41.98
CA SER A 928 16.25 -46.77 40.59
C SER A 928 17.26 -45.80 39.99
N ALA A 929 18.08 -45.18 40.82
CA ALA A 929 19.08 -44.24 40.34
C ALA A 929 20.25 -44.97 39.69
N PHE A 930 20.62 -44.54 38.50
CA PHE A 930 21.75 -45.12 37.78
C PHE A 930 22.57 -44.01 37.15
N ALA A 931 23.83 -44.32 36.89
CA ALA A 931 24.75 -43.32 36.34
C ALA A 931 24.25 -42.85 34.97
N GLY A 932 24.50 -41.58 34.68
CA GLY A 932 24.05 -40.99 33.44
C GLY A 932 22.55 -40.88 33.32
N MET A 933 21.88 -40.43 34.38
CA MET A 933 20.43 -40.29 34.36
C MET A 933 20.01 -39.29 33.29
N GLY A 934 19.19 -39.74 32.35
CA GLY A 934 18.65 -38.87 31.32
C GLY A 934 19.67 -37.95 30.68
N VAL A 935 20.90 -38.43 30.52
CA VAL A 935 21.94 -37.60 29.93
C VAL A 935 21.59 -37.27 28.48
N ASP A 936 21.11 -38.26 27.73
CA ASP A 936 20.72 -38.00 26.34
C ASP A 936 19.59 -36.97 26.28
N LEU A 937 18.60 -37.11 27.16
CA LEU A 937 17.50 -36.15 27.18
C LEU A 937 18.00 -34.74 27.40
N TYR A 938 18.84 -34.55 28.43
CA TYR A 938 19.42 -33.24 28.68
C TYR A 938 20.24 -32.77 27.49
N LYS A 939 20.85 -33.70 26.75
CA LYS A 939 21.72 -33.31 25.64
C LYS A 939 20.92 -32.79 24.46
N ARG A 940 19.83 -33.46 24.09
CA ARG A 940 19.07 -33.07 22.91
C ARG A 940 18.11 -31.92 23.20
N PHE A 941 17.14 -32.16 24.08
CA PHE A 941 16.04 -31.23 24.26
C PHE A 941 16.52 -29.91 24.85
N ALA A 942 16.05 -28.80 24.28
CA ALA A 942 16.39 -27.49 24.80
C ALA A 942 15.61 -27.17 26.07
N SER A 943 14.33 -27.55 26.11
CA SER A 943 13.53 -27.26 27.30
C SER A 943 14.08 -27.94 28.53
N PHE A 944 14.46 -29.22 28.39
CA PHE A 944 15.01 -29.95 29.53
C PHE A 944 16.30 -29.30 30.01
N ARG A 945 17.19 -28.93 29.08
CA ARG A 945 18.44 -28.31 29.47
C ARG A 945 18.21 -26.98 30.17
N SER A 946 17.29 -26.17 29.64
CA SER A 946 16.99 -24.89 30.28
C SER A 946 16.43 -25.09 31.68
N ASP A 947 15.52 -26.06 31.84
CA ASP A 947 14.96 -26.32 33.16
C ASP A 947 16.04 -26.75 34.14
N ILE A 948 16.93 -27.64 33.72
CA ILE A 948 17.98 -28.12 34.62
C ILE A 948 18.92 -26.97 34.97
N ALA A 949 19.27 -26.14 33.99
CA ALA A 949 20.14 -25.00 34.26
C ALA A 949 19.50 -24.06 35.27
N ARG A 950 18.21 -23.79 35.11
CA ARG A 950 17.51 -22.93 36.04
C ARG A 950 17.49 -23.51 37.45
N TYR A 951 17.21 -24.82 37.55
CA TYR A 951 17.15 -25.44 38.87
C TYR A 951 18.53 -25.41 39.54
N ASP A 952 19.58 -25.61 38.75
CA ASP A 952 20.93 -25.44 39.28
C ASP A 952 21.16 -24.01 39.76
N GLN A 953 20.70 -23.03 38.98
CA GLN A 953 20.84 -21.64 39.38
C GLN A 953 20.17 -21.39 40.72
N ILE A 954 18.97 -21.92 40.91
CA ILE A 954 18.26 -21.76 42.18
C ILE A 954 19.01 -22.46 43.30
N CYS A 955 19.50 -23.68 43.03
CA CYS A 955 20.24 -24.42 44.05
C CYS A 955 21.43 -23.60 44.57
N GLU A 956 22.26 -23.09 43.65
CA GLU A 956 23.51 -22.46 44.07
C GLU A 956 23.24 -21.23 44.93
N GLY A 957 22.25 -20.42 44.55
CA GLY A 957 21.94 -19.23 45.32
C GLY A 957 21.24 -19.52 46.63
N MET A 958 20.66 -20.72 46.78
CA MET A 958 19.95 -21.10 47.99
C MET A 958 20.85 -21.86 48.95
N SER A 959 22.14 -21.96 48.67
CA SER A 959 23.09 -22.67 49.53
C SER A 959 22.87 -24.18 49.48
N LEU A 960 22.67 -24.71 48.28
CA LEU A 960 22.55 -26.14 48.05
C LEU A 960 23.51 -26.56 46.96
N PRO A 961 24.00 -27.80 46.99
CA PRO A 961 25.02 -28.22 46.03
C PRO A 961 24.51 -28.15 44.59
N SER A 962 25.41 -27.77 43.69
CA SER A 962 25.06 -27.71 42.27
C SER A 962 24.80 -29.11 41.72
N ILE A 963 23.91 -29.18 40.72
CA ILE A 963 23.50 -30.44 40.12
C ILE A 963 23.67 -30.45 38.62
N LYS A 964 24.08 -29.34 38.01
CA LYS A 964 24.25 -29.32 36.55
C LYS A 964 25.26 -30.36 36.11
N ALA A 965 26.38 -30.47 36.83
CA ALA A 965 27.42 -31.43 36.45
C ALA A 965 26.91 -32.87 36.47
N MET A 966 25.87 -33.15 37.25
CA MET A 966 25.32 -34.51 37.28
C MET A 966 24.81 -34.94 35.92
N PHE A 967 24.46 -34.00 35.05
CA PHE A 967 23.95 -34.30 33.72
C PHE A 967 24.94 -34.02 32.61
N GLU A 968 25.75 -32.98 32.76
CA GLU A 968 26.68 -32.60 31.70
C GLU A 968 27.77 -33.64 31.51
N ASP A 969 28.27 -34.20 32.61
CA ASP A 969 29.47 -35.04 32.57
C ASP A 969 29.17 -36.53 32.75
N GLU A 970 28.18 -36.88 33.57
CA GLU A 970 27.75 -38.26 33.76
C GLU A 970 28.74 -39.07 34.58
N LYS A 971 29.92 -38.50 34.87
CA LYS A 971 30.94 -39.21 35.63
C LYS A 971 30.95 -38.83 37.10
N VAL A 972 30.41 -37.67 37.46
CA VAL A 972 30.39 -37.24 38.86
C VAL A 972 29.42 -38.05 39.70
N PHE A 973 28.52 -38.81 39.08
CA PHE A 973 27.57 -39.61 39.84
C PHE A 973 28.24 -40.70 40.65
N SER A 974 29.51 -41.02 40.35
CA SER A 974 30.18 -42.11 41.02
C SER A 974 30.15 -41.95 42.54
N THR A 975 30.50 -40.76 43.03
CA THR A 975 30.59 -40.48 44.46
C THR A 975 29.81 -39.23 44.81
N ALA A 976 28.59 -39.12 44.31
CA ALA A 976 27.73 -37.99 44.64
C ALA A 976 27.22 -38.11 46.06
N SER A 977 27.18 -36.99 46.77
CA SER A 977 26.70 -36.99 48.14
C SER A 977 25.21 -37.30 48.18
N PRO A 978 24.73 -37.92 49.26
CA PRO A 978 23.29 -38.27 49.31
C PRO A 978 22.36 -37.09 49.11
N THR A 979 22.72 -35.93 49.66
CA THR A 979 21.89 -34.74 49.44
C THR A 979 21.84 -34.39 47.96
N LEU A 980 23.00 -34.43 47.29
CA LEU A 980 23.03 -34.15 45.86
C LEU A 980 22.21 -35.19 45.10
N GLN A 981 22.28 -36.46 45.52
CA GLN A 981 21.50 -37.50 44.86
C GLN A 981 20.00 -37.21 44.98
N GLN A 982 19.54 -36.89 46.18
CA GLN A 982 18.12 -36.58 46.36
C GLN A 982 17.71 -35.38 45.53
N LEU A 983 18.54 -34.33 45.53
CA LEU A 983 18.22 -33.14 44.75
C LEU A 983 18.10 -33.47 43.28
N THR A 984 19.13 -34.11 42.71
CA THR A 984 19.12 -34.40 41.28
C THR A 984 17.97 -35.32 40.93
N HIS A 985 17.62 -36.25 41.82
CA HIS A 985 16.43 -37.07 41.58
C HIS A 985 15.20 -36.20 41.43
N VAL A 986 14.99 -35.28 42.38
CA VAL A 986 13.77 -34.47 42.34
C VAL A 986 13.76 -33.58 41.09
N CYS A 987 14.89 -32.96 40.78
CA CYS A 987 14.91 -32.06 39.62
C CYS A 987 14.78 -32.83 38.31
N PHE A 988 15.35 -34.03 38.22
CA PHE A 988 15.15 -34.84 37.03
C PHE A 988 13.67 -35.18 36.86
N GLN A 989 13.02 -35.62 37.95
CA GLN A 989 11.61 -35.94 37.86
C GLN A 989 10.81 -34.72 37.43
N MET A 990 11.11 -33.56 38.01
CA MET A 990 10.36 -32.35 37.70
C MET A 990 10.51 -31.97 36.23
N ALA A 991 11.75 -31.92 35.75
CA ALA A 991 11.99 -31.53 34.36
C ALA A 991 11.36 -32.51 33.40
N LEU A 992 11.47 -33.82 33.69
CA LEU A 992 10.89 -34.82 32.80
C LEU A 992 9.37 -34.67 32.76
N TYR A 993 8.74 -34.42 33.91
CA TYR A 993 7.30 -34.22 33.91
C TYR A 993 6.92 -33.00 33.09
N ARG A 994 7.61 -31.88 33.30
CA ARG A 994 7.32 -30.68 32.52
C ARG A 994 7.46 -30.97 31.02
N LEU A 995 8.45 -31.78 30.65
CA LEU A 995 8.64 -32.11 29.25
C LEU A 995 7.47 -32.94 28.72
N TRP A 996 7.07 -33.98 29.46
CA TRP A 996 5.96 -34.81 29.01
C TRP A 996 4.67 -34.01 28.92
N LYS A 997 4.47 -33.06 29.84
CA LYS A 997 3.32 -32.18 29.73
C LYS A 997 3.37 -31.35 28.46
N SER A 998 4.58 -30.93 28.06
CA SER A 998 4.74 -30.14 26.85
C SER A 998 4.31 -30.91 25.61
N LEU A 999 4.22 -32.23 25.69
CA LEU A 999 3.80 -33.07 24.57
C LEU A 999 2.32 -33.46 24.67
N GLY A 1000 1.48 -32.59 25.22
CA GLY A 1000 0.05 -32.83 25.22
C GLY A 1000 -0.42 -33.88 26.19
N VAL A 1001 0.41 -34.30 27.14
CA VAL A 1001 0.04 -35.29 28.14
C VAL A 1001 -0.40 -34.52 29.39
N GLN A 1002 -1.71 -34.37 29.56
CA GLN A 1002 -2.27 -33.71 30.74
C GLN A 1002 -2.75 -34.79 31.70
N ALA A 1003 -2.23 -34.76 32.92
CA ALA A 1003 -2.54 -35.79 33.89
C ALA A 1003 -3.95 -35.61 34.45
N LYS A 1004 -4.53 -36.71 34.90
CA LYS A 1004 -5.82 -36.70 35.59
C LYS A 1004 -5.69 -37.20 37.03
N ALA A 1005 -4.50 -37.63 37.45
CA ALA A 1005 -4.22 -38.06 38.80
C ALA A 1005 -2.74 -38.37 38.88
N VAL A 1006 -2.20 -38.37 40.09
CA VAL A 1006 -0.79 -38.64 40.33
C VAL A 1006 -0.65 -39.53 41.56
N VAL A 1007 0.56 -40.07 41.74
CA VAL A 1007 0.88 -40.86 42.92
C VAL A 1007 2.39 -40.89 43.10
N GLY A 1008 2.83 -40.67 44.33
CA GLY A 1008 4.25 -40.71 44.66
C GLY A 1008 4.54 -41.75 45.72
N HIS A 1009 5.31 -42.77 45.35
CA HIS A 1009 5.55 -43.89 46.26
C HIS A 1009 6.55 -43.57 47.36
N ALA A 1010 7.38 -42.56 47.16
CA ALA A 1010 8.53 -42.31 48.02
C ALA A 1010 8.91 -40.85 47.85
N LEU A 1011 10.17 -40.52 48.19
CA LEU A 1011 10.70 -39.17 48.03
C LEU A 1011 10.12 -38.49 46.79
N GLY A 1012 10.00 -39.22 45.69
CA GLY A 1012 9.39 -38.69 44.49
C GLY A 1012 8.03 -38.05 44.71
N GLU A 1013 7.41 -38.28 45.87
CA GLU A 1013 6.14 -37.63 46.18
C GLU A 1013 6.23 -36.12 46.02
N TYR A 1014 7.37 -35.54 46.40
CA TYR A 1014 7.49 -34.08 46.37
C TYR A 1014 7.28 -33.55 44.96
N ALA A 1015 7.83 -34.23 43.95
CA ALA A 1015 7.57 -33.84 42.58
C ALA A 1015 6.09 -33.98 42.23
N ALA A 1016 5.42 -34.99 42.79
CA ALA A 1016 4.00 -35.15 42.52
C ALA A 1016 3.20 -33.94 43.02
N LEU A 1017 3.67 -33.29 44.08
CA LEU A 1017 2.97 -32.12 44.58
C LEU A 1017 2.98 -31.00 43.53
N TYR A 1018 4.12 -30.76 42.90
CA TYR A 1018 4.15 -29.80 41.80
C TYR A 1018 3.28 -30.30 40.65
N ALA A 1019 3.36 -31.59 40.34
CA ALA A 1019 2.52 -32.15 39.29
C ALA A 1019 1.06 -31.79 39.50
N ALA A 1020 0.61 -31.81 40.76
CA ALA A 1020 -0.73 -31.40 41.11
C ALA A 1020 -0.85 -29.90 41.37
N GLY A 1021 0.26 -29.17 41.33
CA GLY A 1021 0.24 -27.73 41.55
C GLY A 1021 0.23 -27.31 42.99
N VAL A 1022 0.39 -28.25 43.92
CA VAL A 1022 0.29 -27.91 45.34
C VAL A 1022 1.48 -27.06 45.78
N LEU A 1023 2.66 -27.33 45.24
CA LEU A 1023 3.86 -26.57 45.54
C LEU A 1023 4.38 -25.89 44.28
N SER A 1024 5.36 -25.03 44.47
CA SER A 1024 6.13 -24.43 43.39
C SER A 1024 7.46 -25.15 43.24
N GLN A 1025 8.10 -24.93 42.09
CA GLN A 1025 9.40 -25.56 41.86
C GLN A 1025 10.39 -25.16 42.93
N SER A 1026 10.50 -23.86 43.20
CA SER A 1026 11.44 -23.38 44.22
C SER A 1026 11.06 -23.91 45.59
N ASP A 1027 9.78 -23.91 45.93
CA ASP A 1027 9.36 -24.37 47.24
C ASP A 1027 9.70 -25.85 47.43
N THR A 1028 9.36 -26.68 46.45
CA THR A 1028 9.64 -28.10 46.55
C THR A 1028 11.14 -28.36 46.62
N LEU A 1029 11.91 -27.68 45.78
CA LEU A 1029 13.36 -27.84 45.81
C LEU A 1029 13.92 -27.46 47.18
N TYR A 1030 13.47 -26.33 47.73
CA TYR A 1030 13.97 -25.91 49.03
C TYR A 1030 13.62 -26.92 50.11
N LEU A 1031 12.39 -27.42 50.09
CA LEU A 1031 11.98 -28.39 51.11
C LEU A 1031 12.84 -29.65 51.03
N VAL A 1032 13.02 -30.20 49.83
CA VAL A 1032 13.79 -31.42 49.69
C VAL A 1032 15.24 -31.18 50.11
N GLY A 1033 15.83 -30.08 49.64
CA GLY A 1033 17.23 -29.81 49.98
C GLY A 1033 17.43 -29.61 51.47
N ARG A 1034 16.51 -28.90 52.11
CA ARG A 1034 16.64 -28.67 53.54
C ARG A 1034 16.49 -29.96 54.32
N ARG A 1035 15.55 -30.82 53.93
CA ARG A 1035 15.44 -32.12 54.57
C ARG A 1035 16.72 -32.91 54.42
N ALA A 1036 17.28 -32.92 53.21
CA ALA A 1036 18.51 -33.67 52.98
C ALA A 1036 19.64 -33.12 53.84
N GLN A 1037 19.75 -31.79 53.92
CA GLN A 1037 20.83 -31.19 54.70
C GLN A 1037 20.69 -31.52 56.18
N LEU A 1038 19.48 -31.41 56.71
CA LEU A 1038 19.27 -31.74 58.12
C LEU A 1038 19.56 -33.20 58.39
N MET A 1039 19.12 -34.08 57.49
CA MET A 1039 19.38 -35.51 57.64
C MET A 1039 20.88 -35.80 57.64
N GLU A 1040 21.62 -35.15 56.73
CA GLU A 1040 23.06 -35.34 56.68
C GLU A 1040 23.73 -34.83 57.95
N LYS A 1041 23.24 -33.70 58.47
CA LYS A 1041 23.89 -33.06 59.61
C LYS A 1041 23.66 -33.83 60.89
N HIS A 1042 22.41 -34.00 61.29
CA HIS A 1042 22.11 -34.43 62.65
C HIS A 1042 22.73 -35.78 62.98
N LEU A 1043 22.47 -36.79 62.15
CA LEU A 1043 22.98 -38.12 62.39
C LEU A 1043 24.15 -38.42 61.45
N SER A 1044 24.63 -39.67 61.48
CA SER A 1044 25.79 -40.09 60.71
C SER A 1044 25.46 -41.36 59.95
N GLN A 1045 26.32 -41.69 58.99
CA GLN A 1045 26.10 -42.84 58.13
C GLN A 1045 26.40 -44.14 58.88
N GLY A 1046 26.06 -45.25 58.23
CA GLY A 1046 26.36 -46.56 58.77
C GLY A 1046 25.69 -46.84 60.11
N THR A 1047 24.40 -46.54 60.20
CA THR A 1047 23.64 -46.72 61.43
C THR A 1047 22.40 -47.58 61.25
N HIS A 1048 21.72 -47.47 60.11
CA HIS A 1048 20.51 -48.23 59.84
C HIS A 1048 20.59 -48.80 58.42
N ALA A 1049 19.54 -49.49 58.02
CA ALA A 1049 19.44 -50.06 56.68
C ALA A 1049 17.99 -50.46 56.44
N MET A 1050 17.74 -51.06 55.28
CA MET A 1050 16.39 -51.39 54.84
C MET A 1050 16.41 -52.75 54.17
N LEU A 1051 15.27 -53.44 54.20
CA LEU A 1051 15.19 -54.78 53.65
C LEU A 1051 13.79 -55.03 53.10
N ALA A 1052 13.74 -55.64 51.92
CA ALA A 1052 12.49 -55.89 51.19
C ALA A 1052 12.26 -57.38 51.06
N VAL A 1053 11.01 -57.80 51.30
CA VAL A 1053 10.61 -59.20 51.19
C VAL A 1053 9.26 -59.27 50.47
N ARG A 1054 8.98 -60.45 49.93
CA ARG A 1054 7.74 -60.72 49.21
C ARG A 1054 6.97 -61.78 50.00
N ALA A 1055 5.89 -61.38 50.65
CA ALA A 1055 5.07 -62.28 51.44
C ALA A 1055 3.84 -61.51 51.90
N LYS A 1056 2.95 -62.21 52.58
CA LYS A 1056 1.74 -61.60 53.13
C LYS A 1056 2.00 -61.10 54.54
N GLU A 1057 1.31 -60.03 54.91
CA GLU A 1057 1.53 -59.40 56.22
C GLU A 1057 1.43 -60.43 57.33
N GLU A 1058 0.39 -61.27 57.29
CA GLU A 1058 0.22 -62.28 58.32
C GLU A 1058 1.41 -63.24 58.36
N ALA A 1059 1.91 -63.64 57.19
CA ALA A 1059 3.08 -64.50 57.15
C ALA A 1059 4.29 -63.82 57.78
N ILE A 1060 4.50 -62.55 57.48
CA ILE A 1060 5.65 -61.82 58.03
C ILE A 1060 5.54 -61.75 59.55
N VAL A 1061 4.36 -61.40 60.05
CA VAL A 1061 4.21 -61.24 61.49
C VAL A 1061 4.33 -62.58 62.20
N ALA A 1062 3.82 -63.66 61.59
CA ALA A 1062 3.92 -64.98 62.20
C ALA A 1062 5.36 -65.47 62.22
N ALA A 1063 6.12 -65.21 61.15
CA ALA A 1063 7.48 -65.74 61.02
C ALA A 1063 8.54 -64.79 61.58
N ILE A 1064 8.15 -63.66 62.14
CA ILE A 1064 9.09 -62.69 62.70
C ILE A 1064 8.95 -62.68 64.21
N ASP A 1065 10.06 -62.43 64.90
CA ASP A 1065 10.10 -62.39 66.35
C ASP A 1065 9.98 -60.95 66.83
N GLY A 1066 8.99 -60.69 67.68
CA GLY A 1066 8.77 -59.37 68.22
C GLY A 1066 7.61 -58.65 67.56
N PRO A 1067 6.84 -57.90 68.33
CA PRO A 1067 5.70 -57.17 67.75
C PRO A 1067 6.18 -56.02 66.89
N PRO A 1068 5.36 -55.56 65.94
CA PRO A 1068 5.76 -54.41 65.13
C PRO A 1068 5.96 -53.16 65.99
N GLY A 1069 6.90 -52.32 65.57
CA GLY A 1069 7.17 -51.07 66.24
C GLY A 1069 8.28 -51.11 67.26
N GLU A 1070 8.86 -52.28 67.53
CA GLU A 1070 9.93 -52.42 68.51
C GLU A 1070 11.26 -52.79 67.84
N ALA A 1071 11.29 -53.88 67.08
CA ALA A 1071 12.50 -54.32 66.38
C ALA A 1071 12.40 -54.16 64.88
N TYR A 1072 11.30 -53.61 64.36
CA TYR A 1072 11.13 -53.44 62.92
C TYR A 1072 9.84 -52.67 62.69
N GLU A 1073 9.78 -51.98 61.57
CA GLU A 1073 8.59 -51.23 61.16
C GLU A 1073 8.28 -51.55 59.71
N PHE A 1074 6.98 -51.57 59.39
CA PHE A 1074 6.51 -51.75 58.03
C PHE A 1074 6.72 -50.44 57.28
N SER A 1075 7.90 -50.27 56.70
CA SER A 1075 8.25 -48.99 56.08
C SER A 1075 7.30 -48.65 54.94
N CYS A 1076 7.01 -49.62 54.07
CA CYS A 1076 6.15 -49.36 52.92
C CYS A 1076 5.34 -50.61 52.62
N ARG A 1077 4.01 -50.48 52.63
CA ARG A 1077 3.11 -51.54 52.17
C ARG A 1077 3.03 -51.43 50.66
N ASN A 1078 4.09 -51.89 49.99
CA ASN A 1078 4.23 -51.64 48.57
C ASN A 1078 3.11 -52.30 47.78
N GLY A 1079 2.76 -53.54 48.14
CA GLY A 1079 1.69 -54.24 47.48
C GLY A 1079 1.16 -55.34 48.37
N GLU A 1080 0.09 -55.99 47.91
CA GLU A 1080 -0.52 -57.06 48.69
C GLU A 1080 0.42 -58.25 48.88
N GLN A 1081 1.43 -58.39 48.02
CA GLN A 1081 2.37 -59.50 48.10
C GLN A 1081 3.81 -59.06 48.37
N ARG A 1082 4.09 -57.77 48.33
CA ARG A 1082 5.44 -57.25 48.53
C ARG A 1082 5.44 -56.25 49.68
N ASN A 1083 6.48 -56.31 50.51
CA ASN A 1083 6.62 -55.41 51.64
C ASN A 1083 8.09 -55.15 51.90
N VAL A 1084 8.38 -54.01 52.52
CA VAL A 1084 9.75 -53.60 52.84
C VAL A 1084 9.79 -53.18 54.30
N LEU A 1085 10.80 -53.67 55.02
CA LEU A 1085 10.99 -53.37 56.43
C LEU A 1085 12.36 -52.75 56.65
N GLY A 1086 12.49 -52.01 57.75
CA GLY A 1086 13.74 -51.36 58.09
C GLY A 1086 13.90 -51.23 59.58
N GLY A 1087 15.06 -50.76 59.98
CA GLY A 1087 15.39 -50.56 61.37
C GLY A 1087 16.90 -50.61 61.58
N THR A 1088 17.30 -51.20 62.69
CA THR A 1088 18.71 -51.30 63.04
C THR A 1088 19.36 -52.48 62.32
N VAL A 1089 20.70 -52.42 62.22
CA VAL A 1089 21.44 -53.46 61.52
C VAL A 1089 21.26 -54.81 62.22
N ALA A 1090 21.37 -54.83 63.55
CA ALA A 1090 21.19 -56.08 64.28
C ALA A 1090 19.77 -56.60 64.11
N GLN A 1091 18.77 -55.73 64.25
CA GLN A 1091 17.39 -56.16 64.05
C GLN A 1091 17.18 -56.60 62.61
N ILE A 1092 17.81 -55.91 61.65
CA ILE A 1092 17.61 -56.24 60.25
C ILE A 1092 18.17 -57.63 59.95
N GLN A 1093 19.37 -57.93 60.44
CA GLN A 1093 19.94 -59.25 60.20
C GLN A 1093 19.16 -60.32 60.94
N ALA A 1094 18.67 -60.03 62.14
CA ALA A 1094 17.84 -61.00 62.85
C ALA A 1094 16.58 -61.31 62.05
N ALA A 1095 15.94 -60.27 61.50
CA ALA A 1095 14.74 -60.47 60.70
C ALA A 1095 15.06 -61.26 59.44
N LYS A 1096 16.18 -60.96 58.79
CA LYS A 1096 16.56 -61.71 57.61
C LYS A 1096 16.77 -63.19 57.92
N ALA A 1097 17.44 -63.48 59.03
CA ALA A 1097 17.64 -64.87 59.42
C ALA A 1097 16.30 -65.54 59.74
N ALA A 1098 15.41 -64.85 60.43
CA ALA A 1098 14.12 -65.44 60.80
C ALA A 1098 13.28 -65.74 59.57
N LEU A 1099 13.20 -64.79 58.65
CA LEU A 1099 12.33 -64.97 57.48
C LEU A 1099 12.92 -65.99 56.51
N GLU A 1100 14.22 -65.90 56.24
CA GLU A 1100 14.85 -66.84 55.31
C GLU A 1100 14.71 -68.28 55.80
N ALA A 1101 14.57 -68.47 57.11
CA ALA A 1101 14.40 -69.81 57.64
C ALA A 1101 13.14 -70.47 57.09
N LYS A 1102 12.13 -69.68 56.73
CA LYS A 1102 10.89 -70.18 56.17
C LYS A 1102 10.88 -70.12 54.64
N LYS A 1103 12.05 -69.97 54.02
CA LYS A 1103 12.18 -69.92 52.57
C LYS A 1103 11.37 -68.75 51.99
N ILE A 1104 11.77 -67.54 52.37
CA ILE A 1104 11.16 -66.31 51.89
C ILE A 1104 12.25 -65.46 51.25
N ARG A 1105 11.98 -64.95 50.06
CA ARG A 1105 12.95 -64.11 49.37
C ARG A 1105 13.19 -62.84 50.16
N CYS A 1106 14.46 -62.40 50.20
CA CYS A 1106 14.85 -61.22 50.95
C CYS A 1106 16.05 -60.58 50.28
N GLN A 1107 16.23 -59.28 50.53
CA GLN A 1107 17.36 -58.56 49.97
C GLN A 1107 17.58 -57.27 50.77
N TYR A 1108 18.81 -56.80 50.76
CA TYR A 1108 19.17 -55.55 51.43
C TYR A 1108 19.10 -54.40 50.42
N LEU A 1109 18.38 -53.34 50.78
CA LEU A 1109 18.35 -52.13 49.98
C LEU A 1109 19.52 -51.24 50.36
N ASP A 1110 20.10 -50.57 49.37
CA ASP A 1110 21.35 -49.86 49.51
C ASP A 1110 21.18 -48.44 50.05
N THR A 1111 19.97 -48.01 50.36
CA THR A 1111 19.75 -46.67 50.85
C THR A 1111 20.52 -46.45 52.16
N PRO A 1112 21.42 -45.46 52.25
CA PRO A 1112 22.19 -45.29 53.49
C PRO A 1112 21.35 -44.79 54.66
N MET A 1113 20.53 -43.79 54.42
CA MET A 1113 19.67 -43.21 55.46
C MET A 1113 18.28 -43.80 55.32
N ALA A 1114 17.80 -44.46 56.38
CA ALA A 1114 16.53 -45.17 56.35
C ALA A 1114 15.42 -44.19 56.66
N PHE A 1115 14.82 -43.64 55.60
CA PHE A 1115 13.67 -42.77 55.76
C PHE A 1115 12.43 -43.59 56.09
N HIS A 1116 11.43 -42.93 56.68
CA HIS A 1116 10.20 -43.59 57.12
C HIS A 1116 10.48 -44.60 58.22
N THR A 1117 11.42 -44.25 59.11
CA THR A 1117 11.78 -45.09 60.24
C THR A 1117 12.00 -44.16 61.44
N GLY A 1118 12.62 -44.70 62.49
CA GLY A 1118 12.96 -43.88 63.63
C GLY A 1118 14.13 -42.94 63.41
N GLN A 1119 14.85 -43.11 62.30
CA GLN A 1119 15.99 -42.24 62.03
C GLN A 1119 15.56 -40.79 61.78
N VAL A 1120 14.38 -40.58 61.21
CA VAL A 1120 13.91 -39.23 60.91
C VAL A 1120 13.18 -38.58 62.09
N ASP A 1121 12.94 -39.32 63.17
CA ASP A 1121 12.22 -38.75 64.30
C ASP A 1121 12.93 -37.56 64.94
N PRO A 1122 14.24 -37.61 65.23
CA PRO A 1122 14.84 -36.53 66.02
C PRO A 1122 14.80 -35.16 65.35
N ILE A 1123 14.64 -35.09 64.02
CA ILE A 1123 14.73 -33.83 63.29
C ILE A 1123 13.35 -33.38 62.78
N LEU A 1124 12.27 -33.97 63.29
CA LEU A 1124 10.95 -33.57 62.83
C LEU A 1124 10.62 -32.10 63.12
N PRO A 1125 10.92 -31.53 64.29
CA PRO A 1125 10.51 -30.13 64.52
C PRO A 1125 11.11 -29.15 63.53
N GLU A 1126 12.37 -29.33 63.14
CA GLU A 1126 12.97 -28.43 62.15
C GLU A 1126 12.29 -28.59 60.79
N LEU A 1127 11.95 -29.83 60.43
CA LEU A 1127 11.21 -30.06 59.19
C LEU A 1127 9.86 -29.35 59.23
N LEU A 1128 9.16 -29.42 60.35
CA LEU A 1128 7.89 -28.71 60.47
C LEU A 1128 8.11 -27.21 60.35
N GLN A 1129 9.17 -26.69 60.99
CA GLN A 1129 9.46 -25.27 60.90
C GLN A 1129 9.64 -24.84 59.46
N VAL A 1130 10.46 -25.58 58.70
CA VAL A 1130 10.73 -25.19 57.31
C VAL A 1130 9.47 -25.37 56.47
N ALA A 1131 8.69 -26.41 56.75
CA ALA A 1131 7.45 -26.63 56.00
C ALA A 1131 6.46 -25.49 56.17
N ALA A 1132 6.49 -24.82 57.32
CA ALA A 1132 5.55 -23.75 57.59
C ALA A 1132 5.78 -22.53 56.71
N ALA A 1133 6.92 -22.44 56.03
CA ALA A 1133 7.22 -21.28 55.21
C ALA A 1133 6.69 -21.43 53.78
N CYS A 1134 6.75 -22.63 53.22
CA CYS A 1134 6.28 -22.83 51.85
C CYS A 1134 4.78 -22.60 51.76
N SER A 1135 4.35 -22.05 50.63
CA SER A 1135 2.95 -21.76 50.40
C SER A 1135 2.25 -23.00 49.84
N ILE A 1136 1.12 -23.37 50.44
CA ILE A 1136 0.37 -24.56 50.07
C ILE A 1136 -0.96 -24.13 49.49
N GLN A 1137 -1.33 -24.72 48.35
CA GLN A 1137 -2.49 -24.31 47.59
C GLN A 1137 -3.38 -25.52 47.32
N ASP A 1138 -4.53 -25.26 46.71
CA ASP A 1138 -5.50 -26.31 46.40
C ASP A 1138 -5.09 -27.06 45.14
N PRO A 1139 -5.04 -28.39 45.17
CA PRO A 1139 -4.57 -29.13 43.98
C PRO A 1139 -5.41 -28.83 42.74
N GLN A 1140 -4.74 -28.72 41.59
CA GLN A 1140 -5.45 -28.76 40.33
C GLN A 1140 -6.18 -30.08 40.14
N ILE A 1141 -5.50 -31.18 40.46
CA ILE A 1141 -6.00 -32.52 40.13
C ILE A 1141 -5.94 -33.37 41.40
N PRO A 1142 -6.74 -34.44 41.45
CA PRO A 1142 -6.70 -35.31 42.63
C PRO A 1142 -5.30 -35.86 42.85
N VAL A 1143 -4.91 -35.98 44.11
CA VAL A 1143 -3.62 -36.50 44.50
C VAL A 1143 -3.84 -37.72 45.38
N ILE A 1144 -3.19 -38.82 45.03
CA ILE A 1144 -3.30 -40.06 45.80
C ILE A 1144 -2.11 -40.08 46.75
N SER A 1145 -2.35 -39.76 48.01
CA SER A 1145 -1.28 -39.64 48.99
C SER A 1145 -1.14 -40.97 49.74
N PRO A 1146 -0.09 -41.76 49.47
CA PRO A 1146 0.13 -42.94 50.31
C PRO A 1146 0.34 -42.62 51.77
N ALA A 1147 0.96 -41.48 52.08
CA ALA A 1147 1.20 -41.09 53.47
C ALA A 1147 -0.09 -41.20 54.27
N TYR A 1148 -1.10 -40.43 53.89
CA TYR A 1148 -2.42 -40.57 54.50
C TYR A 1148 -3.19 -41.74 53.93
N GLY A 1149 -2.79 -42.25 52.77
CA GLY A 1149 -3.43 -43.41 52.18
C GLY A 1149 -4.88 -43.17 51.80
N LYS A 1150 -5.16 -42.05 51.13
CA LYS A 1150 -6.50 -41.75 50.66
C LYS A 1150 -6.42 -40.65 49.61
N VAL A 1151 -7.57 -40.36 49.00
CA VAL A 1151 -7.65 -39.31 47.99
C VAL A 1151 -7.63 -37.95 48.69
N ILE A 1152 -7.07 -36.96 48.00
CA ILE A 1152 -7.00 -35.60 48.51
C ILE A 1152 -7.46 -34.64 47.42
N ARG A 1153 -8.38 -33.74 47.76
CA ARG A 1153 -8.85 -32.72 46.85
C ARG A 1153 -8.83 -31.32 47.47
N SER A 1154 -8.44 -31.19 48.73
CA SER A 1154 -8.46 -29.91 49.43
C SER A 1154 -7.09 -29.64 50.03
N ALA A 1155 -6.67 -28.37 49.99
CA ALA A 1155 -5.40 -27.99 50.56
C ALA A 1155 -5.35 -28.19 52.07
N LYS A 1156 -6.52 -28.34 52.71
CA LYS A 1156 -6.55 -28.49 54.16
C LYS A 1156 -5.74 -29.70 54.62
N ASP A 1157 -5.70 -30.75 53.81
CA ASP A 1157 -4.97 -31.96 54.19
C ASP A 1157 -3.46 -31.81 54.03
N PHE A 1158 -2.99 -30.73 53.43
CA PHE A 1158 -1.56 -30.51 53.18
C PHE A 1158 -0.99 -29.43 54.10
N GLN A 1159 -1.46 -29.39 55.34
CA GLN A 1159 -0.92 -28.47 56.32
C GLN A 1159 0.51 -28.88 56.67
N PRO A 1160 1.31 -27.95 57.21
CA PRO A 1160 2.73 -28.25 57.44
C PRO A 1160 2.98 -29.58 58.14
N GLU A 1161 2.03 -30.08 58.93
CA GLU A 1161 2.21 -31.39 59.55
C GLU A 1161 2.25 -32.51 58.52
N TYR A 1162 1.76 -32.27 57.30
CA TYR A 1162 1.73 -33.32 56.29
C TYR A 1162 3.14 -33.80 55.95
N PHE A 1163 4.08 -32.87 55.78
CA PHE A 1163 5.42 -33.28 55.37
C PHE A 1163 6.10 -34.11 56.45
N THR A 1164 6.00 -33.70 57.71
CA THR A 1164 6.57 -34.51 58.79
C THR A 1164 5.87 -35.85 58.90
N HIS A 1165 4.54 -35.87 58.74
CA HIS A 1165 3.82 -37.12 58.78
C HIS A 1165 4.34 -38.09 57.72
N HIS A 1166 4.47 -37.61 56.48
CA HIS A 1166 5.00 -38.47 55.42
C HIS A 1166 6.43 -38.90 55.70
N CYS A 1167 7.26 -37.97 56.21
CA CYS A 1167 8.64 -38.30 56.47
C CYS A 1167 8.77 -39.41 57.51
N ARG A 1168 7.97 -39.35 58.56
CA ARG A 1168 8.06 -40.37 59.62
C ARG A 1168 7.13 -41.55 59.34
N SER A 1169 5.83 -41.28 59.17
CA SER A 1169 4.86 -42.36 59.04
C SER A 1169 5.17 -43.20 57.80
N SER A 1170 4.86 -44.49 57.91
CA SER A 1170 5.20 -45.44 56.85
C SER A 1170 4.32 -45.25 55.63
N VAL A 1171 4.92 -45.51 54.46
CA VAL A 1171 4.17 -45.48 53.22
C VAL A 1171 3.08 -46.54 53.26
N ASN A 1172 1.99 -46.29 52.51
CA ASN A 1172 0.91 -47.27 52.39
C ASN A 1172 0.30 -47.12 51.01
N MET A 1173 0.54 -48.11 50.15
CA MET A 1173 0.01 -48.10 48.79
C MET A 1173 -1.33 -48.82 48.69
N VAL A 1174 -1.41 -50.04 49.22
CA VAL A 1174 -2.58 -50.89 48.97
C VAL A 1174 -3.85 -50.14 49.35
N ASP A 1175 -3.84 -49.50 50.52
CA ASP A 1175 -5.01 -48.72 50.94
C ASP A 1175 -5.22 -47.53 50.01
N ALA A 1176 -4.14 -46.85 49.62
CA ALA A 1176 -4.27 -45.67 48.77
C ALA A 1176 -4.90 -46.03 47.43
N LEU A 1177 -4.36 -47.05 46.76
CA LEU A 1177 -4.91 -47.46 45.47
C LEU A 1177 -6.31 -48.04 45.62
N GLN A 1178 -6.57 -48.75 46.72
CA GLN A 1178 -7.92 -49.25 46.96
C GLN A 1178 -8.92 -48.11 47.03
N SER A 1179 -8.58 -47.05 47.77
CA SER A 1179 -9.47 -45.89 47.83
C SER A 1179 -9.61 -45.25 46.45
N ALA A 1180 -8.50 -45.11 45.73
CA ALA A 1180 -8.53 -44.54 44.39
C ALA A 1180 -9.55 -45.26 43.52
N VAL A 1181 -9.47 -46.58 43.48
CA VAL A 1181 -10.40 -47.35 42.65
C VAL A 1181 -11.80 -47.32 43.25
N GLU A 1182 -11.91 -47.17 44.57
CA GLU A 1182 -13.22 -47.15 45.20
C GLU A 1182 -14.03 -45.95 44.73
N GLU A 1183 -13.42 -44.76 44.72
CA GLU A 1183 -14.15 -43.59 44.23
C GLU A 1183 -14.50 -43.76 42.76
N GLY A 1184 -13.58 -44.35 41.98
CA GLY A 1184 -13.76 -44.48 40.54
C GLY A 1184 -12.72 -43.68 39.79
N LEU A 1185 -11.75 -43.14 40.53
CA LEU A 1185 -10.71 -42.32 39.90
C LEU A 1185 -9.86 -43.14 38.93
N LEU A 1186 -9.76 -44.44 39.13
CA LEU A 1186 -9.03 -45.34 38.25
C LEU A 1186 -9.94 -46.49 37.85
N ASP A 1187 -9.76 -46.96 36.63
CA ASP A 1187 -10.53 -48.09 36.11
C ASP A 1187 -9.61 -48.90 35.20
N LYS A 1188 -10.19 -49.79 34.41
CA LYS A 1188 -9.43 -50.66 33.51
C LYS A 1188 -9.05 -49.96 32.21
N ASN A 1189 -9.48 -48.72 31.99
CA ASN A 1189 -9.22 -48.00 30.75
C ASN A 1189 -8.15 -46.94 30.86
N VAL A 1190 -7.96 -46.33 32.03
CA VAL A 1190 -6.97 -45.28 32.16
C VAL A 1190 -5.58 -45.81 31.81
N ILE A 1191 -4.81 -44.99 31.12
CA ILE A 1191 -3.45 -45.33 30.75
C ILE A 1191 -2.52 -45.01 31.92
N GLY A 1192 -1.58 -45.90 32.18
CA GLY A 1192 -0.63 -45.70 33.25
C GLY A 1192 0.75 -45.32 32.75
N LEU A 1193 1.12 -44.05 32.91
CA LEU A 1193 2.42 -43.55 32.48
C LEU A 1193 3.28 -43.28 33.72
N GLU A 1194 4.51 -43.77 33.69
CA GLU A 1194 5.43 -43.64 34.81
C GLU A 1194 6.47 -42.56 34.50
N ILE A 1195 6.77 -41.75 35.51
CA ILE A 1195 7.75 -40.69 35.41
C ILE A 1195 8.84 -40.98 36.45
N GLY A 1196 9.95 -41.55 35.99
CA GLY A 1196 11.05 -41.88 36.85
C GLY A 1196 12.11 -42.67 36.14
N PRO A 1197 13.22 -42.97 36.82
CA PRO A 1197 14.32 -43.69 36.16
C PRO A 1197 14.06 -45.17 35.93
N GLY A 1198 12.84 -45.63 36.18
CA GLY A 1198 12.52 -47.02 35.93
C GLY A 1198 11.05 -47.34 36.13
N PRO A 1199 10.60 -48.48 35.59
CA PRO A 1199 9.21 -48.90 35.79
C PRO A 1199 9.02 -49.59 37.12
N VAL A 1200 8.79 -48.82 38.17
CA VAL A 1200 8.66 -49.35 39.53
C VAL A 1200 7.24 -49.18 40.06
N VAL A 1201 6.71 -47.96 40.02
CA VAL A 1201 5.36 -47.74 40.52
C VAL A 1201 4.32 -48.38 39.61
N THR A 1202 4.63 -48.49 38.32
CA THR A 1202 3.64 -48.94 37.35
C THR A 1202 3.16 -50.35 37.66
N GLN A 1203 4.09 -51.24 38.02
CA GLN A 1203 3.68 -52.61 38.35
C GLN A 1203 2.79 -52.63 39.59
N PHE A 1204 3.11 -51.81 40.60
CA PHE A 1204 2.27 -51.77 41.80
C PHE A 1204 0.86 -51.34 41.45
N VAL A 1205 0.73 -50.25 40.69
CA VAL A 1205 -0.61 -49.79 40.32
C VAL A 1205 -1.32 -50.85 39.48
N LYS A 1206 -0.58 -51.55 38.61
CA LYS A 1206 -1.19 -52.57 37.78
C LYS A 1206 -1.76 -53.70 38.63
N GLU A 1207 -0.96 -54.25 39.55
CA GLU A 1207 -1.48 -55.27 40.44
C GLU A 1207 -2.65 -54.74 41.27
N ALA A 1208 -2.64 -53.45 41.59
CA ALA A 1208 -3.76 -52.87 42.33
C ALA A 1208 -5.04 -52.95 41.51
N VAL A 1209 -5.10 -52.24 40.38
CA VAL A 1209 -6.32 -52.24 39.58
C VAL A 1209 -6.51 -53.57 38.87
N GLY A 1210 -5.45 -54.09 38.28
CA GLY A 1210 -5.52 -55.32 37.52
C GLY A 1210 -4.50 -55.32 36.40
N THR A 1211 -4.25 -56.51 35.85
CA THR A 1211 -3.23 -56.67 34.84
C THR A 1211 -3.66 -56.14 33.47
N THR A 1212 -4.96 -56.10 33.19
CA THR A 1212 -5.42 -55.71 31.87
C THR A 1212 -5.06 -54.28 31.52
N MET A 1213 -4.83 -53.43 32.52
CA MET A 1213 -4.57 -52.02 32.25
C MET A 1213 -3.28 -51.84 31.48
N GLN A 1214 -3.27 -50.89 30.55
CA GLN A 1214 -2.06 -50.56 29.81
C GLN A 1214 -1.08 -49.80 30.69
N THR A 1215 0.21 -49.98 30.41
CA THR A 1215 1.26 -49.34 31.20
C THR A 1215 2.40 -48.97 30.27
N PHE A 1216 3.23 -48.03 30.72
CA PHE A 1216 4.32 -47.52 29.91
C PHE A 1216 5.45 -47.05 30.81
N ALA A 1217 6.56 -46.64 30.20
CA ALA A 1217 7.71 -46.11 30.90
C ALA A 1217 8.26 -44.94 30.13
N SER A 1218 9.25 -44.26 30.71
CA SER A 1218 9.84 -43.09 30.09
C SER A 1218 11.35 -43.19 30.04
N ILE A 1219 11.95 -43.87 31.02
CA ILE A 1219 13.39 -44.04 31.09
C ILE A 1219 13.68 -45.45 31.59
N ASN A 1220 14.77 -46.03 31.09
CA ASN A 1220 15.19 -47.35 31.54
C ASN A 1220 16.71 -47.44 31.41
N LYS A 1221 17.29 -48.33 32.22
CA LYS A 1221 18.75 -48.43 32.26
C LYS A 1221 19.31 -48.86 30.91
N ASP A 1222 18.69 -49.86 30.28
CA ASP A 1222 19.22 -50.45 29.05
C ASP A 1222 18.51 -49.96 27.80
N LYS A 1223 17.17 -50.00 27.78
CA LYS A 1223 16.44 -49.67 26.57
C LYS A 1223 16.67 -48.20 26.18
N ASP A 1224 16.87 -47.98 24.88
CA ASP A 1224 17.06 -46.63 24.39
C ASP A 1224 15.89 -45.76 24.81
N THR A 1225 16.20 -44.59 25.38
CA THR A 1225 15.14 -43.72 25.87
C THR A 1225 14.15 -43.38 24.76
N TRP A 1226 14.65 -43.14 23.55
CA TRP A 1226 13.74 -42.83 22.46
C TRP A 1226 12.91 -44.04 22.06
N GLN A 1227 13.42 -45.25 22.28
CA GLN A 1227 12.59 -46.44 22.07
C GLN A 1227 11.31 -46.34 22.88
N LEU A 1228 11.44 -46.13 24.20
CA LEU A 1228 10.28 -46.04 25.05
C LEU A 1228 9.44 -44.82 24.68
N MET A 1229 10.10 -43.69 24.40
CA MET A 1229 9.35 -42.48 24.09
C MET A 1229 8.47 -42.67 22.87
N THR A 1230 9.03 -43.24 21.79
CA THR A 1230 8.25 -43.39 20.57
C THR A 1230 7.19 -44.48 20.74
N GLN A 1231 7.50 -45.56 21.46
CA GLN A 1231 6.47 -46.58 21.69
C GLN A 1231 5.30 -45.99 22.46
N ALA A 1232 5.59 -45.24 23.53
CA ALA A 1232 4.52 -44.64 24.32
C ALA A 1232 3.73 -43.64 23.48
N LEU A 1233 4.42 -42.84 22.67
CA LEU A 1233 3.72 -41.87 21.85
C LEU A 1233 2.81 -42.55 20.84
N ALA A 1234 3.28 -43.64 20.23
CA ALA A 1234 2.45 -44.37 19.28
C ALA A 1234 1.21 -44.95 19.97
N LYS A 1235 1.39 -45.53 21.15
CA LYS A 1235 0.24 -46.10 21.84
C LYS A 1235 -0.75 -45.03 22.24
N PHE A 1236 -0.27 -43.87 22.71
CA PHE A 1236 -1.17 -42.77 23.03
C PHE A 1236 -1.92 -42.31 21.77
N TYR A 1237 -1.19 -42.16 20.66
CA TYR A 1237 -1.80 -41.75 19.41
C TYR A 1237 -2.91 -42.70 19.01
N LEU A 1238 -2.65 -44.00 19.12
CA LEU A 1238 -3.70 -44.98 18.82
C LEU A 1238 -4.86 -44.85 19.79
N ALA A 1239 -4.57 -44.52 21.05
CA ALA A 1239 -5.63 -44.35 22.05
C ALA A 1239 -6.52 -43.16 21.73
N GLY A 1240 -6.05 -42.20 20.93
CA GLY A 1240 -6.83 -41.05 20.55
C GLY A 1240 -6.35 -39.73 21.11
N ALA A 1241 -5.29 -39.73 21.91
CA ALA A 1241 -4.79 -38.48 22.45
C ALA A 1241 -4.39 -37.53 21.33
N SER A 1242 -4.71 -36.24 21.52
CA SER A 1242 -4.34 -35.21 20.56
C SER A 1242 -2.92 -34.71 20.83
N VAL A 1243 -1.99 -35.66 20.80
CA VAL A 1243 -0.60 -35.34 21.08
C VAL A 1243 -0.08 -34.34 20.06
N GLU A 1244 0.43 -33.22 20.53
CA GLU A 1244 1.12 -32.30 19.65
C GLU A 1244 2.41 -32.92 19.15
N TRP A 1245 2.70 -32.74 17.87
CA TRP A 1245 3.91 -33.28 17.26
C TRP A 1245 4.91 -32.21 16.86
N SER A 1246 4.49 -30.95 16.71
CA SER A 1246 5.39 -29.92 16.23
C SER A 1246 6.57 -29.73 17.18
N ARG A 1247 6.32 -29.71 18.49
CA ARG A 1247 7.38 -29.48 19.45
C ARG A 1247 8.33 -30.67 19.53
N TYR A 1248 7.85 -31.88 19.24
CA TYR A 1248 8.72 -33.04 19.26
C TYR A 1248 9.92 -32.83 18.33
N HIS A 1249 9.65 -32.47 17.08
CA HIS A 1249 10.69 -32.34 16.07
C HIS A 1249 11.32 -30.95 16.06
N GLU A 1250 10.93 -30.07 16.98
CA GLU A 1250 11.42 -28.70 16.97
C GLU A 1250 12.94 -28.67 17.09
N ASP A 1251 13.53 -29.61 17.83
CA ASP A 1251 14.95 -29.60 18.14
C ASP A 1251 15.78 -30.42 17.17
N PHE A 1252 15.20 -30.86 16.05
CA PHE A 1252 15.91 -31.68 15.07
C PHE A 1252 15.68 -31.07 13.69
N PRO A 1253 16.45 -30.03 13.34
CA PRO A 1253 16.24 -29.40 12.02
C PRO A 1253 16.43 -30.35 10.86
N GLY A 1254 17.29 -31.35 10.99
CA GLY A 1254 17.50 -32.28 9.88
C GLY A 1254 16.23 -32.95 9.43
N ALA A 1255 15.38 -33.32 10.39
CA ALA A 1255 14.11 -33.96 10.09
C ALA A 1255 13.00 -32.96 9.84
N GLN A 1256 13.32 -31.69 9.63
CA GLN A 1256 12.32 -30.65 9.39
C GLN A 1256 12.26 -30.33 7.90
N LYS A 1257 11.52 -31.16 7.17
CA LYS A 1257 11.29 -30.93 5.75
C LYS A 1257 10.05 -31.71 5.35
N VAL A 1258 9.02 -31.00 4.88
CA VAL A 1258 7.82 -31.67 4.40
C VAL A 1258 8.15 -32.42 3.11
N LEU A 1259 7.44 -33.51 2.89
CA LEU A 1259 7.64 -34.35 1.70
C LEU A 1259 6.36 -34.41 0.90
N GLU A 1260 6.49 -34.85 -0.35
CA GLU A 1260 5.37 -34.99 -1.28
C GLU A 1260 4.89 -36.43 -1.21
N LEU A 1261 3.83 -36.67 -0.45
CA LEU A 1261 3.28 -38.00 -0.21
C LEU A 1261 2.05 -38.23 -1.05
N PRO A 1262 1.59 -39.47 -1.14
CA PRO A 1262 0.39 -39.77 -1.94
C PRO A 1262 -0.81 -38.99 -1.41
N ALA A 1263 -1.67 -38.57 -2.33
CA ALA A 1263 -2.86 -37.83 -1.96
C ALA A 1263 -3.80 -38.72 -1.15
N TYR A 1264 -4.76 -38.08 -0.49
CA TYR A 1264 -5.73 -38.82 0.31
C TYR A 1264 -6.46 -39.85 -0.55
N GLY A 1265 -6.61 -41.05 0.00
CA GLY A 1265 -7.26 -42.15 -0.69
C GLY A 1265 -8.77 -42.11 -0.56
N TRP A 1266 -9.42 -41.25 -1.34
CA TRP A 1266 -10.85 -41.05 -1.19
C TRP A 1266 -11.63 -42.30 -1.58
N ALA A 1267 -12.80 -42.47 -0.95
CA ALA A 1267 -13.72 -43.54 -1.29
C ALA A 1267 -14.82 -42.95 -2.17
N LEU A 1268 -14.53 -42.86 -3.46
CA LEU A 1268 -15.37 -42.12 -4.38
C LEU A 1268 -16.67 -42.88 -4.67
N LYS A 1269 -17.76 -42.13 -4.77
CA LYS A 1269 -19.06 -42.64 -5.16
C LYS A 1269 -19.65 -41.74 -6.24
N ASN A 1270 -20.52 -42.32 -7.06
CA ASN A 1270 -21.13 -41.60 -8.17
C ASN A 1270 -22.52 -41.11 -7.79
N TYR A 1271 -22.83 -39.88 -8.19
CA TYR A 1271 -24.15 -39.28 -7.97
C TYR A 1271 -24.58 -38.52 -9.20
N TRP A 1272 -25.89 -38.35 -9.34
CA TRP A 1272 -26.46 -37.64 -10.48
C TRP A 1272 -25.99 -38.24 -11.80
N ALA B 5 23.37 29.00 27.84
CA ALA B 5 23.55 28.56 29.22
C ALA B 5 22.33 27.77 29.67
N GLN B 6 22.06 26.66 29.00
CA GLN B 6 20.91 25.83 29.31
C GLN B 6 21.13 24.44 28.74
N MET B 7 20.69 23.42 29.48
CA MET B 7 20.78 22.04 29.03
C MET B 7 19.41 21.40 29.09
N ARG B 8 19.13 20.52 28.14
CA ARG B 8 17.91 19.73 28.11
C ARG B 8 18.23 18.30 28.49
N VAL B 9 17.45 17.74 29.41
CA VAL B 9 17.62 16.36 29.88
C VAL B 9 16.45 15.53 29.37
N VAL B 10 16.76 14.40 28.75
CA VAL B 10 15.76 13.47 28.24
C VAL B 10 15.64 12.34 29.24
N ALA B 11 14.43 12.12 29.74
CA ALA B 11 14.18 11.09 30.76
C ALA B 11 13.07 10.16 30.28
N PHE B 12 13.27 8.87 30.52
CA PHE B 12 12.31 7.84 30.16
C PHE B 12 11.76 7.18 31.43
N GLY B 13 10.54 6.66 31.33
CA GLY B 13 9.84 6.13 32.46
C GLY B 13 9.83 4.61 32.53
N ASP B 14 9.49 4.11 33.71
CA ASP B 14 9.42 2.68 33.96
C ASP B 14 8.02 2.17 33.66
N GLN B 15 7.73 0.94 34.10
CA GLN B 15 6.45 0.30 33.79
C GLN B 15 5.27 0.93 34.52
N THR B 16 5.51 1.79 35.50
CA THR B 16 4.40 2.42 36.22
C THR B 16 3.57 3.29 35.29
N TYR B 17 4.24 4.07 34.43
CA TYR B 17 3.53 4.98 33.53
C TYR B 17 2.69 4.19 32.55
N ASP B 18 1.38 4.36 32.62
CA ASP B 18 0.49 3.70 31.67
C ASP B 18 0.80 4.16 30.26
N CYS B 19 0.80 3.22 29.31
CA CYS B 19 1.13 3.49 27.92
C CYS B 19 0.04 2.97 27.00
N SER B 20 -1.23 3.13 27.41
CA SER B 20 -2.34 2.76 26.56
C SER B 20 -2.77 3.91 25.65
N GLU B 21 -2.81 5.13 26.19
CA GLU B 21 -3.17 6.29 25.37
C GLU B 21 -2.06 6.61 24.36
N ALA B 22 -0.80 6.55 24.78
CA ALA B 22 0.29 6.90 23.87
C ALA B 22 0.35 5.93 22.70
N VAL B 23 0.20 4.63 22.96
CA VAL B 23 0.27 3.65 21.89
C VAL B 23 -0.87 3.88 20.90
N SER B 24 -2.08 4.11 21.40
CA SER B 24 -3.21 4.35 20.51
C SER B 24 -2.99 5.61 19.67
N GLN B 25 -2.51 6.68 20.31
CA GLN B 25 -2.28 7.92 19.57
C GLN B 25 -1.24 7.70 18.48
N LEU B 26 -0.16 6.97 18.79
CA LEU B 26 0.85 6.68 17.79
C LEU B 26 0.27 5.85 16.65
N LEU B 27 -0.59 4.89 16.98
CA LEU B 27 -1.26 4.12 15.93
C LEU B 27 -2.10 5.03 15.05
N ARG B 28 -2.70 6.07 15.64
CA ARG B 28 -3.50 7.01 14.86
C ARG B 28 -2.63 7.78 13.86
N VAL B 29 -1.38 8.06 14.22
CA VAL B 29 -0.54 8.93 13.41
C VAL B 29 -0.38 8.33 12.01
N ARG B 30 -0.56 9.19 11.00
CA ARG B 30 -0.42 8.79 9.61
C ARG B 30 0.39 9.76 8.76
N ASP B 31 0.75 10.93 9.29
CA ASP B 31 1.41 11.97 8.52
C ASP B 31 2.92 11.97 8.69
N ASP B 32 3.49 10.93 9.31
CA ASP B 32 4.92 10.82 9.52
C ASP B 32 5.40 9.47 9.03
N ALA B 33 6.29 9.49 8.03
CA ALA B 33 6.72 8.23 7.41
C ALA B 33 7.49 7.36 8.39
N ILE B 34 8.41 7.96 9.15
CA ILE B 34 9.25 7.16 10.04
C ILE B 34 8.40 6.45 11.08
N VAL B 35 7.44 7.17 11.66
CA VAL B 35 6.64 6.60 12.75
C VAL B 35 5.83 5.42 12.23
N VAL B 36 5.20 5.58 11.07
CA VAL B 36 4.38 4.49 10.53
C VAL B 36 5.27 3.30 10.15
N ASP B 37 6.44 3.57 9.56
CA ASP B 37 7.33 2.48 9.21
C ASP B 37 7.77 1.71 10.45
N PHE B 38 8.14 2.43 11.50
CA PHE B 38 8.57 1.78 12.73
C PHE B 38 7.43 1.00 13.38
N LEU B 39 6.22 1.56 13.37
CA LEU B 39 5.09 0.87 13.98
C LEU B 39 4.68 -0.36 13.17
N GLU B 40 4.94 -0.36 11.86
CA GLU B 40 4.67 -1.54 11.06
C GLU B 40 5.74 -2.61 11.27
N ARG B 41 7.00 -2.19 11.40
CA ARG B 41 8.09 -3.16 11.55
C ARG B 41 8.14 -3.75 12.95
N ALA B 42 7.77 -3.00 13.98
CA ALA B 42 7.85 -3.51 15.34
C ALA B 42 7.04 -4.78 15.55
N PRO B 43 5.80 -4.91 15.08
CA PRO B 43 5.09 -6.18 15.26
C PRO B 43 5.83 -7.36 14.69
N ALA B 44 6.54 -7.19 13.57
CA ALA B 44 7.27 -8.29 12.97
C ALA B 44 8.32 -8.84 13.94
N VAL B 45 9.16 -7.95 14.50
CA VAL B 45 10.17 -8.40 15.44
C VAL B 45 9.54 -8.91 16.71
N LEU B 46 8.42 -8.32 17.14
CA LEU B 46 7.72 -8.83 18.32
C LEU B 46 7.31 -10.27 18.13
N LYS B 47 6.69 -10.59 16.99
CA LYS B 47 6.30 -11.97 16.72
C LYS B 47 7.51 -12.87 16.57
N ALA B 48 8.57 -12.35 15.94
CA ALA B 48 9.77 -13.17 15.72
C ALA B 48 10.40 -13.59 17.04
N GLU B 49 10.66 -12.63 17.92
CA GLU B 49 11.26 -12.96 19.21
C GLU B 49 10.30 -13.70 20.10
N LEU B 50 9.00 -13.42 19.97
CA LEU B 50 7.99 -14.12 20.76
C LEU B 50 7.87 -15.60 20.36
N ALA B 51 8.36 -15.97 19.19
CA ALA B 51 8.29 -17.35 18.74
C ALA B 51 9.42 -18.21 19.26
N ARG B 52 10.43 -17.61 19.91
CA ARG B 52 11.55 -18.35 20.47
C ARG B 52 11.37 -18.65 21.95
N LEU B 53 10.23 -18.31 22.53
CA LEU B 53 10.01 -18.49 23.95
C LEU B 53 9.67 -19.94 24.26
N SER B 54 9.79 -20.30 25.54
CA SER B 54 9.47 -21.65 25.97
C SER B 54 8.01 -21.98 25.65
N SER B 55 7.71 -23.28 25.66
CA SER B 55 6.37 -23.72 25.29
C SER B 55 5.31 -23.12 26.20
N GLU B 56 5.56 -23.14 27.51
CA GLU B 56 4.56 -22.63 28.45
C GLU B 56 4.31 -21.15 28.24
N GLN B 57 5.38 -20.37 28.07
CA GLN B 57 5.22 -18.93 27.87
C GLN B 57 4.44 -18.63 26.60
N GLN B 58 4.74 -19.35 25.51
CA GLN B 58 4.04 -19.11 24.26
C GLN B 58 2.56 -19.47 24.39
N GLU B 59 2.26 -20.54 25.13
CA GLU B 59 0.87 -20.96 25.30
C GLU B 59 0.03 -19.86 25.93
N GLU B 60 0.62 -19.03 26.77
CA GLU B 60 -0.09 -17.99 27.50
C GLU B 60 0.16 -16.61 26.91
N THR B 61 0.29 -16.51 25.58
CA THR B 61 0.48 -15.24 24.91
C THR B 61 -0.61 -15.07 23.85
N PRO B 62 -1.30 -13.93 23.82
CA PRO B 62 -2.40 -13.79 22.88
C PRO B 62 -1.93 -13.75 21.43
N ARG B 63 -2.74 -14.33 20.55
CA ARG B 63 -2.55 -14.20 19.12
C ARG B 63 -3.01 -12.84 18.62
N PHE B 64 -2.18 -12.23 17.78
CA PHE B 64 -2.46 -10.89 17.27
C PHE B 64 -1.87 -10.74 15.88
N ALA B 65 -2.32 -9.71 15.17
CA ALA B 65 -1.76 -9.32 13.88
C ALA B 65 -0.96 -8.03 13.97
N THR B 66 -1.41 -7.06 14.76
CA THR B 66 -0.70 -5.80 14.97
C THR B 66 -0.99 -5.33 16.39
N LEU B 67 -0.47 -4.14 16.72
CA LEU B 67 -0.57 -3.65 18.09
C LEU B 67 -2.00 -3.28 18.46
N ALA B 68 -2.85 -2.97 17.48
CA ALA B 68 -4.20 -2.53 17.80
C ALA B 68 -4.96 -3.55 18.63
N GLU B 69 -4.60 -4.83 18.51
CA GLU B 69 -5.27 -5.89 19.27
C GLU B 69 -4.67 -6.11 20.65
N LEU B 70 -3.54 -5.48 20.96
CA LEU B 70 -2.89 -5.65 22.26
C LEU B 70 -3.38 -4.65 23.29
N VAL B 71 -3.60 -3.39 22.89
CA VAL B 71 -3.99 -2.36 23.86
C VAL B 71 -5.23 -2.76 24.66
N PRO B 72 -6.27 -3.37 24.08
CA PRO B 72 -7.39 -3.78 24.94
C PRO B 72 -6.96 -4.73 26.05
N ARG B 73 -6.06 -5.66 25.75
CA ARG B 73 -5.58 -6.58 26.79
C ARG B 73 -4.73 -5.84 27.82
N TYR B 74 -3.87 -4.92 27.37
CA TYR B 74 -3.08 -4.13 28.31
C TYR B 74 -3.98 -3.38 29.28
N ARG B 75 -5.02 -2.73 28.75
CA ARG B 75 -5.96 -2.02 29.61
C ARG B 75 -6.63 -3.00 30.57
N ALA B 76 -7.07 -4.15 30.06
CA ALA B 76 -7.68 -5.16 30.91
C ALA B 76 -6.70 -5.74 31.92
N GLY B 77 -5.39 -5.64 31.66
CA GLY B 77 -4.39 -6.16 32.56
C GLY B 77 -4.04 -7.62 32.38
N THR B 78 -4.67 -8.31 31.43
CA THR B 78 -4.38 -9.72 31.18
C THR B 78 -3.30 -9.88 30.12
N LEU B 79 -2.17 -9.21 30.33
CA LEU B 79 -1.06 -9.21 29.38
C LEU B 79 0.22 -9.58 30.13
N ASN B 80 0.93 -10.59 29.62
CA ASN B 80 2.05 -11.14 30.35
C ASN B 80 3.26 -10.19 30.28
N PRO B 81 4.20 -10.33 31.21
CA PRO B 81 5.33 -9.38 31.26
C PRO B 81 6.15 -9.36 29.98
N ALA B 82 6.32 -10.51 29.33
CA ALA B 82 7.22 -10.59 28.19
C ALA B 82 6.85 -9.58 27.12
N VAL B 83 5.57 -9.49 26.79
CA VAL B 83 5.12 -8.53 25.79
C VAL B 83 4.81 -7.16 26.41
N SER B 84 4.50 -7.11 27.71
CA SER B 84 4.27 -5.83 28.36
C SER B 84 5.52 -4.95 28.29
N GLN B 85 6.68 -5.51 28.61
CA GLN B 85 7.90 -4.72 28.56
C GLN B 85 8.19 -4.22 27.16
N ALA B 86 8.02 -5.10 26.17
CA ALA B 86 8.29 -4.70 24.79
C ALA B 86 7.31 -3.62 24.33
N LEU B 87 6.05 -3.73 24.73
CA LEU B 87 5.08 -2.69 24.38
C LEU B 87 5.44 -1.36 25.02
N THR B 88 5.88 -1.39 26.28
CA THR B 88 6.30 -0.16 26.95
C THR B 88 7.47 0.47 26.20
N CYS B 89 8.49 -0.32 25.88
CA CYS B 89 9.64 0.21 25.17
C CYS B 89 9.25 0.75 23.80
N ILE B 90 8.33 0.05 23.12
CA ILE B 90 7.85 0.50 21.82
C ILE B 90 7.19 1.86 21.96
N ALA B 91 6.36 2.03 22.99
CA ALA B 91 5.70 3.31 23.21
C ALA B 91 6.72 4.41 23.43
N GLN B 92 7.71 4.17 24.28
CA GLN B 92 8.71 5.21 24.54
C GLN B 92 9.45 5.59 23.26
N LEU B 93 9.93 4.59 22.53
CA LEU B 93 10.71 4.87 21.33
C LEU B 93 9.86 5.58 20.29
N GLY B 94 8.60 5.16 20.11
CA GLY B 94 7.74 5.81 19.15
C GLY B 94 7.44 7.26 19.53
N LEU B 95 7.20 7.52 20.81
CA LEU B 95 6.96 8.89 21.23
C LEU B 95 8.18 9.75 20.97
N PHE B 96 9.38 9.25 21.28
CA PHE B 96 10.58 10.03 21.03
C PHE B 96 10.76 10.29 19.53
N ILE B 97 10.54 9.27 18.71
CA ILE B 97 10.73 9.42 17.28
C ILE B 97 9.74 10.44 16.72
N ARG B 98 8.49 10.39 17.16
CA ARG B 98 7.51 11.38 16.71
C ARG B 98 7.92 12.78 17.17
N GLN B 99 8.39 12.90 18.42
CA GLN B 99 8.78 14.22 18.92
C GLN B 99 9.92 14.80 18.09
N HIS B 100 10.86 13.96 17.66
CA HIS B 100 12.05 14.44 16.98
C HIS B 100 11.99 14.29 15.46
N SER B 101 10.84 13.89 14.90
CA SER B 101 10.67 13.85 13.46
C SER B 101 9.58 14.81 13.00
N SER B 102 8.36 14.70 13.51
CA SER B 102 7.31 15.64 13.20
C SER B 102 7.36 16.89 14.07
N GLY B 103 7.96 16.80 15.25
CA GLY B 103 8.14 17.96 16.09
C GLY B 103 9.27 18.86 15.67
N GLN B 104 10.04 18.47 14.66
CA GLN B 104 11.13 19.28 14.13
C GLN B 104 12.05 19.78 15.24
N GLU B 105 12.38 18.89 16.17
CA GLU B 105 13.31 19.18 17.24
C GLU B 105 14.67 18.58 16.91
N ALA B 106 15.72 19.37 17.06
CA ALA B 106 17.06 18.89 16.78
C ALA B 106 17.38 17.69 17.68
N TYR B 107 18.04 16.70 17.10
CA TYR B 107 18.39 15.51 17.86
C TYR B 107 19.31 15.91 19.03
N PRO B 108 19.17 15.29 20.19
CA PRO B 108 20.02 15.66 21.32
C PRO B 108 21.49 15.49 20.97
N THR B 109 22.31 16.41 21.47
CA THR B 109 23.74 16.42 21.19
C THR B 109 24.52 16.45 22.50
N ALA B 110 25.70 15.85 22.48
CA ALA B 110 26.51 15.76 23.69
C ALA B 110 26.90 17.13 24.21
N HIS B 111 26.89 18.17 23.37
CA HIS B 111 27.29 19.48 23.82
C HIS B 111 26.34 20.03 24.88
N ASP B 112 25.03 19.90 24.67
CA ASP B 112 24.04 20.53 25.53
C ASP B 112 22.86 19.60 25.79
N SER B 113 23.14 18.34 26.11
CA SER B 113 22.06 17.42 26.45
C SER B 113 22.63 16.18 27.12
N CYS B 114 21.75 15.44 27.79
CA CYS B 114 22.09 14.17 28.41
C CYS B 114 20.80 13.38 28.60
N ILE B 115 20.95 12.07 28.77
CA ILE B 115 19.83 11.14 28.76
C ILE B 115 19.83 10.32 30.05
N THR B 116 18.64 9.86 30.44
CA THR B 116 18.49 9.08 31.67
C THR B 116 17.26 8.19 31.54
N GLY B 117 17.28 7.07 32.28
CA GLY B 117 16.15 6.17 32.34
C GLY B 117 16.14 5.41 33.65
N VAL B 118 14.99 4.77 33.92
CA VAL B 118 14.80 4.02 35.17
C VAL B 118 14.00 2.77 34.89
N CYS B 119 14.65 1.61 34.96
CA CYS B 119 14.03 0.29 34.96
C CYS B 119 13.43 -0.08 33.62
N THR B 120 13.26 0.90 32.73
CA THR B 120 13.01 0.61 31.32
C THR B 120 13.19 1.94 30.60
N GLY B 121 14.25 2.07 29.83
CA GLY B 121 14.68 3.36 29.36
C GLY B 121 16.18 3.46 29.47
N ALA B 122 16.74 2.80 30.49
CA ALA B 122 18.16 2.47 30.43
C ALA B 122 18.45 1.63 29.20
N LEU B 123 17.52 0.73 28.85
CA LEU B 123 17.58 0.08 27.55
C LEU B 123 17.40 1.12 26.43
N THR B 124 16.44 2.02 26.59
CA THR B 124 16.18 3.01 25.56
C THR B 124 17.22 4.12 25.56
N ALA B 125 17.84 4.40 26.71
CA ALA B 125 18.82 5.48 26.77
C ALA B 125 20.02 5.18 25.89
N VAL B 126 20.50 3.94 25.92
CA VAL B 126 21.64 3.58 25.09
C VAL B 126 21.25 3.61 23.62
N ALA B 127 20.05 3.15 23.28
CA ALA B 127 19.60 3.19 21.90
C ALA B 127 19.54 4.64 21.40
N VAL B 128 18.95 5.53 22.18
CA VAL B 128 18.89 6.93 21.81
C VAL B 128 20.26 7.58 21.95
N GLY B 129 21.08 7.08 22.86
CA GLY B 129 22.39 7.65 23.12
C GLY B 129 23.46 7.28 22.11
N SER B 130 23.13 6.44 21.13
CA SER B 130 24.10 6.01 20.12
C SER B 130 23.88 6.68 18.77
N ALA B 131 22.66 6.62 18.25
CA ALA B 131 22.37 7.22 16.95
C ALA B 131 22.39 8.74 17.04
N SER B 132 22.75 9.37 15.92
CA SER B 132 22.76 10.83 15.81
C SER B 132 21.59 11.36 15.02
N SER B 133 20.68 10.50 14.56
CA SER B 133 19.52 10.94 13.79
C SER B 133 18.42 9.90 13.93
N VAL B 134 17.19 10.32 13.63
CA VAL B 134 16.05 9.43 13.77
C VAL B 134 16.19 8.23 12.83
N THR B 135 16.59 8.48 11.59
CA THR B 135 16.73 7.38 10.64
C THR B 135 17.77 6.37 11.11
N ALA B 136 18.88 6.85 11.66
CA ALA B 136 19.93 5.97 12.15
C ALA B 136 19.56 5.28 13.45
N LEU B 137 18.37 5.53 14.00
CA LEU B 137 17.96 4.96 15.27
C LEU B 137 16.94 3.84 15.14
N VAL B 138 16.25 3.74 14.00
CA VAL B 138 15.21 2.73 13.85
C VAL B 138 15.77 1.31 14.00
N PRO B 139 16.84 0.91 13.31
CA PRO B 139 17.36 -0.44 13.54
C PRO B 139 17.79 -0.68 14.98
N LEU B 140 18.44 0.31 15.59
CA LEU B 140 18.80 0.18 17.00
C LEU B 140 17.55 0.10 17.86
N ALA B 141 16.50 0.83 17.48
CA ALA B 141 15.25 0.75 18.22
C ALA B 141 14.67 -0.65 18.18
N LEU B 142 14.69 -1.29 17.01
CA LEU B 142 14.16 -2.65 16.91
C LEU B 142 15.02 -3.63 17.70
N HIS B 143 16.34 -3.44 17.65
CA HIS B 143 17.22 -4.27 18.46
C HIS B 143 16.88 -4.14 19.94
N THR B 144 16.64 -2.91 20.39
CA THR B 144 16.30 -2.68 21.79
C THR B 144 14.95 -3.31 22.11
N VAL B 145 14.01 -3.28 21.18
CA VAL B 145 12.71 -3.94 21.40
C VAL B 145 12.92 -5.43 21.62
N ALA B 146 13.77 -6.05 20.79
CA ALA B 146 14.06 -7.46 20.96
C ALA B 146 14.69 -7.73 22.33
N VAL B 147 15.65 -6.89 22.72
CA VAL B 147 16.30 -7.06 24.02
C VAL B 147 15.28 -6.96 25.14
N ALA B 148 14.36 -5.99 25.04
CA ALA B 148 13.37 -5.79 26.09
C ALA B 148 12.43 -6.99 26.19
N VAL B 149 11.98 -7.52 25.05
CA VAL B 149 11.07 -8.66 25.11
C VAL B 149 11.79 -9.86 25.74
N ARG B 150 13.06 -10.07 25.36
CA ARG B 150 13.79 -11.18 25.95
C ARG B 150 13.97 -11.01 27.45
N LEU B 151 14.29 -9.80 27.89
CA LEU B 151 14.44 -9.54 29.32
C LEU B 151 13.14 -9.79 30.07
N GLY B 152 12.03 -9.29 29.51
CA GLY B 152 10.74 -9.53 30.14
C GLY B 152 10.40 -11.00 30.21
N ALA B 153 10.71 -11.75 29.16
CA ALA B 153 10.47 -13.18 29.17
C ALA B 153 11.27 -13.86 30.26
N ARG B 154 12.56 -13.51 30.39
CA ARG B 154 13.41 -14.15 31.39
C ARG B 154 12.88 -13.84 32.80
N ALA B 155 12.52 -12.58 33.05
CA ALA B 155 12.04 -12.21 34.37
C ALA B 155 10.71 -12.90 34.68
N TRP B 156 9.79 -12.89 33.73
CA TRP B 156 8.54 -13.63 33.91
C TRP B 156 8.81 -15.09 34.24
N GLU B 157 9.76 -15.73 33.55
CA GLU B 157 9.98 -17.14 33.80
C GLU B 157 10.52 -17.36 35.20
N ILE B 158 11.51 -16.57 35.62
CA ILE B 158 12.05 -16.75 36.96
C ILE B 158 10.93 -16.57 37.99
N GLY B 159 10.08 -15.56 37.77
CA GLY B 159 8.97 -15.36 38.69
C GLY B 159 8.04 -16.55 38.73
N SER B 160 7.70 -17.10 37.57
CA SER B 160 6.82 -18.26 37.53
C SER B 160 7.44 -19.44 38.26
N CYS B 161 8.76 -19.62 38.11
CA CYS B 161 9.44 -20.68 38.83
C CYS B 161 9.34 -20.46 40.34
N LEU B 162 9.49 -19.21 40.78
CA LEU B 162 9.42 -18.94 42.21
C LEU B 162 8.02 -19.23 42.77
N ALA B 163 6.98 -18.81 42.07
CA ALA B 163 5.61 -19.01 42.54
C ALA B 163 4.67 -19.03 41.34
N ASP B 164 3.55 -19.73 41.50
CA ASP B 164 2.58 -19.90 40.44
C ASP B 164 1.43 -18.91 40.59
N ALA B 165 0.43 -19.02 39.72
CA ALA B 165 -0.73 -18.15 39.74
C ALA B 165 -1.75 -18.69 40.73
N ARG B 166 -2.95 -18.12 40.73
CA ARG B 166 -4.02 -18.52 41.64
C ARG B 166 -5.22 -19.04 40.85
N ARG B 167 -6.13 -19.66 41.59
CA ARG B 167 -7.33 -20.24 40.97
C ARG B 167 -8.29 -19.15 40.52
N GLY B 168 -8.26 -18.00 41.19
CA GLY B 168 -9.07 -16.86 40.78
C GLY B 168 -8.29 -15.93 39.87
N ALA B 169 -7.26 -16.46 39.20
CA ALA B 169 -6.43 -15.63 38.34
C ALA B 169 -7.29 -14.83 37.36
N ASN B 170 -8.22 -15.50 36.69
CA ASN B 170 -9.14 -14.83 35.77
C ASN B 170 -8.38 -14.04 34.72
N GLY B 171 -7.24 -14.58 34.29
CA GLY B 171 -6.44 -13.93 33.26
C GLY B 171 -5.51 -12.86 33.82
N ARG B 172 -6.01 -12.03 34.72
CA ARG B 172 -5.21 -10.93 35.24
C ARG B 172 -3.98 -11.45 35.95
N TYR B 173 -2.91 -10.68 35.89
CA TYR B 173 -1.63 -11.03 36.49
C TYR B 173 -1.46 -10.29 37.81
N ALA B 174 -1.05 -11.01 38.85
CA ALA B 174 -0.83 -10.40 40.14
C ALA B 174 0.37 -9.46 40.09
N SER B 175 0.45 -8.57 41.07
CA SER B 175 1.53 -7.60 41.18
C SER B 175 2.63 -8.14 42.09
N TRP B 176 3.85 -7.68 41.86
CA TRP B 176 5.01 -8.14 42.59
C TRP B 176 5.73 -7.03 43.36
N THR B 177 5.25 -5.79 43.25
CA THR B 177 5.91 -4.65 43.88
C THR B 177 4.87 -3.79 44.58
N SER B 178 5.30 -3.11 45.64
CA SER B 178 4.43 -2.19 46.35
C SER B 178 5.26 -1.05 46.92
N ALA B 179 4.76 0.17 46.76
CA ALA B 179 5.43 1.35 47.28
C ALA B 179 4.98 1.62 48.71
N VAL B 180 5.93 1.99 49.55
CA VAL B 180 5.69 2.22 50.96
C VAL B 180 6.10 3.65 51.30
N GLY B 181 5.21 4.37 51.96
CA GLY B 181 5.49 5.74 52.37
C GLY B 181 5.32 5.91 53.86
N GLY B 182 6.21 6.69 54.45
CA GLY B 182 6.18 6.96 55.87
C GLY B 182 7.25 6.26 56.69
N ILE B 183 8.37 5.87 56.10
CA ILE B 183 9.43 5.19 56.82
C ILE B 183 10.73 5.37 56.06
N SER B 184 11.82 5.50 56.80
CA SER B 184 13.12 5.72 56.20
C SER B 184 13.62 4.45 55.51
N PRO B 185 14.50 4.58 54.51
CA PRO B 185 14.97 3.38 53.80
C PRO B 185 15.69 2.39 54.70
N GLN B 186 16.70 2.86 55.43
CA GLN B 186 17.46 1.95 56.28
C GLN B 186 16.59 1.30 57.35
N ASP B 187 15.68 2.09 57.93
CA ASP B 187 14.78 1.54 58.94
C ASP B 187 13.90 0.45 58.35
N LEU B 188 13.36 0.67 57.15
CA LEU B 188 12.53 -0.34 56.52
C LEU B 188 13.35 -1.60 56.21
N GLN B 189 14.57 -1.43 55.73
CA GLN B 189 15.41 -2.59 55.46
C GLN B 189 15.67 -3.38 56.72
N ASP B 190 15.94 -2.69 57.84
CA ASP B 190 16.10 -3.37 59.11
C ASP B 190 14.82 -4.11 59.49
N ARG B 191 13.66 -3.50 59.22
CA ARG B 191 12.39 -4.15 59.51
C ARG B 191 12.26 -5.45 58.72
N ILE B 192 12.64 -5.44 57.44
CA ILE B 192 12.57 -6.67 56.64
C ILE B 192 13.54 -7.70 57.19
N SER B 193 14.75 -7.28 57.56
CA SER B 193 15.71 -8.21 58.13
C SER B 193 15.12 -8.89 59.36
N ALA B 194 14.50 -8.11 60.24
CA ALA B 194 13.86 -8.67 61.42
C ALA B 194 12.75 -9.63 61.03
N TYR B 195 11.97 -9.28 60.01
CA TYR B 195 10.86 -10.13 59.59
C TYR B 195 11.37 -11.49 59.12
N THR B 196 12.37 -11.49 58.22
CA THR B 196 12.91 -12.77 57.76
C THR B 196 13.52 -13.56 58.91
N ALA B 197 14.26 -12.90 59.78
CA ALA B 197 14.84 -13.62 60.92
C ALA B 197 13.75 -14.26 61.76
N GLU B 198 12.64 -13.54 61.96
CA GLU B 198 11.52 -14.11 62.72
C GLU B 198 10.98 -15.35 62.06
N GLN B 199 10.80 -15.32 60.74
CA GLN B 199 10.35 -16.47 59.98
C GLN B 199 11.57 -17.29 59.54
N ALA B 200 11.34 -18.29 58.68
CA ALA B 200 12.40 -19.08 58.09
C ALA B 200 12.04 -19.28 56.62
N LEU B 201 12.51 -18.35 55.77
CA LEU B 201 12.20 -18.36 54.36
C LEU B 201 13.46 -18.59 53.55
N ALA B 202 13.31 -19.26 52.41
CA ALA B 202 14.44 -19.48 51.51
C ALA B 202 14.97 -18.14 51.03
N SER B 203 16.29 -18.07 50.84
CA SER B 203 16.92 -16.83 50.42
C SER B 203 16.37 -16.31 49.09
N VAL B 204 15.60 -17.11 48.37
CA VAL B 204 15.02 -16.69 47.10
C VAL B 204 13.53 -16.37 47.25
N SER B 205 13.06 -16.14 48.46
CA SER B 205 11.66 -15.78 48.68
C SER B 205 11.46 -14.65 49.67
N VAL B 206 12.52 -14.13 50.28
CA VAL B 206 12.36 -13.06 51.26
C VAL B 206 12.06 -11.75 50.53
N PRO B 207 11.24 -10.86 51.10
CA PRO B 207 11.07 -9.55 50.48
C PRO B 207 12.35 -8.74 50.52
N TYR B 208 12.46 -7.80 49.58
CA TYR B 208 13.67 -7.01 49.42
C TYR B 208 13.31 -5.64 48.88
N LEU B 209 14.22 -4.68 49.10
CA LEU B 209 14.05 -3.33 48.58
C LEU B 209 14.42 -3.30 47.11
N SER B 210 13.49 -2.85 46.27
CA SER B 210 13.77 -2.67 44.85
C SER B 210 14.29 -1.26 44.57
N ALA B 211 13.65 -0.25 45.14
CA ALA B 211 14.03 1.13 44.90
C ALA B 211 13.93 1.93 46.19
N ALA B 212 14.73 2.98 46.28
CA ALA B 212 14.69 3.94 47.38
C ALA B 212 14.28 5.28 46.77
N VAL B 213 12.97 5.51 46.70
CA VAL B 213 12.47 6.69 46.01
C VAL B 213 12.87 7.98 46.70
N GLY B 214 13.22 7.92 47.98
CA GLY B 214 13.63 9.09 48.71
C GLY B 214 13.56 8.88 50.20
N PRO B 215 13.97 9.90 50.98
CA PRO B 215 13.95 9.76 52.44
C PRO B 215 12.56 9.55 53.01
N GLY B 216 11.52 9.88 52.25
CA GLY B 216 10.16 9.78 52.76
C GLY B 216 9.32 8.70 52.10
N GLN B 217 9.83 8.10 51.02
CA GLN B 217 9.08 7.09 50.30
C GLN B 217 10.05 6.07 49.73
N SER B 218 9.61 4.80 49.69
CA SER B 218 10.45 3.71 49.20
C SER B 218 9.56 2.63 48.62
N SER B 219 10.18 1.72 47.87
CA SER B 219 9.50 0.63 47.20
C SER B 219 10.09 -0.69 47.62
N VAL B 220 9.24 -1.70 47.78
CA VAL B 220 9.65 -3.05 48.18
C VAL B 220 8.90 -4.05 47.32
N SER B 221 9.59 -5.11 46.92
CA SER B 221 9.03 -6.14 46.05
C SER B 221 9.26 -7.51 46.66
N ALA B 222 8.36 -8.44 46.33
CA ALA B 222 8.42 -9.80 46.83
C ALA B 222 7.41 -10.63 46.04
N ALA B 223 7.25 -11.89 46.43
CA ALA B 223 6.24 -12.72 45.82
C ALA B 223 4.85 -12.24 46.25
N PRO B 224 3.81 -12.50 45.44
CA PRO B 224 2.48 -11.95 45.75
C PRO B 224 2.01 -12.25 47.16
N VAL B 225 1.91 -13.53 47.52
CA VAL B 225 1.41 -13.89 48.83
C VAL B 225 2.38 -13.43 49.92
N ILE B 226 3.69 -13.60 49.68
CA ILE B 226 4.68 -13.10 50.63
C ILE B 226 4.59 -11.59 50.74
N LEU B 227 4.37 -10.91 49.62
CA LEU B 227 4.24 -9.46 49.64
C LEU B 227 3.06 -9.03 50.49
N ASP B 228 1.91 -9.68 50.32
CA ASP B 228 0.75 -9.34 51.13
C ASP B 228 0.98 -9.65 52.60
N ALA B 229 1.62 -10.78 52.89
CA ALA B 229 1.91 -11.11 54.28
C ALA B 229 2.79 -10.04 54.93
N PHE B 230 3.80 -9.57 54.21
CA PHE B 230 4.67 -8.53 54.76
C PHE B 230 3.92 -7.20 54.88
N LEU B 231 3.09 -6.86 53.89
CA LEU B 231 2.33 -5.63 53.95
C LEU B 231 1.37 -5.61 55.14
N SER B 232 0.83 -6.78 55.49
CA SER B 232 -0.05 -6.86 56.65
C SER B 232 0.66 -6.39 57.91
N THR B 233 1.99 -6.53 57.97
CA THR B 233 2.74 -6.11 59.15
C THR B 233 2.88 -4.60 59.22
N LEU B 234 2.97 -3.93 58.07
CA LEU B 234 3.17 -2.48 58.03
C LEU B 234 1.91 -1.78 58.53
N LEU B 235 2.02 -1.10 59.66
CA LEU B 235 0.89 -0.41 60.28
C LEU B 235 0.84 1.03 59.78
N ARG B 236 0.03 1.86 60.44
CA ARG B 236 0.00 3.28 60.17
C ARG B 236 1.05 4.00 61.01
N PRO B 237 1.49 5.19 60.58
CA PRO B 237 1.02 5.98 59.43
C PRO B 237 1.52 5.45 58.10
N LEU B 238 2.30 4.38 58.10
CA LEU B 238 2.83 3.85 56.85
C LEU B 238 1.70 3.47 55.91
N THR B 239 1.80 3.92 54.67
CA THR B 239 0.80 3.67 53.63
C THR B 239 1.43 2.84 52.52
N THR B 240 0.66 1.90 51.99
CA THR B 240 1.16 0.96 50.99
C THR B 240 0.23 0.95 49.79
N THR B 241 0.83 0.88 48.60
CA THR B 241 0.10 0.79 47.34
C THR B 241 0.72 -0.30 46.48
N ARG B 242 -0.09 -0.85 45.58
CA ARG B 242 0.32 -1.96 44.73
C ARG B 242 0.54 -1.46 43.31
N LEU B 243 1.80 -1.39 42.90
CA LEU B 243 2.13 -0.96 41.55
C LEU B 243 1.82 -2.07 40.54
N PRO B 244 1.66 -1.72 39.26
CA PRO B 244 1.38 -2.72 38.22
C PRO B 244 2.66 -3.30 37.60
N ILE B 245 3.55 -3.82 38.45
CA ILE B 245 4.74 -4.53 38.03
C ILE B 245 4.52 -6.01 38.28
N THR B 246 4.74 -6.83 37.26
CA THR B 246 4.29 -8.21 37.27
C THR B 246 5.39 -9.23 37.57
N ALA B 247 6.65 -8.84 37.47
CA ALA B 247 7.77 -9.76 37.65
C ALA B 247 8.79 -9.16 38.61
N PRO B 248 9.61 -10.00 39.24
CA PRO B 248 10.64 -9.48 40.16
C PRO B 248 11.87 -9.01 39.40
N TYR B 249 12.19 -7.73 39.55
CA TYR B 249 13.43 -7.17 39.02
C TYR B 249 14.25 -6.59 40.16
N HIS B 250 15.40 -6.02 39.81
CA HIS B 250 16.28 -5.37 40.79
C HIS B 250 16.58 -6.31 41.95
N ALA B 251 16.60 -7.62 41.69
CA ALA B 251 16.84 -8.59 42.74
C ALA B 251 18.28 -9.09 42.63
N PRO B 252 19.19 -8.70 43.52
CA PRO B 252 20.56 -9.22 43.46
C PRO B 252 20.72 -10.62 44.03
N HIS B 253 19.62 -11.32 44.31
CA HIS B 253 19.67 -12.68 44.85
C HIS B 253 18.88 -13.65 43.98
N LEU B 254 18.46 -13.25 42.79
CA LEU B 254 17.72 -14.12 41.87
C LEU B 254 18.36 -14.22 40.49
N PHE B 255 19.18 -13.26 40.09
CA PHE B 255 19.82 -13.25 38.78
C PHE B 255 21.32 -13.10 38.94
N THR B 256 22.06 -13.57 37.95
CA THR B 256 23.50 -13.43 37.91
C THR B 256 23.94 -13.19 36.47
N ALA B 257 25.25 -13.09 36.27
CA ALA B 257 25.77 -12.66 34.97
C ALA B 257 25.29 -13.57 33.84
N LYS B 258 24.99 -14.83 34.14
CA LYS B 258 24.57 -15.76 33.10
C LYS B 258 23.27 -15.31 32.45
N ASP B 259 22.32 -14.84 33.26
CA ASP B 259 21.08 -14.32 32.70
C ASP B 259 21.34 -13.08 31.85
N VAL B 260 22.28 -12.24 32.28
CA VAL B 260 22.63 -11.06 31.49
C VAL B 260 23.16 -11.49 30.13
N GLN B 261 24.03 -12.49 30.09
CA GLN B 261 24.50 -13.01 28.82
C GLN B 261 23.34 -13.55 27.99
N HIS B 262 22.42 -14.27 28.63
CA HIS B 262 21.30 -14.86 27.91
C HIS B 262 20.46 -13.79 27.24
N VAL B 263 20.17 -12.70 27.95
CA VAL B 263 19.34 -11.65 27.38
C VAL B 263 20.07 -10.94 26.24
N THR B 264 21.35 -10.62 26.46
CA THR B 264 22.13 -9.90 25.46
C THR B 264 22.42 -10.75 24.22
N ASP B 265 22.15 -12.05 24.26
CA ASP B 265 22.54 -12.92 23.15
C ASP B 265 21.86 -12.56 21.85
N CYS B 266 20.79 -11.76 21.87
CA CYS B 266 20.09 -11.42 20.64
C CYS B 266 20.90 -10.50 19.74
N LEU B 267 21.94 -9.86 20.25
CA LEU B 267 22.77 -8.97 19.45
C LEU B 267 23.96 -9.75 18.91
N PRO B 268 24.05 -9.99 17.60
CA PRO B 268 25.23 -10.68 17.08
C PRO B 268 26.47 -9.83 17.24
N PRO B 269 27.63 -10.44 17.43
CA PRO B 269 28.87 -9.65 17.52
C PRO B 269 29.26 -9.08 16.17
N SER B 270 29.95 -7.94 16.21
CA SER B 270 30.44 -7.28 15.01
C SER B 270 31.24 -6.06 15.45
N GLU B 271 31.88 -5.42 14.48
CA GLU B 271 32.67 -4.22 14.72
C GLU B 271 31.94 -2.95 14.27
N ALA B 272 30.72 -3.06 13.79
CA ALA B 272 29.96 -1.92 13.29
C ALA B 272 29.04 -1.32 14.33
N TRP B 273 29.02 -1.85 15.55
CA TRP B 273 28.12 -1.34 16.57
C TRP B 273 28.48 0.11 16.91
N PRO B 274 27.56 1.06 16.78
CA PRO B 274 27.93 2.46 17.02
C PRO B 274 28.22 2.73 18.48
N THR B 275 29.32 3.42 18.75
CA THR B 275 29.67 3.79 20.11
C THR B 275 28.70 4.85 20.63
N VAL B 276 28.36 4.74 21.91
CA VAL B 276 27.49 5.75 22.52
C VAL B 276 28.23 7.07 22.61
N ARG B 277 27.57 8.15 22.18
CA ARG B 277 28.20 9.46 22.10
C ARG B 277 27.53 10.53 22.94
N ILE B 278 26.23 10.42 23.18
CA ILE B 278 25.50 11.37 24.02
C ILE B 278 25.53 10.85 25.45
N PRO B 279 26.06 11.61 26.41
CA PRO B 279 26.26 11.06 27.76
C PRO B 279 24.96 10.57 28.36
N ILE B 280 25.05 9.45 29.07
CA ILE B 280 23.91 8.86 29.78
C ILE B 280 24.16 9.04 31.26
N ILE B 281 23.20 9.63 31.96
CA ILE B 281 23.30 9.88 33.39
C ILE B 281 22.52 8.79 34.10
N SER B 282 23.25 7.88 34.73
CA SER B 282 22.65 6.81 35.53
C SER B 282 23.08 6.96 36.98
N PHE B 283 22.21 6.53 37.88
CA PHE B 283 22.39 6.75 39.31
C PHE B 283 22.61 5.47 40.11
N SER B 284 22.00 4.36 39.71
CA SER B 284 22.17 3.12 40.46
C SER B 284 23.63 2.69 40.50
N ARG B 285 24.37 2.92 39.42
CA ARG B 285 25.76 2.50 39.36
C ARG B 285 26.61 3.35 40.30
N ASP B 286 27.91 3.06 40.33
CA ASP B 286 28.83 3.88 41.10
C ASP B 286 29.19 5.16 40.34
N GLU B 287 29.79 5.02 39.17
CA GLU B 287 30.03 6.16 38.29
C GLU B 287 28.73 6.51 37.57
N ALA B 288 28.34 7.78 37.64
CA ALA B 288 27.04 8.19 37.14
C ALA B 288 27.07 8.73 35.72
N VAL B 289 28.23 8.76 35.07
CA VAL B 289 28.38 9.25 33.71
C VAL B 289 28.91 8.11 32.84
N SER B 290 28.22 7.86 31.73
CA SER B 290 28.59 6.78 30.82
C SER B 290 28.77 7.35 29.42
N ARG B 291 29.89 7.03 28.78
CA ARG B 291 30.17 7.49 27.43
C ARG B 291 31.37 6.74 26.89
N GLY B 292 31.28 6.36 25.61
CA GLY B 292 32.36 5.70 24.92
C GLY B 292 32.19 4.21 24.77
N ALA B 293 31.50 3.56 25.70
CA ALA B 293 31.32 2.12 25.63
C ALA B 293 30.51 1.76 24.38
N SER B 294 30.84 0.62 23.78
CA SER B 294 30.14 0.18 22.60
C SER B 294 28.68 -0.13 22.92
N PHE B 295 27.87 -0.22 21.88
CA PHE B 295 26.44 -0.48 22.08
C PHE B 295 26.19 -1.76 22.83
N PRO B 296 26.79 -2.90 22.48
CA PRO B 296 26.56 -4.11 23.29
C PRO B 296 26.97 -3.93 24.75
N ALA B 297 28.08 -3.24 25.02
CA ALA B 297 28.53 -3.09 26.40
C ALA B 297 27.56 -2.24 27.20
N ALA B 298 27.16 -1.09 26.66
CA ALA B 298 26.21 -0.24 27.35
C ALA B 298 24.88 -0.95 27.52
N MET B 299 24.46 -1.72 26.52
CA MET B 299 23.21 -2.46 26.63
C MET B 299 23.28 -3.49 27.75
N SER B 300 24.41 -4.21 27.83
CA SER B 300 24.57 -5.19 28.91
C SER B 300 24.55 -4.51 30.27
N GLU B 301 25.22 -3.37 30.39
CA GLU B 301 25.21 -2.66 31.66
C GLU B 301 23.80 -2.18 32.01
N ALA B 302 23.05 -1.72 31.01
CA ALA B 302 21.67 -1.32 31.27
C ALA B 302 20.83 -2.50 31.73
N VAL B 303 21.03 -3.67 31.11
CA VAL B 303 20.30 -4.86 31.55
C VAL B 303 20.68 -5.21 32.98
N ARG B 304 21.96 -5.07 33.32
CA ARG B 304 22.39 -5.32 34.70
C ARG B 304 21.70 -4.37 35.66
N ASP B 305 21.61 -3.10 35.29
CA ASP B 305 20.89 -2.14 36.13
C ASP B 305 19.43 -2.55 36.28
N CYS B 306 18.82 -3.00 35.18
CA CYS B 306 17.41 -3.34 35.18
C CYS B 306 17.12 -4.65 35.91
N LEU B 307 18.13 -5.49 36.13
CA LEU B 307 17.93 -6.84 36.62
C LEU B 307 18.65 -7.16 37.91
N ILE B 308 19.82 -6.58 38.17
CA ILE B 308 20.63 -6.95 39.30
C ILE B 308 20.75 -5.84 40.35
N ARG B 309 20.70 -4.57 39.94
CA ARG B 309 20.91 -3.51 40.91
C ARG B 309 19.59 -2.96 41.43
N PRO B 310 19.57 -2.43 42.65
CA PRO B 310 18.40 -1.69 43.11
C PRO B 310 18.48 -0.23 42.71
N ILE B 311 17.47 0.25 41.99
CA ILE B 311 17.50 1.62 41.48
C ILE B 311 17.38 2.58 42.66
N ALA B 312 18.38 3.45 42.82
CA ALA B 312 18.39 4.44 43.90
C ALA B 312 17.86 5.76 43.32
N LEU B 313 16.54 5.83 43.18
CA LEU B 313 15.92 7.01 42.58
C LEU B 313 16.26 8.28 43.35
N ASP B 314 16.45 8.18 44.65
CA ASP B 314 16.63 9.37 45.47
C ASP B 314 17.81 10.22 45.01
N ARG B 315 18.81 9.61 44.39
CA ARG B 315 20.02 10.31 43.98
C ARG B 315 19.97 10.80 42.53
N MET B 316 18.84 10.63 41.84
CA MET B 316 18.78 11.05 40.44
C MET B 316 19.04 12.55 40.31
N ALA B 317 18.30 13.36 41.06
CA ALA B 317 18.41 14.81 40.91
C ALA B 317 19.81 15.29 41.22
N VAL B 318 20.44 14.73 42.25
CA VAL B 318 21.81 15.13 42.58
C VAL B 318 22.76 14.79 41.44
N SER B 319 22.55 13.63 40.80
CA SER B 319 23.41 13.25 39.68
C SER B 319 23.25 14.22 38.52
N ILE B 320 22.01 14.57 38.18
CA ILE B 320 21.80 15.52 37.07
C ILE B 320 22.43 16.86 37.41
N ALA B 321 22.25 17.33 38.65
CA ALA B 321 22.85 18.60 39.04
C ALA B 321 24.37 18.53 38.95
N ASN B 322 24.96 17.41 39.37
CA ASN B 322 26.40 17.27 39.30
C ASN B 322 26.89 17.36 37.86
N HIS B 323 26.21 16.65 36.95
CA HIS B 323 26.62 16.72 35.55
C HIS B 323 26.47 18.13 34.99
N ALA B 324 25.36 18.79 35.33
CA ALA B 324 25.15 20.16 34.85
C ALA B 324 26.27 21.07 35.29
N ARG B 325 26.61 21.06 36.58
CA ARG B 325 27.69 21.90 37.05
C ARG B 325 29.04 21.46 36.49
N ASP B 326 29.18 20.18 36.13
CA ASP B 326 30.39 19.73 35.46
C ASP B 326 30.54 20.40 34.10
N LEU B 327 29.45 20.46 33.33
CA LEU B 327 29.50 21.18 32.06
C LEU B 327 29.67 22.68 32.29
N GLY B 328 29.10 23.20 33.37
CA GLY B 328 29.17 24.60 33.69
C GLY B 328 27.89 25.38 33.48
N LYS B 329 26.76 24.71 33.29
CA LYS B 329 25.49 25.37 33.06
C LYS B 329 24.78 25.64 34.38
N ASP B 330 23.71 26.44 34.30
CA ASP B 330 23.02 26.91 35.50
C ASP B 330 21.51 26.69 35.40
N SER B 331 21.09 25.67 34.66
CA SER B 331 19.67 25.35 34.55
C SER B 331 19.52 24.07 33.74
N VAL B 332 18.38 23.41 33.90
CA VAL B 332 18.05 22.20 33.16
C VAL B 332 16.58 22.26 32.75
N LEU B 333 16.30 21.90 31.49
CA LEU B 333 14.94 21.83 31.01
C LEU B 333 14.51 20.38 30.96
N PRO B 334 13.58 19.93 31.79
CA PRO B 334 13.14 18.54 31.70
C PRO B 334 12.30 18.30 30.46
N SER B 335 12.54 17.17 29.81
CA SER B 335 11.78 16.74 28.64
C SER B 335 11.35 15.29 28.83
N PRO B 336 10.55 15.02 29.86
CA PRO B 336 10.21 13.64 30.18
C PRO B 336 9.37 13.00 29.09
N ILE B 337 9.68 11.74 28.79
CA ILE B 337 8.91 10.93 27.86
C ILE B 337 8.38 9.73 28.62
N ALA B 338 7.05 9.66 28.75
CA ALA B 338 6.39 8.52 29.40
C ALA B 338 6.91 8.31 30.82
N LEU B 339 7.32 9.38 31.49
CA LEU B 339 7.84 9.31 32.85
C LEU B 339 6.71 9.64 33.81
N SER B 340 6.25 8.62 34.56
CA SER B 340 5.16 8.84 35.50
C SER B 340 5.56 9.84 36.57
N PHE B 341 4.66 10.78 36.86
CA PHE B 341 4.89 11.80 37.88
C PHE B 341 6.15 12.62 37.54
N SER B 342 6.10 13.27 36.38
CA SER B 342 7.23 14.02 35.88
C SER B 342 7.22 15.49 36.27
N ASP B 343 6.08 16.01 36.71
CA ASP B 343 6.00 17.44 37.01
C ASP B 343 6.97 17.81 38.13
N LYS B 344 7.03 17.01 39.19
CA LYS B 344 7.89 17.34 40.32
C LYS B 344 9.36 17.31 39.95
N LEU B 345 9.72 16.63 38.86
CA LEU B 345 11.14 16.47 38.54
C LEU B 345 11.79 17.82 38.26
N GLY B 346 11.10 18.70 37.53
CA GLY B 346 11.66 19.97 37.13
C GLY B 346 12.29 20.73 38.27
N PRO B 347 11.47 21.20 39.23
CA PRO B 347 12.03 21.98 40.33
C PRO B 347 13.03 21.22 41.18
N GLN B 348 12.89 19.89 41.27
CA GLN B 348 13.79 19.12 42.13
C GLN B 348 15.23 19.22 41.65
N VAL B 349 15.45 19.12 40.34
CA VAL B 349 16.81 19.28 39.81
C VAL B 349 17.25 20.74 39.91
N ASN B 350 16.36 21.67 39.58
CA ASN B 350 16.74 23.08 39.58
C ASN B 350 17.20 23.55 40.95
N SER B 351 16.67 22.95 42.02
CA SER B 351 16.98 23.40 43.36
C SER B 351 18.43 23.16 43.74
N HIS B 352 19.17 22.35 42.99
CA HIS B 352 20.57 22.06 43.27
C HIS B 352 21.53 22.88 42.41
N LEU B 353 21.02 23.86 41.67
CA LEU B 353 21.84 24.72 40.84
C LEU B 353 21.65 26.17 41.28
N PRO B 354 22.47 27.10 40.80
CA PRO B 354 22.22 28.52 41.09
C PRO B 354 20.82 28.90 40.68
N GLY B 355 20.16 29.67 41.55
CA GLY B 355 18.78 30.05 41.32
C GLY B 355 18.62 31.13 40.26
N ALA B 356 18.95 30.80 39.03
CA ALA B 356 18.85 31.73 37.90
C ALA B 356 18.08 31.09 36.76
N LYS B 357 17.04 30.34 37.09
CA LYS B 357 16.22 29.67 36.08
C LYS B 357 15.33 30.70 35.41
N ALA B 358 15.87 31.34 34.37
CA ALA B 358 15.09 32.31 33.61
C ALA B 358 13.86 31.61 33.05
N PRO B 359 12.65 32.17 33.22
CA PRO B 359 11.44 31.44 32.81
C PRO B 359 11.43 31.11 31.33
N THR B 360 11.46 32.13 30.47
CA THR B 360 11.47 32.00 29.01
C THR B 360 10.64 30.81 28.53
N PRO B 361 9.38 30.69 28.95
CA PRO B 361 8.58 29.50 28.58
C PRO B 361 7.95 29.66 27.19
N GLU B 362 8.79 29.86 26.18
CA GLU B 362 8.32 30.11 24.82
C GLU B 362 9.04 29.17 23.86
N LEU B 363 8.28 28.66 22.88
CA LEU B 363 8.83 27.78 21.85
C LEU B 363 8.08 28.08 20.56
N THR B 364 8.64 28.97 19.74
CA THR B 364 8.02 29.28 18.45
C THR B 364 8.00 28.03 17.58
N SER B 365 6.79 27.57 17.27
CA SER B 365 6.60 26.33 16.54
C SER B 365 5.51 26.48 15.48
N LYS B 366 5.43 27.64 14.86
CA LYS B 366 4.48 27.82 13.76
C LYS B 366 5.01 27.07 12.55
N SER B 367 4.29 26.05 12.11
CA SER B 367 4.79 25.20 11.05
C SER B 367 4.83 25.97 9.73
N ILE B 368 5.86 25.70 8.94
CA ILE B 368 5.95 26.32 7.61
C ILE B 368 4.80 25.80 6.75
N PRO B 369 4.14 26.64 5.95
CA PRO B 369 3.05 26.13 5.13
C PRO B 369 3.53 25.05 4.19
N SER B 370 2.70 24.03 4.01
CA SER B 370 3.06 22.88 3.21
C SER B 370 2.88 23.20 1.72
N ALA B 371 3.70 22.55 0.89
CA ALA B 371 3.59 22.72 -0.55
C ALA B 371 2.19 22.36 -1.02
N ILE B 372 1.67 23.15 -1.94
CA ILE B 372 0.32 22.92 -2.46
C ILE B 372 0.21 21.47 -2.92
N GLY B 373 -0.93 20.86 -2.67
CA GLY B 373 -1.13 19.46 -3.04
C GLY B 373 -0.61 18.47 -2.02
N ALA B 374 0.65 18.61 -1.60
CA ALA B 374 1.23 17.69 -0.63
C ALA B 374 0.68 17.88 0.78
N GLU B 375 -0.04 18.97 1.04
CA GLU B 375 -0.58 19.20 2.37
C GLU B 375 -1.49 18.05 2.80
N GLN B 376 -2.22 17.46 1.87
CA GLN B 376 -3.08 16.32 2.19
C GLN B 376 -2.25 15.17 2.75
N GLN B 377 -2.81 14.48 3.75
CA GLN B 377 -2.13 13.37 4.38
C GLN B 377 -1.99 12.21 3.38
N PRO B 378 -0.83 11.55 3.31
CA PRO B 378 -0.65 10.48 2.33
C PRO B 378 -1.89 9.64 2.11
N MET B 379 -2.11 9.22 0.86
CA MET B 379 -3.38 8.61 0.49
C MET B 379 -3.83 7.53 1.47
N ALA B 380 -2.89 6.90 2.16
CA ALA B 380 -3.23 5.89 3.15
C ALA B 380 -4.24 6.44 4.15
N LYS B 381 -5.40 5.79 4.23
CA LYS B 381 -6.43 6.13 5.21
C LYS B 381 -6.80 7.62 5.13
N SER B 382 -7.30 8.01 3.97
CA SER B 382 -7.86 9.33 3.79
C SER B 382 -9.38 9.26 3.76
N PRO B 383 -10.09 10.28 4.24
CA PRO B 383 -11.56 10.21 4.24
C PRO B 383 -12.09 10.04 2.83
N ILE B 384 -13.13 9.23 2.71
CA ILE B 384 -13.79 8.97 1.44
C ILE B 384 -15.01 9.85 1.34
N ALA B 385 -15.36 10.24 0.12
CA ALA B 385 -16.47 11.16 -0.13
C ALA B 385 -17.49 10.49 -1.04
N ILE B 386 -18.77 10.60 -0.67
CA ILE B 386 -19.87 10.09 -1.46
C ILE B 386 -20.41 11.27 -2.26
N LEU B 387 -20.10 11.31 -3.55
CA LEU B 387 -20.48 12.47 -4.36
C LEU B 387 -21.98 12.53 -4.59
N ALA B 388 -22.58 11.41 -4.99
CA ALA B 388 -24.00 11.39 -5.30
C ALA B 388 -24.48 9.95 -5.24
N ALA B 389 -25.80 9.79 -5.20
CA ALA B 389 -26.42 8.47 -5.17
C ALA B 389 -27.79 8.54 -5.81
N SER B 390 -28.06 7.59 -6.70
CA SER B 390 -29.37 7.47 -7.32
C SER B 390 -29.77 6.00 -7.30
N GLY B 391 -31.08 5.77 -7.34
CA GLY B 391 -31.58 4.41 -7.31
C GLY B 391 -33.08 4.31 -7.15
N ARG B 392 -33.69 3.36 -7.85
CA ARG B 392 -35.12 3.14 -7.72
C ARG B 392 -35.42 2.47 -6.38
N PHE B 393 -36.69 2.52 -5.99
CA PHE B 393 -37.13 1.98 -4.72
C PHE B 393 -38.59 1.58 -4.85
N PRO B 394 -39.06 0.66 -4.02
CA PRO B 394 -40.48 0.27 -4.08
C PRO B 394 -41.39 1.47 -3.80
N GLN B 395 -42.51 1.52 -4.51
CA GLN B 395 -43.49 2.59 -4.34
C GLN B 395 -42.82 3.96 -4.41
N SER B 396 -41.94 4.13 -5.39
CA SER B 396 -41.22 5.38 -5.57
C SER B 396 -40.42 5.27 -6.87
N SER B 397 -39.79 6.38 -7.24
CA SER B 397 -39.04 6.43 -8.48
C SER B 397 -37.69 7.12 -8.36
N SER B 398 -37.33 7.64 -7.18
CA SER B 398 -36.07 8.34 -7.01
C SER B 398 -35.87 8.62 -5.51
N MET B 399 -34.77 9.30 -5.19
CA MET B 399 -34.46 9.57 -3.79
C MET B 399 -35.53 10.43 -3.14
N ASP B 400 -36.02 11.45 -3.86
CA ASP B 400 -37.00 12.35 -3.28
C ASP B 400 -38.28 11.62 -2.90
N GLN B 401 -38.79 10.79 -3.82
CA GLN B 401 -39.99 10.01 -3.51
C GLN B 401 -39.71 9.02 -2.39
N PHE B 402 -38.50 8.47 -2.34
CA PHE B 402 -38.15 7.58 -1.25
C PHE B 402 -38.23 8.29 0.10
N TRP B 403 -37.70 9.52 0.17
CA TRP B 403 -37.82 10.31 1.39
C TRP B 403 -39.28 10.58 1.71
N ASP B 404 -40.07 10.94 0.70
CA ASP B 404 -41.48 11.24 0.94
C ASP B 404 -42.19 10.04 1.55
N VAL B 405 -41.95 8.84 1.00
CA VAL B 405 -42.58 7.65 1.56
C VAL B 405 -42.02 7.33 2.94
N LEU B 406 -40.75 7.68 3.20
CA LEU B 406 -40.16 7.40 4.50
C LEU B 406 -40.80 8.24 5.60
N ILE B 407 -40.92 9.55 5.37
CA ILE B 407 -41.31 10.45 6.45
C ILE B 407 -42.75 10.21 6.87
N ASN B 408 -43.64 9.93 5.92
CA ASN B 408 -45.01 9.63 6.29
C ASN B 408 -45.11 8.36 7.12
N GLY B 409 -44.07 7.54 7.15
CA GLY B 409 -44.09 6.31 7.90
C GLY B 409 -45.14 5.36 7.38
N VAL B 410 -44.96 4.87 6.16
CA VAL B 410 -45.93 4.02 5.49
C VAL B 410 -45.21 2.76 5.02
N ASP B 411 -45.82 1.61 5.27
CA ASP B 411 -45.26 0.33 4.84
C ASP B 411 -45.50 0.14 3.35
N THR B 412 -44.45 -0.25 2.64
CA THR B 412 -44.53 -0.37 1.18
C THR B 412 -45.16 -1.69 0.73
N HIS B 413 -45.47 -2.59 1.64
CA HIS B 413 -46.06 -3.87 1.25
C HIS B 413 -47.36 -3.62 0.49
N GLU B 414 -47.51 -4.32 -0.64
CA GLU B 414 -48.68 -4.13 -1.48
C GLU B 414 -48.85 -5.36 -2.36
N LEU B 415 -50.05 -5.50 -2.93
CA LEU B 415 -50.34 -6.60 -3.82
C LEU B 415 -49.54 -6.44 -5.12
N VAL B 416 -49.05 -7.56 -5.64
CA VAL B 416 -48.25 -7.53 -6.86
C VAL B 416 -49.11 -6.97 -8.00
N PRO B 417 -48.61 -6.02 -8.80
CA PRO B 417 -49.37 -5.58 -9.97
C PRO B 417 -49.59 -6.74 -10.93
N PRO B 418 -50.76 -6.81 -11.58
CA PRO B 418 -51.01 -7.92 -12.51
C PRO B 418 -50.09 -7.92 -13.71
N THR B 419 -49.52 -6.76 -14.08
CA THR B 419 -48.67 -6.70 -15.27
C THR B 419 -47.45 -7.59 -15.17
N ARG B 420 -47.03 -7.94 -13.96
CA ARG B 420 -45.84 -8.76 -13.78
C ARG B 420 -46.18 -10.25 -13.89
N GLY B 440 -50.24 -13.70 -0.68
CA GLY B 440 -49.61 -12.68 0.14
C GLY B 440 -49.14 -11.49 -0.67
N PHE B 441 -48.79 -10.41 0.02
CA PHE B 441 -48.33 -9.18 -0.60
C PHE B 441 -46.80 -9.09 -0.48
N GLY B 442 -46.26 -7.97 -0.95
CA GLY B 442 -44.82 -7.75 -0.87
C GLY B 442 -44.47 -6.33 -1.26
N CYS B 443 -43.20 -5.98 -1.02
CA CYS B 443 -42.68 -4.66 -1.36
C CYS B 443 -41.94 -4.78 -2.69
N TRP B 444 -42.68 -4.65 -3.78
CA TRP B 444 -42.14 -4.80 -5.12
C TRP B 444 -42.31 -3.51 -5.91
N LEU B 445 -41.34 -3.24 -6.77
CA LEU B 445 -41.38 -2.01 -7.57
C LEU B 445 -42.67 -1.94 -8.37
N HIS B 446 -43.31 -0.77 -8.35
CA HIS B 446 -44.56 -0.61 -9.08
C HIS B 446 -44.33 -0.78 -10.58
N GLU B 447 -43.36 -0.05 -11.13
CA GLU B 447 -42.95 -0.22 -12.51
C GLU B 447 -41.72 -1.14 -12.53
N ALA B 448 -41.88 -2.33 -13.11
CA ALA B 448 -40.85 -3.35 -12.97
C ALA B 448 -39.71 -3.14 -13.96
N GLY B 449 -39.99 -3.26 -15.25
CA GLY B 449 -38.97 -2.98 -16.25
C GLY B 449 -39.46 -2.06 -17.36
N GLU B 450 -38.94 -0.84 -17.38
CA GLU B 450 -39.13 0.08 -18.50
C GLU B 450 -37.77 0.65 -18.85
N PHE B 451 -37.50 0.77 -20.15
CA PHE B 451 -36.17 1.13 -20.63
C PHE B 451 -36.27 2.21 -21.70
N ASP B 452 -35.24 3.05 -21.75
CA ASP B 452 -35.07 4.03 -22.82
C ASP B 452 -34.05 3.47 -23.81
N ALA B 453 -34.52 2.52 -24.62
CA ALA B 453 -33.63 1.80 -25.51
C ALA B 453 -32.89 2.74 -26.46
N ALA B 454 -33.58 3.77 -26.95
CA ALA B 454 -32.96 4.66 -27.91
C ALA B 454 -31.71 5.33 -27.33
N TYR B 455 -31.78 5.76 -26.08
CA TYR B 455 -30.64 6.44 -25.47
C TYR B 455 -29.42 5.53 -25.42
N PHE B 456 -29.62 4.22 -25.30
CA PHE B 456 -28.53 3.30 -25.06
C PHE B 456 -28.05 2.58 -26.33
N ASN B 457 -28.48 3.04 -27.50
CA ASN B 457 -28.00 2.49 -28.77
C ASN B 457 -28.26 0.98 -28.84
N MET B 458 -29.54 0.63 -28.79
CA MET B 458 -29.96 -0.76 -28.84
C MET B 458 -31.17 -0.89 -29.77
N SER B 459 -31.34 -2.08 -30.32
CA SER B 459 -32.49 -2.32 -31.19
C SER B 459 -33.78 -2.13 -30.40
N PRO B 460 -34.80 -1.50 -30.98
CA PRO B 460 -36.04 -1.27 -30.22
C PRO B 460 -36.70 -2.55 -29.74
N ARG B 461 -36.41 -3.69 -30.38
CA ARG B 461 -37.07 -4.95 -30.05
C ARG B 461 -36.20 -5.90 -29.25
N GLU B 462 -34.90 -5.66 -29.14
CA GLU B 462 -34.01 -6.55 -28.41
C GLU B 462 -33.91 -6.21 -26.93
N ALA B 463 -34.56 -5.14 -26.47
CA ALA B 463 -34.48 -4.77 -25.07
C ALA B 463 -34.90 -5.89 -24.13
N PRO B 464 -35.98 -6.63 -24.38
CA PRO B 464 -36.39 -7.67 -23.43
C PRO B 464 -35.33 -8.73 -23.20
N GLN B 465 -34.41 -8.93 -24.14
CA GLN B 465 -33.35 -9.91 -23.94
C GLN B 465 -32.50 -9.55 -22.73
N VAL B 466 -32.15 -8.27 -22.59
CA VAL B 466 -31.43 -7.83 -21.40
C VAL B 466 -32.38 -7.80 -20.22
N ASP B 467 -31.98 -8.44 -19.12
CA ASP B 467 -32.87 -8.60 -17.98
C ASP B 467 -33.09 -7.25 -17.30
N PRO B 468 -34.15 -7.13 -16.50
CA PRO B 468 -34.44 -5.84 -15.86
C PRO B 468 -33.30 -5.32 -15.00
N ALA B 469 -32.55 -6.22 -14.35
CA ALA B 469 -31.50 -5.77 -13.44
C ALA B 469 -30.47 -4.91 -14.15
N GLN B 470 -30.00 -5.38 -15.31
CA GLN B 470 -28.99 -4.61 -16.05
C GLN B 470 -29.54 -3.26 -16.49
N ARG B 471 -30.78 -3.24 -16.98
CA ARG B 471 -31.38 -1.99 -17.45
C ARG B 471 -31.50 -0.99 -16.32
N LEU B 472 -32.03 -1.42 -15.17
CA LEU B 472 -32.18 -0.50 -14.05
C LEU B 472 -30.83 -0.04 -13.53
N ALA B 473 -29.84 -0.93 -13.49
CA ALA B 473 -28.51 -0.53 -13.09
C ALA B 473 -27.96 0.54 -14.02
N LEU B 474 -28.16 0.38 -15.32
CA LEU B 474 -27.68 1.36 -16.28
C LEU B 474 -28.37 2.72 -16.07
N LEU B 475 -29.69 2.69 -15.92
CA LEU B 475 -30.42 3.94 -15.69
C LEU B 475 -29.93 4.64 -14.44
N THR B 476 -29.85 3.91 -13.33
CA THR B 476 -29.46 4.53 -12.07
C THR B 476 -28.04 5.03 -12.12
N ALA B 477 -27.14 4.29 -12.76
CA ALA B 477 -25.76 4.75 -12.90
C ALA B 477 -25.69 6.03 -13.69
N THR B 478 -26.43 6.11 -14.81
CA THR B 478 -26.42 7.33 -15.60
C THR B 478 -26.93 8.51 -14.78
N GLU B 479 -28.02 8.31 -14.04
CA GLU B 479 -28.56 9.39 -13.22
C GLU B 479 -27.56 9.82 -12.16
N ALA B 480 -26.91 8.85 -11.51
CA ALA B 480 -25.94 9.19 -10.47
C ALA B 480 -24.78 9.98 -11.05
N LEU B 481 -24.24 9.55 -12.19
CA LEU B 481 -23.13 10.28 -12.79
C LEU B 481 -23.55 11.69 -13.17
N GLU B 482 -24.74 11.83 -13.76
CA GLU B 482 -25.22 13.16 -14.14
C GLU B 482 -25.35 14.05 -12.92
N GLN B 483 -25.95 13.53 -11.84
CA GLN B 483 -26.17 14.34 -10.65
C GLN B 483 -24.85 14.73 -9.99
N ALA B 484 -23.81 13.92 -10.16
CA ALA B 484 -22.52 14.21 -9.57
C ALA B 484 -21.72 15.23 -10.35
N GLY B 485 -22.22 15.68 -11.49
CA GLY B 485 -21.46 16.62 -12.31
C GLY B 485 -20.14 16.06 -12.78
N VAL B 486 -20.13 14.82 -13.23
CA VAL B 486 -18.93 14.15 -13.72
C VAL B 486 -19.04 13.97 -15.22
N VAL B 487 -18.02 14.41 -15.94
CA VAL B 487 -17.95 14.26 -17.39
C VAL B 487 -16.61 13.60 -17.72
N PRO B 488 -16.58 12.54 -18.51
CA PRO B 488 -15.31 11.84 -18.75
C PRO B 488 -14.27 12.75 -19.36
N ASN B 489 -13.04 12.60 -18.89
CA ASN B 489 -11.87 13.30 -19.44
C ASN B 489 -12.06 14.82 -19.40
N ARG B 490 -12.21 15.34 -18.20
CA ARG B 490 -12.20 16.78 -17.97
C ARG B 490 -11.21 17.20 -16.90
N THR B 491 -11.04 16.39 -15.86
CA THR B 491 -10.14 16.70 -14.76
C THR B 491 -9.28 15.47 -14.49
N SER B 492 -8.08 15.70 -13.93
CA SER B 492 -7.10 14.64 -13.80
C SER B 492 -7.56 13.52 -12.88
N SER B 493 -8.74 13.64 -12.28
CA SER B 493 -9.28 12.63 -11.39
C SER B 493 -10.55 11.97 -11.91
N THR B 494 -11.02 12.37 -13.09
CA THR B 494 -12.22 11.78 -13.71
C THR B 494 -11.87 11.31 -15.11
N GLN B 495 -10.75 10.61 -15.24
CA GLN B 495 -10.24 10.19 -16.53
C GLN B 495 -11.18 9.14 -17.14
N LYS B 496 -10.85 8.71 -18.35
CA LYS B 496 -11.52 7.57 -18.95
C LYS B 496 -10.93 6.24 -18.51
N ASN B 497 -9.75 6.25 -17.90
CA ASN B 497 -9.07 5.03 -17.49
C ASN B 497 -8.77 5.00 -15.99
N ARG B 498 -9.43 5.84 -15.21
CA ARG B 498 -9.27 5.86 -13.76
C ARG B 498 -10.63 5.81 -13.08
N VAL B 499 -11.56 5.06 -13.65
CA VAL B 499 -12.92 4.96 -13.13
C VAL B 499 -13.26 3.47 -13.09
N GLY B 500 -13.05 2.85 -11.94
CA GLY B 500 -13.45 1.47 -11.75
C GLY B 500 -14.93 1.34 -11.46
N VAL B 501 -15.43 0.12 -11.54
CA VAL B 501 -16.83 -0.18 -11.28
C VAL B 501 -16.91 -1.48 -10.49
N TRP B 502 -17.48 -1.41 -9.28
CA TRP B 502 -17.70 -2.58 -8.44
C TRP B 502 -19.19 -2.77 -8.26
N TYR B 503 -19.68 -3.98 -8.47
CA TYR B 503 -21.11 -4.26 -8.48
C TYR B 503 -21.39 -5.53 -7.69
N GLY B 504 -22.42 -5.48 -6.85
CA GLY B 504 -22.84 -6.67 -6.15
C GLY B 504 -23.67 -7.59 -7.04
N ALA B 505 -23.73 -8.85 -6.65
CA ALA B 505 -24.44 -9.87 -7.42
C ALA B 505 -25.44 -10.58 -6.52
N THR B 506 -26.68 -10.66 -6.97
CA THR B 506 -27.71 -11.41 -6.28
C THR B 506 -27.77 -12.83 -6.84
N SER B 507 -28.77 -13.61 -6.40
CA SER B 507 -28.95 -14.99 -6.85
C SER B 507 -30.07 -15.02 -7.87
N ASN B 508 -29.73 -15.26 -9.13
CA ASN B 508 -30.72 -15.31 -10.20
C ASN B 508 -31.38 -16.69 -10.25
N GLY B 526 -19.38 -9.71 -22.08
CA GLY B 526 -20.54 -10.56 -21.92
C GLY B 526 -21.86 -9.82 -22.08
N GLY B 527 -22.87 -10.51 -22.59
CA GLY B 527 -24.18 -9.91 -22.76
C GLY B 527 -25.16 -10.29 -21.68
N ASN B 528 -24.65 -10.65 -20.51
CA ASN B 528 -25.47 -11.12 -19.40
C ASN B 528 -25.20 -10.25 -18.17
N ARG B 529 -25.82 -10.64 -17.05
CA ARG B 529 -25.69 -9.87 -15.82
C ARG B 529 -24.26 -9.82 -15.32
N ALA B 530 -23.45 -10.83 -15.68
CA ALA B 530 -22.06 -10.84 -15.23
C ALA B 530 -21.26 -9.66 -15.78
N PHE B 531 -21.76 -9.00 -16.82
CA PHE B 531 -21.05 -7.91 -17.47
C PHE B 531 -21.71 -6.55 -17.24
N ILE B 532 -22.60 -6.44 -16.27
CA ILE B 532 -23.29 -5.19 -15.96
C ILE B 532 -22.26 -4.07 -15.87
N PRO B 533 -21.25 -4.18 -15.00
CA PRO B 533 -20.18 -3.17 -15.02
C PRO B 533 -19.49 -3.10 -16.36
N GLY B 534 -19.42 -4.21 -17.09
CA GLY B 534 -18.88 -4.15 -18.45
C GLY B 534 -19.71 -3.27 -19.35
N ARG B 535 -21.04 -3.39 -19.28
CA ARG B 535 -21.90 -2.53 -20.09
C ARG B 535 -21.76 -1.07 -19.67
N VAL B 536 -21.68 -0.81 -18.37
CA VAL B 536 -21.47 0.56 -17.90
C VAL B 536 -20.17 1.11 -18.49
N ASN B 537 -19.10 0.31 -18.38
CA ASN B 537 -17.80 0.75 -18.86
C ASN B 537 -17.82 1.03 -20.35
N TYR B 538 -18.47 0.15 -21.11
CA TYR B 538 -18.51 0.29 -22.57
C TYR B 538 -19.32 1.52 -22.97
N PHE B 539 -20.54 1.65 -22.47
CA PHE B 539 -21.39 2.75 -22.90
C PHE B 539 -20.81 4.08 -22.44
N HIS B 540 -20.56 4.22 -21.14
CA HIS B 540 -20.05 5.49 -20.65
C HIS B 540 -18.59 5.67 -20.95
N LYS B 541 -18.03 4.75 -21.72
CA LYS B 541 -16.70 4.90 -22.30
C LYS B 541 -15.58 4.72 -21.28
N PHE B 542 -15.93 4.57 -20.00
CA PHE B 542 -14.91 4.31 -19.00
C PHE B 542 -14.16 3.02 -19.34
N SER B 543 -12.84 3.07 -19.28
CA SER B 543 -11.99 1.91 -19.49
C SER B 543 -11.24 1.63 -18.19
N GLY B 544 -11.89 0.89 -17.29
CA GLY B 544 -11.34 0.64 -15.98
C GLY B 544 -11.76 -0.70 -15.43
N PRO B 545 -11.26 -1.03 -14.24
CA PRO B 545 -11.60 -2.32 -13.63
C PRO B 545 -13.10 -2.49 -13.49
N SER B 546 -13.53 -3.75 -13.55
CA SER B 546 -14.94 -4.11 -13.39
C SER B 546 -15.02 -5.43 -12.64
N TYR B 547 -15.97 -5.53 -11.72
CA TYR B 547 -16.12 -6.73 -10.91
C TYR B 547 -17.57 -6.91 -10.53
N THR B 548 -17.92 -8.14 -10.17
CA THR B 548 -19.29 -8.56 -9.87
C THR B 548 -19.31 -9.41 -8.61
N ILE B 549 -18.71 -8.87 -7.54
CA ILE B 549 -18.42 -9.66 -6.35
C ILE B 549 -19.70 -10.02 -5.60
N ASP B 550 -19.65 -11.16 -4.89
CA ASP B 550 -20.73 -11.57 -3.99
C ASP B 550 -20.17 -12.64 -3.07
N THR B 551 -20.14 -12.38 -1.76
CA THR B 551 -19.49 -13.32 -0.83
C THR B 551 -20.49 -14.33 -0.25
N ALA B 552 -21.39 -13.86 0.63
CA ALA B 552 -22.52 -14.70 1.01
C ALA B 552 -23.83 -13.91 1.09
N CYS B 553 -23.78 -12.75 1.74
CA CYS B 553 -24.98 -11.93 1.93
C CYS B 553 -24.75 -10.44 1.77
N SER B 554 -23.52 -9.95 1.96
CA SER B 554 -23.22 -8.53 1.90
C SER B 554 -22.52 -8.16 0.60
N SER B 555 -22.98 -8.76 -0.50
CA SER B 555 -22.31 -8.58 -1.78
C SER B 555 -22.08 -7.11 -2.09
N SER B 556 -23.13 -6.30 -1.97
CA SER B 556 -22.98 -4.88 -2.26
C SER B 556 -22.09 -4.20 -1.23
N LEU B 557 -22.25 -4.55 0.05
CA LEU B 557 -21.43 -3.93 1.09
C LEU B 557 -19.97 -4.32 0.94
N ALA B 558 -19.70 -5.59 0.62
CA ALA B 558 -18.33 -6.01 0.35
C ALA B 558 -17.77 -5.31 -0.87
N ALA B 559 -18.60 -5.13 -1.90
CA ALA B 559 -18.15 -4.42 -3.09
C ALA B 559 -17.77 -2.98 -2.75
N LEU B 560 -18.58 -2.30 -1.93
CA LEU B 560 -18.23 -0.95 -1.52
C LEU B 560 -16.95 -0.96 -0.70
N HIS B 561 -16.80 -1.92 0.21
CA HIS B 561 -15.58 -2.00 1.01
C HIS B 561 -14.37 -2.10 0.12
N MET B 562 -14.42 -2.98 -0.88
CA MET B 562 -13.26 -3.16 -1.76
C MET B 562 -13.08 -1.97 -2.69
N ALA B 563 -14.15 -1.27 -3.03
CA ALA B 563 -14.00 -0.04 -3.83
C ALA B 563 -13.23 1.01 -3.04
N CYS B 564 -13.61 1.21 -1.78
CA CYS B 564 -12.84 2.13 -0.94
C CYS B 564 -11.40 1.65 -0.75
N ASN B 565 -11.22 0.33 -0.65
CA ASN B 565 -9.86 -0.21 -0.51
C ASN B 565 -9.02 0.13 -1.74
N ALA B 566 -9.59 -0.05 -2.93
CA ALA B 566 -8.88 0.28 -4.16
C ALA B 566 -8.59 1.77 -4.23
N LEU B 567 -9.57 2.61 -3.84
CA LEU B 567 -9.34 4.04 -3.84
C LEU B 567 -8.18 4.40 -2.92
N TRP B 568 -8.12 3.80 -1.73
CA TRP B 568 -7.02 4.03 -0.82
C TRP B 568 -5.71 3.48 -1.36
N ARG B 569 -5.77 2.47 -2.24
CA ARG B 569 -4.56 1.96 -2.87
C ARG B 569 -4.05 2.89 -3.95
N GLY B 570 -4.93 3.68 -4.56
CA GLY B 570 -4.59 4.50 -5.70
C GLY B 570 -4.81 3.83 -7.03
N GLU B 571 -5.46 2.68 -7.07
CA GLU B 571 -5.73 2.01 -8.34
C GLU B 571 -6.61 2.85 -9.23
N VAL B 572 -7.65 3.46 -8.67
CA VAL B 572 -8.59 4.29 -9.42
C VAL B 572 -8.81 5.60 -8.67
N ASP B 573 -9.34 6.58 -9.39
CA ASP B 573 -9.67 7.87 -8.82
C ASP B 573 -11.16 8.08 -8.63
N THR B 574 -12.00 7.22 -9.22
CA THR B 574 -13.43 7.29 -9.04
C THR B 574 -13.98 5.87 -9.09
N ALA B 575 -15.15 5.68 -8.49
CA ALA B 575 -15.73 4.35 -8.42
C ALA B 575 -17.25 4.45 -8.43
N ILE B 576 -17.89 3.63 -9.27
CA ILE B 576 -19.33 3.47 -9.27
C ILE B 576 -19.65 2.15 -8.58
N VAL B 577 -20.50 2.19 -7.56
CA VAL B 577 -20.79 1.02 -6.74
C VAL B 577 -22.29 0.97 -6.45
N GLY B 578 -22.73 -0.17 -5.92
CA GLY B 578 -24.11 -0.36 -5.54
C GLY B 578 -24.78 -1.52 -6.25
N GLY B 579 -25.25 -2.51 -5.49
CA GLY B 579 -25.82 -3.71 -6.06
C GLY B 579 -27.31 -3.56 -6.36
N THR B 580 -27.88 -4.66 -6.85
CA THR B 580 -29.29 -4.72 -7.22
C THR B 580 -29.90 -6.01 -6.70
N ASN B 581 -31.23 -5.99 -6.53
CA ASN B 581 -31.95 -7.15 -6.03
C ASN B 581 -33.28 -7.37 -6.74
N VAL B 582 -33.48 -6.80 -7.92
CA VAL B 582 -34.77 -6.91 -8.60
C VAL B 582 -35.03 -8.37 -8.92
N LEU B 583 -36.22 -8.85 -8.57
CA LEU B 583 -36.64 -10.19 -8.92
C LEU B 583 -37.05 -10.27 -10.39
N THR B 584 -36.98 -11.48 -10.95
CA THR B 584 -37.38 -11.72 -12.32
C THR B 584 -38.61 -12.61 -12.41
N ASN B 585 -38.56 -13.80 -11.82
CA ASN B 585 -39.70 -14.71 -11.81
C ASN B 585 -40.54 -14.47 -10.57
N PRO B 586 -41.84 -14.16 -10.69
CA PRO B 586 -42.65 -13.91 -9.49
C PRO B 586 -42.54 -15.05 -8.49
N ASP B 587 -42.89 -16.26 -8.91
CA ASP B 587 -42.79 -17.45 -8.06
C ASP B 587 -43.52 -17.24 -6.74
N MET B 588 -44.62 -16.48 -6.76
CA MET B 588 -45.38 -16.22 -5.56
C MET B 588 -46.23 -17.44 -5.21
N THR B 589 -46.16 -17.86 -3.96
CA THR B 589 -46.91 -19.03 -3.50
C THR B 589 -48.40 -18.72 -3.43
N ARG B 600 -47.46 -17.86 6.37
CA ARG B 600 -47.69 -17.76 4.93
C ARG B 600 -48.19 -16.38 4.56
N SER B 601 -49.43 -16.08 4.94
CA SER B 601 -50.03 -14.77 4.67
C SER B 601 -49.52 -13.74 5.68
N GLY B 602 -48.20 -13.54 5.64
CA GLY B 602 -47.55 -12.59 6.53
C GLY B 602 -46.10 -12.38 6.16
N ASN B 603 -45.62 -11.15 6.33
CA ASN B 603 -44.24 -10.79 5.99
C ASN B 603 -43.40 -10.50 7.22
N CYS B 604 -43.84 -9.57 8.06
CA CYS B 604 -43.13 -9.23 9.29
C CYS B 604 -44.04 -8.45 10.22
N LYS B 605 -44.19 -8.91 11.45
CA LYS B 605 -45.06 -8.25 12.41
C LYS B 605 -44.38 -7.01 12.98
N THR B 606 -45.20 -6.10 13.48
CA THR B 606 -44.69 -4.83 14.02
C THR B 606 -43.84 -5.10 15.27
N PHE B 607 -42.54 -4.88 15.13
CA PHE B 607 -41.59 -5.01 16.24
C PHE B 607 -41.79 -6.32 16.98
N ASP B 608 -41.62 -7.42 16.24
CA ASP B 608 -41.73 -8.76 16.80
C ASP B 608 -41.23 -9.75 15.76
N ASP B 609 -41.18 -11.02 16.15
CA ASP B 609 -40.72 -12.08 15.27
C ASP B 609 -41.74 -13.22 15.18
N GLU B 610 -43.01 -12.94 15.46
CA GLU B 610 -44.04 -13.96 15.33
C GLU B 610 -44.26 -14.37 13.88
N ALA B 611 -43.91 -13.52 12.93
CA ALA B 611 -44.09 -13.83 11.52
C ALA B 611 -42.99 -14.79 11.06
N ASP B 612 -43.24 -15.44 9.92
CA ASP B 612 -42.31 -16.39 9.34
C ASP B 612 -41.57 -15.84 8.14
N GLY B 613 -42.17 -14.90 7.40
CA GLY B 613 -41.53 -14.35 6.23
C GLY B 613 -40.48 -13.31 6.58
N TYR B 614 -39.73 -12.90 5.55
CA TYR B 614 -38.69 -11.90 5.69
C TYR B 614 -39.04 -10.57 5.04
N CYS B 615 -40.09 -10.51 4.23
CA CYS B 615 -40.52 -9.28 3.58
C CYS B 615 -39.43 -8.76 2.64
N ARG B 616 -39.04 -9.61 1.69
CA ARG B 616 -37.97 -9.26 0.77
C ARG B 616 -38.42 -8.16 -0.18
N GLY B 617 -37.48 -7.29 -0.56
CA GLY B 617 -37.77 -6.16 -1.41
C GLY B 617 -36.82 -6.02 -2.58
N GLU B 618 -36.93 -4.90 -3.31
CA GLU B 618 -36.14 -4.65 -4.50
C GLU B 618 -35.47 -3.28 -4.39
N ALA B 619 -34.24 -3.19 -4.87
CA ALA B 619 -33.50 -1.93 -4.85
C ALA B 619 -32.39 -2.00 -5.89
N VAL B 620 -32.10 -0.86 -6.51
CA VAL B 620 -31.09 -0.79 -7.56
C VAL B 620 -30.13 0.36 -7.28
N VAL B 621 -29.90 0.65 -6.00
CA VAL B 621 -29.12 1.83 -5.62
C VAL B 621 -27.73 1.77 -6.25
N THR B 622 -27.17 2.96 -6.51
CA THR B 622 -25.81 3.07 -7.01
C THR B 622 -25.23 4.40 -6.54
N LEU B 623 -23.97 4.36 -6.11
CA LEU B 623 -23.28 5.53 -5.57
C LEU B 623 -22.04 5.84 -6.39
N ILE B 624 -21.49 7.03 -6.16
CA ILE B 624 -20.21 7.46 -6.70
C ILE B 624 -19.26 7.61 -5.52
N LEU B 625 -17.96 7.59 -5.82
CA LEU B 625 -16.96 7.63 -4.76
C LEU B 625 -15.72 8.36 -5.24
N LYS B 626 -15.16 9.20 -4.37
CA LYS B 626 -13.89 9.87 -4.63
C LYS B 626 -13.17 10.04 -3.31
N ARG B 627 -11.84 10.12 -3.39
CA ARG B 627 -11.06 10.57 -2.24
C ARG B 627 -11.44 12.01 -1.91
N LEU B 628 -11.67 12.28 -0.63
CA LEU B 628 -12.19 13.59 -0.25
C LEU B 628 -11.33 14.74 -0.75
N PRO B 629 -9.99 14.69 -0.66
CA PRO B 629 -9.20 15.81 -1.19
C PRO B 629 -9.46 16.10 -2.65
N ASP B 630 -9.62 15.06 -3.48
CA ASP B 630 -9.87 15.27 -4.90
C ASP B 630 -11.23 15.90 -5.12
N ALA B 631 -12.27 15.35 -4.49
CA ALA B 631 -13.61 15.93 -4.65
C ALA B 631 -13.63 17.38 -4.19
N GLN B 632 -12.92 17.68 -3.10
CA GLN B 632 -12.84 19.07 -2.64
C GLN B 632 -12.14 19.94 -3.66
N ALA B 633 -11.06 19.44 -4.27
CA ALA B 633 -10.33 20.20 -5.26
C ALA B 633 -11.06 20.31 -6.60
N ASP B 634 -12.15 19.57 -6.78
CA ASP B 634 -12.88 19.56 -8.03
C ASP B 634 -14.23 20.28 -7.90
N LYS B 635 -14.65 20.58 -6.67
CA LYS B 635 -15.88 21.34 -6.41
C LYS B 635 -17.12 20.55 -6.85
N ASP B 636 -17.31 19.42 -6.19
CA ASP B 636 -18.44 18.54 -6.43
C ASP B 636 -19.39 18.53 -5.25
N PRO B 637 -20.62 18.05 -5.43
CA PRO B 637 -21.60 18.05 -4.32
C PRO B 637 -21.35 16.92 -3.31
N ILE B 638 -20.36 17.12 -2.45
CA ILE B 638 -20.07 16.13 -1.41
C ILE B 638 -21.27 16.04 -0.48
N GLN B 639 -21.79 14.82 -0.31
CA GLN B 639 -22.98 14.59 0.49
C GLN B 639 -22.67 13.99 1.87
N ALA B 640 -21.62 13.18 1.97
CA ALA B 640 -21.25 12.54 3.22
C ALA B 640 -19.82 12.03 3.08
N SER B 641 -19.37 11.25 4.05
CA SER B 641 -18.03 10.70 4.02
C SER B 641 -18.00 9.36 4.75
N ILE B 642 -16.97 8.59 4.47
CA ILE B 642 -16.76 7.28 5.10
C ILE B 642 -15.40 7.37 5.78
N LEU B 643 -15.39 7.72 7.08
CA LEU B 643 -14.13 7.92 7.77
C LEU B 643 -13.30 6.64 7.79
N GLY B 644 -13.94 5.52 8.11
CA GLY B 644 -13.24 4.25 8.21
C GLY B 644 -14.21 3.10 8.17
N ILE B 645 -13.71 1.95 7.74
CA ILE B 645 -14.50 0.75 7.59
C ILE B 645 -13.68 -0.45 8.04
N ALA B 646 -14.34 -1.39 8.73
CA ALA B 646 -13.69 -2.61 9.19
C ALA B 646 -14.74 -3.70 9.30
N THR B 647 -14.28 -4.94 9.35
CA THR B 647 -15.20 -6.06 9.38
C THR B 647 -14.48 -7.30 9.90
N ASN B 648 -15.27 -8.34 10.16
CA ASN B 648 -14.79 -9.67 10.49
C ASN B 648 -15.78 -10.67 9.91
N HIS B 649 -15.63 -11.94 10.29
CA HIS B 649 -16.51 -12.99 9.80
C HIS B 649 -17.30 -13.70 10.90
N SER B 650 -16.98 -13.47 12.17
CA SER B 650 -17.70 -14.08 13.28
C SER B 650 -17.78 -15.60 13.10
N ALA B 651 -16.60 -16.21 13.15
CA ALA B 651 -16.50 -17.65 12.94
C ALA B 651 -17.45 -18.42 13.86
N GLU B 652 -17.51 -18.03 15.13
CA GLU B 652 -18.35 -18.74 16.09
C GLU B 652 -19.82 -18.63 15.70
N ALA B 653 -20.53 -19.75 15.79
CA ALA B 653 -21.94 -19.83 15.46
C ALA B 653 -22.69 -20.53 16.58
N ALA B 654 -23.98 -20.19 16.73
CA ALA B 654 -24.78 -20.73 17.82
C ALA B 654 -25.55 -21.99 17.40
N SER B 655 -26.50 -21.84 16.46
CA SER B 655 -27.34 -22.95 16.04
C SER B 655 -27.08 -23.35 14.59
N ILE B 656 -27.15 -22.41 13.65
CA ILE B 656 -26.89 -22.71 12.25
C ILE B 656 -25.93 -21.66 11.68
N THR B 657 -26.30 -20.38 11.79
CA THR B 657 -25.47 -19.28 11.29
C THR B 657 -25.81 -18.05 12.13
N ARG B 658 -25.00 -17.79 13.15
CA ARG B 658 -25.25 -16.68 14.06
C ARG B 658 -23.94 -15.99 14.41
N PRO B 659 -23.99 -14.68 14.70
CA PRO B 659 -22.79 -14.01 15.25
C PRO B 659 -22.75 -14.09 16.77
N HIS B 660 -21.75 -13.45 17.37
CA HIS B 660 -21.60 -13.46 18.82
C HIS B 660 -21.38 -12.04 19.34
N ALA B 661 -21.85 -11.81 20.56
CA ALA B 661 -21.79 -10.48 21.15
C ALA B 661 -20.35 -10.02 21.34
N GLY B 662 -19.46 -10.93 21.77
CA GLY B 662 -18.07 -10.55 21.97
C GLY B 662 -17.41 -10.07 20.69
N ALA B 663 -17.65 -10.77 19.58
CA ALA B 663 -17.10 -10.35 18.31
C ALA B 663 -17.64 -8.98 17.90
N GLN B 664 -18.93 -8.74 18.12
CA GLN B 664 -19.51 -7.44 17.80
C GLN B 664 -18.86 -6.35 18.64
N GLN B 665 -18.67 -6.59 19.94
CA GLN B 665 -18.04 -5.60 20.80
C GLN B 665 -16.62 -5.32 20.33
N ASP B 666 -15.86 -6.37 20.01
CA ASP B 666 -14.50 -6.16 19.52
C ASP B 666 -14.49 -5.35 18.25
N LEU B 667 -15.42 -5.64 17.32
CA LEU B 667 -15.47 -4.91 16.07
C LEU B 667 -15.80 -3.44 16.30
N PHE B 668 -16.78 -3.16 17.15
CA PHE B 668 -17.15 -1.77 17.42
C PHE B 668 -16.00 -1.02 18.06
N GLN B 669 -15.35 -1.63 19.05
CA GLN B 669 -14.19 -0.97 19.66
C GLN B 669 -13.10 -0.72 18.62
N GLN B 670 -12.82 -1.71 17.79
CA GLN B 670 -11.79 -1.53 16.76
C GLN B 670 -12.13 -0.36 15.86
N VAL B 671 -13.33 -0.34 15.30
CA VAL B 671 -13.68 0.70 14.34
C VAL B 671 -13.67 2.07 15.01
N LEU B 672 -14.25 2.17 16.21
CA LEU B 672 -14.21 3.45 16.92
C LEU B 672 -12.79 3.88 17.25
N THR B 673 -11.85 2.94 17.35
CA THR B 673 -10.48 3.31 17.66
C THR B 673 -9.72 3.77 16.43
N GLU B 674 -9.79 3.01 15.33
CA GLU B 674 -9.03 3.40 14.14
C GLU B 674 -9.43 4.78 13.65
N THR B 675 -10.73 5.07 13.62
CA THR B 675 -11.17 6.41 13.27
C THR B 675 -10.79 7.41 14.36
N GLY B 676 -10.63 6.96 15.60
CA GLY B 676 -10.21 7.84 16.66
C GLY B 676 -11.31 8.63 17.32
N LEU B 677 -12.57 8.20 17.19
CA LEU B 677 -13.71 8.87 17.80
C LEU B 677 -14.31 7.97 18.87
N THR B 678 -14.80 8.59 19.93
CA THR B 678 -15.43 7.88 21.04
C THR B 678 -16.91 7.69 20.77
N ALA B 679 -17.49 6.70 21.46
CA ALA B 679 -18.89 6.36 21.24
C ALA B 679 -19.84 7.51 21.59
N ASN B 680 -19.40 8.44 22.42
CA ASN B 680 -20.28 9.51 22.87
C ASN B 680 -20.69 10.46 21.75
N ASP B 681 -20.02 10.40 20.59
CA ASP B 681 -20.31 11.30 19.48
C ASP B 681 -21.01 10.61 18.32
N ILE B 682 -21.41 9.36 18.48
CA ILE B 682 -22.15 8.63 17.46
C ILE B 682 -23.64 8.83 17.72
N SER B 683 -24.33 9.46 16.78
CA SER B 683 -25.71 9.89 17.00
C SER B 683 -26.73 8.82 16.64
N VAL B 684 -26.60 8.18 15.47
CA VAL B 684 -27.58 7.21 15.01
C VAL B 684 -26.84 6.02 14.40
N CYS B 685 -27.46 4.85 14.54
CA CYS B 685 -26.92 3.61 13.96
C CYS B 685 -28.04 2.87 13.26
N GLU B 686 -27.70 2.22 12.15
CA GLU B 686 -28.67 1.56 11.29
C GLU B 686 -28.39 0.05 11.27
N MET B 687 -29.44 -0.72 11.01
CA MET B 687 -29.37 -2.17 11.02
C MET B 687 -29.68 -2.72 9.62
N ALA B 688 -28.84 -3.65 9.16
CA ALA B 688 -29.14 -4.36 7.91
C ALA B 688 -30.19 -5.44 8.16
N GLY B 689 -29.93 -6.33 9.08
CA GLY B 689 -30.88 -7.35 9.46
C GLY B 689 -30.91 -8.51 8.48
N THR B 690 -31.50 -9.62 8.95
CA THR B 690 -31.64 -10.81 8.14
C THR B 690 -33.00 -11.48 8.26
N GLY B 691 -33.90 -10.97 9.09
CA GLY B 691 -35.20 -11.58 9.28
C GLY B 691 -35.21 -12.75 10.25
N THR B 692 -34.10 -13.05 10.91
CA THR B 692 -34.04 -14.16 11.84
C THR B 692 -34.78 -13.80 13.14
N GLN B 693 -34.73 -14.70 14.12
CA GLN B 693 -35.44 -14.51 15.37
C GLN B 693 -34.57 -13.84 16.44
N ALA B 694 -33.46 -14.49 16.80
CA ALA B 694 -32.61 -13.95 17.86
C ALA B 694 -31.93 -12.66 17.41
N GLY B 695 -31.48 -12.61 16.16
CA GLY B 695 -30.74 -11.46 15.67
C GLY B 695 -31.52 -10.16 15.70
N ASP B 696 -32.55 -10.04 14.86
CA ASP B 696 -33.24 -8.76 14.69
C ASP B 696 -33.65 -8.13 16.01
N SER B 697 -33.79 -8.92 17.07
CA SER B 697 -34.18 -8.40 18.38
C SER B 697 -32.98 -8.16 19.28
N GLY B 698 -32.17 -9.20 19.53
CA GLY B 698 -31.08 -9.10 20.48
C GLY B 698 -29.90 -8.28 20.00
N GLU B 699 -29.73 -8.14 18.68
CA GLU B 699 -28.63 -7.33 18.17
C GLU B 699 -28.72 -5.90 18.71
N THR B 700 -29.94 -5.39 18.92
CA THR B 700 -30.11 -4.06 19.49
C THR B 700 -29.35 -3.93 20.79
N THR B 701 -29.54 -4.90 21.69
CA THR B 701 -28.77 -4.90 22.93
C THR B 701 -27.29 -5.10 22.65
N SER B 702 -26.97 -5.86 21.60
CA SER B 702 -25.56 -6.07 21.24
C SER B 702 -24.91 -4.76 20.82
N VAL B 703 -25.61 -3.95 20.02
CA VAL B 703 -24.99 -2.74 19.51
C VAL B 703 -24.79 -1.71 20.63
N VAL B 704 -25.81 -1.52 21.46
CA VAL B 704 -25.68 -0.57 22.56
C VAL B 704 -24.61 -0.99 23.55
N GLU B 705 -24.21 -2.27 23.54
CA GLU B 705 -23.20 -2.73 24.50
C GLU B 705 -21.93 -1.88 24.41
N THR B 706 -21.58 -1.43 23.20
CA THR B 706 -20.38 -0.62 23.00
C THR B 706 -20.68 0.87 22.90
N LEU B 707 -21.68 1.26 22.11
CA LEU B 707 -21.96 2.68 21.91
C LEU B 707 -22.65 3.31 23.11
N ALA B 708 -23.21 2.50 24.02
CA ALA B 708 -23.87 3.03 25.22
C ALA B 708 -23.83 1.97 26.31
N PRO B 709 -22.64 1.61 26.78
CA PRO B 709 -22.55 0.72 27.95
C PRO B 709 -23.18 1.35 29.18
N LEU B 710 -23.65 0.51 30.09
CA LEU B 710 -24.27 0.99 31.32
C LEU B 710 -23.21 1.23 32.38
N ASN B 711 -23.31 2.37 33.08
CA ASN B 711 -22.45 2.59 34.23
C ASN B 711 -22.60 1.47 35.24
N ARG B 712 -21.48 1.14 35.89
CA ARG B 712 -21.49 0.10 36.91
C ARG B 712 -22.38 0.49 38.08
N SER B 713 -22.37 1.77 38.46
CA SER B 713 -23.20 2.26 39.54
C SER B 713 -24.67 2.44 39.15
N GLY B 714 -24.96 2.60 37.86
CA GLY B 714 -26.32 2.74 37.39
C GLY B 714 -26.69 4.15 37.00
N SER B 715 -26.52 4.47 35.71
CA SER B 715 -26.81 5.81 35.19
C SER B 715 -26.74 5.78 33.67
N ALA B 716 -26.82 6.94 33.03
CA ALA B 716 -26.67 7.06 31.59
C ALA B 716 -25.23 7.45 31.28
N VAL B 717 -24.47 6.53 30.66
CA VAL B 717 -23.14 6.88 30.18
C VAL B 717 -23.22 8.02 29.16
N ARG B 718 -24.08 7.87 28.17
CA ARG B 718 -24.18 8.86 27.11
C ARG B 718 -24.80 10.15 27.62
N THR B 719 -24.40 11.25 27.01
CA THR B 719 -24.98 12.56 27.30
C THR B 719 -26.01 12.97 26.26
N THR B 720 -25.73 12.76 24.98
CA THR B 720 -26.67 13.06 23.92
C THR B 720 -27.46 11.82 23.53
N PRO B 721 -28.76 11.95 23.28
CA PRO B 721 -29.58 10.76 22.98
C PRO B 721 -29.13 10.05 21.72
N LEU B 722 -29.27 8.73 21.72
CA LEU B 722 -28.94 7.90 20.58
C LEU B 722 -30.22 7.26 20.04
N TYR B 723 -30.27 7.10 18.71
CA TYR B 723 -31.43 6.56 18.04
C TYR B 723 -31.01 5.43 17.13
N ILE B 724 -31.90 4.46 16.95
CA ILE B 724 -31.65 3.30 16.11
C ILE B 724 -32.76 3.19 15.08
N GLY B 725 -32.44 2.57 13.94
CA GLY B 725 -33.42 2.38 12.89
C GLY B 725 -33.08 1.13 12.09
N ALA B 726 -34.03 0.75 11.24
CA ALA B 726 -33.86 -0.42 10.37
C ALA B 726 -34.62 -0.14 9.08
N VAL B 727 -33.89 0.15 8.01
CA VAL B 727 -34.52 0.44 6.73
C VAL B 727 -35.44 -0.69 6.31
N LYS B 728 -35.12 -1.93 6.70
CA LYS B 728 -35.94 -3.08 6.35
C LYS B 728 -37.16 -3.17 7.25
N SER B 729 -37.93 -2.09 7.33
CA SER B 729 -39.17 -2.10 8.11
C SER B 729 -40.33 -1.65 7.23
N ASN B 730 -40.04 -0.80 6.25
CA ASN B 730 -41.04 -0.33 5.30
C ASN B 730 -40.75 -0.81 3.88
N VAL B 731 -39.56 -0.51 3.34
CA VAL B 731 -39.22 -0.99 2.00
C VAL B 731 -39.10 -2.51 1.99
N GLY B 732 -38.61 -3.09 3.08
CA GLY B 732 -38.36 -4.51 3.15
C GLY B 732 -36.88 -4.84 2.99
N HIS B 733 -36.59 -6.12 3.10
CA HIS B 733 -35.20 -6.60 3.01
C HIS B 733 -34.79 -6.72 1.56
N ALA B 734 -33.74 -5.97 1.18
CA ALA B 734 -33.13 -6.09 -0.14
C ALA B 734 -31.93 -7.03 0.00
N GLU B 735 -32.16 -8.31 -0.28
CA GLU B 735 -31.18 -9.35 -0.01
C GLU B 735 -29.78 -8.94 -0.42
N SER B 736 -29.59 -8.62 -1.69
CA SER B 736 -28.29 -8.26 -2.22
C SER B 736 -28.03 -6.76 -2.18
N ALA B 737 -29.01 -5.96 -1.73
CA ALA B 737 -28.84 -4.51 -1.76
C ALA B 737 -29.35 -3.83 -0.50
N ALA B 738 -29.61 -4.56 0.59
CA ALA B 738 -30.11 -3.93 1.80
C ALA B 738 -29.11 -2.93 2.35
N GLY B 739 -27.82 -3.28 2.35
CA GLY B 739 -26.81 -2.36 2.85
C GLY B 739 -26.80 -1.04 2.10
N VAL B 740 -26.84 -1.11 0.76
CA VAL B 740 -26.82 0.12 -0.02
C VAL B 740 -28.12 0.89 0.16
N SER B 741 -29.24 0.19 0.32
CA SER B 741 -30.50 0.90 0.60
C SER B 741 -30.41 1.66 1.91
N SER B 742 -29.82 1.04 2.94
CA SER B 742 -29.65 1.73 4.22
C SER B 742 -28.70 2.91 4.07
N LEU B 743 -27.65 2.76 3.26
CA LEU B 743 -26.76 3.88 2.99
C LEU B 743 -27.52 5.03 2.33
N ALA B 744 -28.40 4.70 1.38
CA ALA B 744 -29.22 5.73 0.74
C ALA B 744 -30.12 6.41 1.75
N LYS B 745 -30.71 5.64 2.65
CA LYS B 745 -31.56 6.21 3.69
C LYS B 745 -30.78 7.15 4.58
N ILE B 746 -29.55 6.76 4.96
CA ILE B 746 -28.73 7.63 5.79
C ILE B 746 -28.39 8.93 5.05
N LEU B 747 -28.05 8.83 3.77
CA LEU B 747 -27.74 10.03 3.00
C LEU B 747 -28.95 10.95 2.91
N LEU B 748 -30.13 10.38 2.69
CA LEU B 748 -31.34 11.21 2.65
C LEU B 748 -31.57 11.89 3.99
N MET B 749 -31.38 11.15 5.09
CA MET B 749 -31.51 11.76 6.41
C MET B 749 -30.55 12.93 6.58
N LEU B 750 -29.30 12.73 6.16
CA LEU B 750 -28.32 13.82 6.27
C LEU B 750 -28.74 15.02 5.45
N LYS B 751 -29.20 14.80 4.23
CA LYS B 751 -29.58 15.93 3.38
C LYS B 751 -30.75 16.70 3.97
N HIS B 752 -31.82 16.00 4.33
CA HIS B 752 -33.01 16.68 4.85
C HIS B 752 -32.89 17.04 6.33
N SER B 753 -31.90 16.52 7.05
CA SER B 753 -31.67 16.88 8.43
C SER B 753 -32.90 16.58 9.30
N LYS B 754 -33.36 15.33 9.25
CA LYS B 754 -34.47 14.87 10.05
C LYS B 754 -34.18 13.45 10.48
N ILE B 755 -35.15 12.83 11.15
CA ILE B 755 -35.09 11.41 11.47
C ILE B 755 -36.48 10.82 11.25
N PRO B 756 -36.61 9.68 10.57
CA PRO B 756 -37.93 9.24 10.13
C PRO B 756 -38.71 8.60 11.26
N PRO B 757 -40.01 8.89 11.38
CA PRO B 757 -40.82 8.17 12.35
C PRO B 757 -40.74 6.67 12.10
N HIS B 758 -40.67 5.89 13.18
CA HIS B 758 -40.49 4.46 13.07
C HIS B 758 -41.83 3.77 12.89
N VAL B 759 -41.91 2.90 11.89
CA VAL B 759 -43.11 2.12 11.63
C VAL B 759 -43.04 0.76 12.34
N GLY B 760 -42.11 0.61 13.28
CA GLY B 760 -41.89 -0.64 13.96
C GLY B 760 -42.61 -0.68 15.29
N ILE B 761 -41.89 -0.36 16.36
CA ILE B 761 -42.45 -0.46 17.71
C ILE B 761 -43.77 0.28 17.76
N LYS B 762 -44.85 -0.48 18.00
CA LYS B 762 -46.16 0.08 18.28
C LYS B 762 -46.89 -0.68 19.38
N THR B 763 -46.44 -1.87 19.75
CA THR B 763 -47.01 -2.68 20.81
C THR B 763 -46.02 -2.75 21.97
N LYS B 764 -46.34 -3.60 22.95
CA LYS B 764 -45.45 -3.77 24.09
C LYS B 764 -44.05 -4.19 23.63
N LEU B 765 -43.04 -3.64 24.29
CA LEU B 765 -41.66 -3.87 23.88
C LEU B 765 -41.32 -5.36 23.95
N ASN B 766 -40.49 -5.82 23.01
CA ASN B 766 -40.10 -7.21 22.97
C ASN B 766 -39.39 -7.61 24.26
N HIS B 767 -39.66 -8.82 24.73
CA HIS B 767 -39.01 -9.31 25.93
C HIS B 767 -37.51 -9.40 25.78
N ARG B 768 -37.01 -9.51 24.55
CA ARG B 768 -35.58 -9.54 24.28
C ARG B 768 -34.97 -8.16 24.08
N LEU B 769 -35.80 -7.10 24.14
CA LEU B 769 -35.33 -5.73 23.91
C LEU B 769 -35.78 -4.88 25.10
N PRO B 770 -34.98 -4.81 26.16
CA PRO B 770 -35.39 -4.01 27.33
C PRO B 770 -35.50 -2.54 26.96
N ASP B 771 -36.41 -1.85 27.65
CA ASP B 771 -36.62 -0.43 27.41
C ASP B 771 -35.30 0.34 27.55
N LEU B 772 -34.92 1.04 26.50
CA LEU B 772 -33.66 1.76 26.46
C LEU B 772 -33.76 3.19 26.97
N ALA B 773 -34.96 3.65 27.33
CA ALA B 773 -35.13 5.02 27.78
C ALA B 773 -34.18 5.34 28.93
N ALA B 774 -33.95 4.36 29.82
CA ALA B 774 -33.03 4.58 30.93
C ALA B 774 -31.62 4.83 30.42
N ARG B 775 -31.21 4.10 29.39
CA ARG B 775 -29.85 4.20 28.86
C ARG B 775 -29.74 5.24 27.75
N ASN B 776 -30.24 6.44 28.03
CA ASN B 776 -30.13 7.58 27.11
C ASN B 776 -30.38 7.18 25.65
N THR B 777 -31.38 6.34 25.42
CA THR B 777 -31.68 5.85 24.08
C THR B 777 -33.17 5.56 23.99
N HIS B 778 -33.72 5.74 22.80
CA HIS B 778 -35.14 5.51 22.57
C HIS B 778 -35.41 5.60 21.08
N ILE B 779 -36.68 5.40 20.71
CA ILE B 779 -37.14 5.50 19.33
C ILE B 779 -38.18 6.63 19.26
N ALA B 780 -38.30 7.20 18.07
CA ALA B 780 -39.18 8.34 17.85
C ALA B 780 -40.44 7.90 17.13
N ARG B 781 -41.59 8.34 17.64
CA ARG B 781 -42.86 8.08 16.98
C ARG B 781 -43.16 9.09 15.87
N SER B 782 -42.45 10.22 15.85
CA SER B 782 -42.68 11.26 14.86
C SER B 782 -41.34 11.89 14.53
N GLU B 783 -41.37 12.85 13.60
CA GLU B 783 -40.14 13.54 13.22
C GLU B 783 -39.49 14.17 14.44
N VAL B 784 -38.18 13.97 14.57
CA VAL B 784 -37.38 14.58 15.62
C VAL B 784 -36.24 15.35 14.97
N PRO B 785 -36.31 16.67 14.93
CA PRO B 785 -35.25 17.44 14.29
C PRO B 785 -33.87 17.01 14.79
N TRP B 786 -32.89 17.09 13.90
CA TRP B 786 -31.53 16.63 14.17
C TRP B 786 -30.57 17.64 13.58
N PRO B 787 -30.46 18.81 14.19
CA PRO B 787 -29.65 19.88 13.60
C PRO B 787 -28.18 19.54 13.53
N ARG B 788 -27.52 20.09 12.53
CA ARG B 788 -26.07 20.01 12.43
C ARG B 788 -25.46 20.86 13.54
N PRO B 789 -24.77 20.29 14.51
CA PRO B 789 -24.26 21.11 15.61
C PRO B 789 -23.35 22.22 15.10
N LYS B 790 -23.51 23.42 15.66
CA LYS B 790 -22.77 24.57 15.18
C LYS B 790 -21.28 24.32 15.33
N ASN B 791 -20.54 24.55 14.25
CA ASN B 791 -19.11 24.26 14.16
C ASN B 791 -18.81 22.79 14.48
N GLY B 792 -19.82 21.93 14.47
CA GLY B 792 -19.64 20.52 14.78
C GLY B 792 -20.04 19.63 13.62
N LYS B 793 -20.07 18.33 13.84
CA LYS B 793 -20.44 17.37 12.80
C LYS B 793 -21.29 16.28 13.40
N ARG B 794 -22.17 15.71 12.58
CA ARG B 794 -23.09 14.65 13.00
C ARG B 794 -22.63 13.35 12.36
N ARG B 795 -22.13 12.43 13.19
CA ARG B 795 -21.58 11.17 12.72
C ARG B 795 -22.57 10.04 12.95
N VAL B 796 -22.55 9.07 12.04
CA VAL B 796 -23.45 7.92 12.08
C VAL B 796 -22.62 6.67 11.85
N LEU B 797 -23.10 5.54 12.39
CA LEU B 797 -22.43 4.25 12.26
C LEU B 797 -23.41 3.25 11.67
N LEU B 798 -23.14 2.80 10.45
CA LEU B 798 -23.94 1.77 9.79
C LEU B 798 -23.24 0.44 9.94
N ASN B 799 -23.99 -0.58 10.36
CA ASN B 799 -23.48 -1.92 10.53
C ASN B 799 -24.48 -2.91 9.96
N ASN B 800 -23.97 -4.05 9.51
CA ASN B 800 -24.80 -5.12 8.97
C ASN B 800 -24.59 -6.36 9.83
N PHE B 801 -25.70 -7.05 10.12
CA PHE B 801 -25.68 -8.25 10.95
C PHE B 801 -26.18 -9.47 10.19
N SER B 802 -25.70 -9.65 8.97
CA SER B 802 -26.08 -10.82 8.19
C SER B 802 -25.79 -12.10 8.97
N ALA B 803 -26.76 -13.01 8.98
CA ALA B 803 -26.61 -14.24 9.75
C ALA B 803 -25.46 -15.10 9.25
N ALA B 804 -25.06 -14.95 7.98
CA ALA B 804 -23.99 -15.78 7.45
C ALA B 804 -22.71 -15.65 8.26
N GLY B 805 -22.50 -14.51 8.91
CA GLY B 805 -21.33 -14.30 9.72
C GLY B 805 -20.71 -12.93 9.51
N GLY B 806 -20.85 -12.40 8.30
CA GLY B 806 -20.29 -11.08 8.02
C GLY B 806 -20.89 -10.04 8.94
N ASN B 807 -20.03 -9.17 9.46
CA ASN B 807 -20.44 -8.08 10.34
C ASN B 807 -19.75 -6.79 9.92
N THR B 808 -19.76 -6.51 8.62
CA THR B 808 -19.16 -5.29 8.11
C THR B 808 -19.85 -4.07 8.72
N CYS B 809 -19.05 -3.11 9.15
CA CYS B 809 -19.56 -1.86 9.72
C CYS B 809 -18.67 -0.71 9.29
N LEU B 810 -19.26 0.47 9.20
CA LEU B 810 -18.54 1.68 8.84
C LEU B 810 -19.21 2.88 9.50
N VAL B 811 -18.48 3.98 9.56
CA VAL B 811 -18.93 5.20 10.21
C VAL B 811 -19.01 6.30 9.16
N LEU B 812 -20.12 7.03 9.15
CA LEU B 812 -20.30 8.16 8.24
C LEU B 812 -19.93 9.46 8.95
N GLU B 813 -20.02 10.55 8.20
CA GLU B 813 -19.55 11.85 8.66
C GLU B 813 -20.07 12.92 7.71
N ASP B 814 -20.81 13.89 8.26
CA ASP B 814 -21.44 14.90 7.44
C ASP B 814 -20.39 15.66 6.62
N ALA B 815 -20.85 16.22 5.49
CA ALA B 815 -19.93 16.83 4.56
C ALA B 815 -19.20 18.00 5.21
N PRO B 816 -17.95 18.26 4.83
CA PRO B 816 -17.25 19.42 5.39
C PRO B 816 -18.01 20.69 5.11
N GLU B 817 -17.86 21.66 6.03
CA GLU B 817 -18.60 22.92 5.97
C GLU B 817 -18.61 23.44 4.54
N PRO B 818 -19.77 23.51 3.89
CA PRO B 818 -19.81 24.01 2.50
C PRO B 818 -19.22 25.41 2.41
N GLU B 819 -18.16 25.53 1.62
CA GLU B 819 -17.50 26.82 1.46
C GLU B 819 -18.47 27.83 0.86
N ASP B 820 -18.50 29.02 1.46
CA ASP B 820 -19.42 30.07 1.04
C ASP B 820 -18.68 31.01 0.09
N SER B 821 -18.86 30.79 -1.21
CA SER B 821 -18.26 31.67 -2.20
C SER B 821 -18.78 33.09 -2.03
N GLN B 822 -17.86 34.05 -2.01
CA GLN B 822 -18.20 35.46 -1.82
C GLN B 822 -18.08 36.27 -3.11
N GLU B 823 -16.97 36.11 -3.82
CA GLU B 823 -16.76 36.81 -5.09
C GLU B 823 -18.03 36.81 -5.93
N VAL B 824 -18.42 38.00 -6.38
CA VAL B 824 -19.60 38.12 -7.22
C VAL B 824 -19.25 37.81 -8.66
N ASP B 825 -20.27 37.48 -9.45
CA ASP B 825 -20.08 37.18 -10.86
C ASP B 825 -20.19 38.47 -11.67
N PRO B 826 -19.08 39.01 -12.19
CA PRO B 826 -19.18 40.24 -12.98
C PRO B 826 -20.01 40.09 -14.24
N ARG B 827 -20.15 38.87 -14.75
CA ARG B 827 -20.91 38.65 -15.97
C ARG B 827 -22.34 39.14 -15.81
N GLU B 828 -22.84 39.84 -16.82
CA GLU B 828 -24.22 40.30 -16.84
C GLU B 828 -25.15 39.38 -17.60
N HIS B 829 -24.71 38.87 -18.74
CA HIS B 829 -25.49 37.94 -19.55
C HIS B 829 -24.93 36.54 -19.42
N HIS B 830 -25.81 35.55 -19.31
CA HIS B 830 -25.42 34.19 -19.00
C HIS B 830 -26.10 33.23 -19.98
N ILE B 831 -25.51 32.05 -20.11
CA ILE B 831 -25.91 31.07 -21.12
C ILE B 831 -26.32 29.79 -20.40
N VAL B 832 -27.51 29.28 -20.73
CA VAL B 832 -28.02 28.03 -20.20
C VAL B 832 -28.25 27.08 -21.37
N ALA B 833 -27.66 25.89 -21.29
CA ALA B 833 -27.70 24.91 -22.37
C ALA B 833 -28.45 23.66 -21.92
N LEU B 834 -28.95 22.93 -22.91
CA LEU B 834 -29.64 21.66 -22.69
C LEU B 834 -29.16 20.68 -23.75
N SER B 835 -29.69 19.46 -23.70
CA SER B 835 -29.31 18.44 -24.67
C SER B 835 -30.24 17.23 -24.50
N ALA B 836 -30.21 16.36 -25.50
CA ALA B 836 -30.95 15.10 -25.45
C ALA B 836 -30.58 14.31 -26.69
N LYS B 837 -31.06 13.06 -26.73
CA LYS B 837 -30.75 12.14 -27.82
C LYS B 837 -32.01 11.71 -28.57
N THR B 838 -33.12 12.41 -28.39
CA THR B 838 -34.38 12.03 -29.01
C THR B 838 -35.32 13.22 -28.89
N PRO B 839 -36.17 13.48 -29.90
CA PRO B 839 -37.06 14.65 -29.78
C PRO B 839 -37.93 14.62 -28.54
N ASP B 840 -38.47 13.46 -28.18
CA ASP B 840 -39.30 13.36 -26.99
C ASP B 840 -38.48 13.61 -25.73
N SER B 841 -37.25 13.10 -25.70
CA SER B 841 -36.37 13.37 -24.57
C SER B 841 -36.08 14.85 -24.44
N MET B 842 -35.84 15.53 -25.56
CA MET B 842 -35.64 16.97 -25.53
C MET B 842 -36.87 17.70 -25.01
N VAL B 843 -38.06 17.29 -25.45
CA VAL B 843 -39.27 17.94 -24.96
C VAL B 843 -39.41 17.76 -23.46
N ASN B 844 -39.17 16.54 -22.99
CA ASN B 844 -39.27 16.27 -21.55
C ASN B 844 -38.23 17.09 -20.78
N ASN B 845 -37.01 17.17 -21.30
CA ASN B 845 -35.97 17.96 -20.64
C ASN B 845 -36.38 19.42 -20.54
N LEU B 846 -36.90 19.98 -21.64
CA LEU B 846 -37.28 21.38 -21.63
C LEU B 846 -38.40 21.64 -20.63
N THR B 847 -39.42 20.79 -20.61
CA THR B 847 -40.51 21.01 -19.67
C THR B 847 -40.05 20.84 -18.22
N ASN B 848 -39.18 19.86 -17.96
CA ASN B 848 -38.66 19.70 -16.61
C ASN B 848 -37.87 20.92 -16.18
N MET B 849 -37.04 21.46 -17.06
CA MET B 849 -36.26 22.65 -16.72
C MET B 849 -37.17 23.85 -16.49
N ILE B 850 -38.22 23.99 -17.30
CA ILE B 850 -39.17 25.08 -17.11
C ILE B 850 -39.82 24.97 -15.75
N THR B 851 -40.25 23.76 -15.37
CA THR B 851 -40.86 23.58 -14.05
C THR B 851 -39.85 23.90 -12.94
N TRP B 852 -38.60 23.48 -13.12
CA TRP B 852 -37.58 23.76 -12.10
C TRP B 852 -37.40 25.25 -11.90
N ILE B 853 -37.26 26.00 -13.00
CA ILE B 853 -36.98 27.42 -12.89
C ILE B 853 -38.13 28.14 -12.19
N ASP B 854 -39.37 27.80 -12.55
CA ASP B 854 -40.52 28.44 -11.94
C ASP B 854 -40.56 28.24 -10.42
N LYS B 855 -39.90 27.19 -9.92
CA LYS B 855 -39.91 26.89 -8.50
C LYS B 855 -38.76 27.54 -7.74
N HIS B 856 -37.82 28.18 -8.44
CA HIS B 856 -36.71 28.88 -7.81
C HIS B 856 -36.55 30.29 -8.38
N SER B 857 -37.64 30.87 -8.87
CA SER B 857 -37.56 32.22 -9.43
C SER B 857 -37.17 33.25 -8.38
N GLY B 858 -37.37 32.96 -7.10
CA GLY B 858 -37.06 33.91 -6.05
C GLY B 858 -36.04 33.38 -5.05
N ASP B 859 -35.06 32.63 -5.53
CA ASP B 859 -34.05 32.07 -4.63
C ASP B 859 -32.98 33.11 -4.30
N SER B 860 -32.31 33.64 -5.33
CA SER B 860 -31.26 34.63 -5.12
C SER B 860 -30.77 35.14 -6.46
N LEU B 861 -30.07 36.26 -6.44
CA LEU B 861 -29.51 36.82 -7.66
C LEU B 861 -28.27 36.05 -8.11
N ALA B 862 -27.59 35.35 -7.21
CA ALA B 862 -26.34 34.66 -7.53
C ALA B 862 -26.56 33.17 -7.78
N THR B 863 -27.70 32.80 -8.35
CA THR B 863 -27.97 31.41 -8.70
C THR B 863 -27.83 31.15 -10.20
N LEU B 864 -28.18 32.12 -11.04
CA LEU B 864 -28.12 31.91 -12.48
C LEU B 864 -26.73 31.52 -12.96
N PRO B 865 -25.65 32.15 -12.50
CA PRO B 865 -24.32 31.67 -12.90
C PRO B 865 -24.08 30.22 -12.52
N GLN B 866 -24.56 29.80 -11.34
CA GLN B 866 -24.44 28.40 -10.95
C GLN B 866 -25.19 27.51 -11.93
N LEU B 867 -26.39 27.91 -12.32
CA LEU B 867 -27.16 27.12 -13.29
C LEU B 867 -26.40 27.00 -14.60
N SER B 868 -25.86 28.11 -15.09
CA SER B 868 -25.12 28.06 -16.35
C SER B 868 -23.94 27.11 -16.23
N TYR B 869 -23.17 27.23 -15.15
CA TYR B 869 -21.99 26.39 -15.00
C TYR B 869 -22.37 24.92 -14.94
N THR B 870 -23.39 24.59 -14.15
CA THR B 870 -23.75 23.18 -13.98
C THR B 870 -24.32 22.59 -15.26
N THR B 871 -25.11 23.37 -16.01
CA THR B 871 -25.77 22.86 -17.18
C THR B 871 -24.92 22.94 -18.45
N THR B 872 -23.79 23.63 -18.42
CA THR B 872 -22.91 23.72 -19.58
C THR B 872 -21.60 22.96 -19.39
N ALA B 873 -20.87 23.25 -18.32
CA ALA B 873 -19.54 22.70 -18.12
C ALA B 873 -19.53 21.41 -17.30
N ARG B 874 -20.70 20.87 -16.95
CA ARG B 874 -20.77 19.66 -16.13
C ARG B 874 -21.80 18.69 -16.69
N ARG B 875 -21.94 18.65 -18.02
CA ARG B 875 -22.82 17.70 -18.68
C ARG B 875 -22.19 17.28 -19.99
N VAL B 876 -22.65 16.15 -20.51
CA VAL B 876 -22.25 15.68 -21.84
C VAL B 876 -23.32 16.11 -22.83
N HIS B 877 -22.89 16.74 -23.92
CA HIS B 877 -23.80 17.37 -24.86
C HIS B 877 -24.15 16.38 -25.97
N HIS B 878 -25.41 16.00 -26.04
CA HIS B 878 -25.90 15.03 -27.02
C HIS B 878 -26.07 15.71 -28.38
N ARG B 879 -26.74 15.02 -29.30
CA ARG B 879 -26.95 15.58 -30.63
C ARG B 879 -28.04 16.65 -30.59
N HIS B 880 -29.24 16.29 -30.17
CA HIS B 880 -30.34 17.24 -30.10
C HIS B 880 -30.04 18.31 -29.06
N ARG B 881 -29.76 19.52 -29.52
CA ARG B 881 -29.38 20.63 -28.65
C ARG B 881 -30.47 21.69 -28.60
N ALA B 882 -30.45 22.45 -27.51
CA ALA B 882 -31.35 23.59 -27.33
C ALA B 882 -30.66 24.56 -26.39
N VAL B 883 -30.92 25.86 -26.58
CA VAL B 883 -30.20 26.90 -25.87
C VAL B 883 -31.14 28.06 -25.59
N ALA B 884 -30.94 28.67 -24.42
CA ALA B 884 -31.56 29.94 -24.07
C ALA B 884 -30.50 30.83 -23.43
N THR B 885 -30.58 32.12 -23.70
CA THR B 885 -29.65 33.10 -23.16
C THR B 885 -30.43 34.31 -22.64
N GLY B 886 -29.89 34.93 -21.60
CA GLY B 886 -30.56 36.08 -21.02
C GLY B 886 -29.76 36.65 -19.87
N THR B 887 -30.31 37.73 -19.32
CA THR B 887 -29.69 38.44 -18.21
C THR B 887 -30.24 38.04 -16.86
N ASP B 888 -31.49 37.60 -16.80
CA ASP B 888 -32.16 37.24 -15.57
C ASP B 888 -32.87 35.91 -15.75
N LEU B 889 -33.37 35.36 -14.63
CA LEU B 889 -34.02 34.07 -14.67
C LEU B 889 -35.31 34.12 -15.50
N LEU B 890 -36.07 35.21 -15.38
CA LEU B 890 -37.34 35.29 -16.09
C LEU B 890 -37.14 35.33 -17.60
N GLN B 891 -36.10 36.03 -18.07
CA GLN B 891 -35.81 36.05 -19.50
C GLN B 891 -35.56 34.65 -20.03
N ILE B 892 -34.72 33.88 -19.34
CA ILE B 892 -34.42 32.52 -19.75
C ILE B 892 -35.69 31.67 -19.70
N ARG B 893 -36.48 31.83 -18.65
CA ARG B 893 -37.69 31.02 -18.51
C ARG B 893 -38.66 31.29 -19.67
N SER B 894 -38.85 32.57 -20.01
CA SER B 894 -39.75 32.89 -21.11
C SER B 894 -39.22 32.36 -22.43
N SER B 895 -37.91 32.50 -22.67
CA SER B 895 -37.34 31.99 -23.91
C SER B 895 -37.54 30.49 -24.04
N LEU B 896 -37.27 29.75 -22.95
CA LEU B 896 -37.46 28.31 -22.99
C LEU B 896 -38.92 27.95 -23.15
N GLN B 897 -39.82 28.70 -22.53
CA GLN B 897 -41.24 28.44 -22.70
C GLN B 897 -41.66 28.59 -24.16
N GLU B 898 -41.19 29.66 -24.81
CA GLU B 898 -41.53 29.86 -26.22
C GLU B 898 -40.95 28.74 -27.07
N GLN B 899 -39.71 28.33 -26.77
CA GLN B 899 -39.09 27.26 -27.55
C GLN B 899 -39.87 25.97 -27.41
N LEU B 900 -40.28 25.64 -26.18
CA LEU B 900 -41.07 24.43 -25.95
C LEU B 900 -42.41 24.52 -26.66
N ASP B 901 -43.03 25.71 -26.66
CA ASP B 901 -44.28 25.88 -27.38
C ASP B 901 -44.09 25.61 -28.86
N ARG B 902 -43.02 26.15 -29.44
CA ARG B 902 -42.74 25.89 -30.86
C ARG B 902 -42.55 24.40 -31.10
N ARG B 903 -41.79 23.73 -30.24
CA ARG B 903 -41.54 22.31 -30.45
C ARG B 903 -42.81 21.48 -30.33
N VAL B 904 -43.66 21.80 -29.37
CA VAL B 904 -44.89 21.02 -29.17
C VAL B 904 -45.96 21.37 -30.18
N SER B 905 -45.86 22.53 -30.84
CA SER B 905 -46.86 22.88 -31.85
C SER B 905 -46.93 21.83 -32.95
N GLY B 906 -45.85 21.10 -33.18
CA GLY B 906 -45.81 20.09 -34.21
C GLY B 906 -44.48 20.05 -34.92
N GLU B 907 -43.67 21.10 -34.73
CA GLU B 907 -42.38 21.17 -35.39
C GLU B 907 -41.49 20.01 -34.97
N ARG B 908 -40.83 19.41 -35.96
CA ARG B 908 -39.97 18.26 -35.71
C ARG B 908 -38.68 18.72 -35.04
N SER B 909 -37.81 17.76 -34.74
CA SER B 909 -36.51 18.03 -34.16
C SER B 909 -35.44 17.43 -35.07
N ILE B 910 -34.43 18.23 -35.40
CA ILE B 910 -33.36 17.79 -36.30
C ILE B 910 -32.05 17.75 -35.52
N PRO B 911 -31.25 16.70 -35.65
CA PRO B 911 -29.92 16.71 -35.01
C PRO B 911 -29.00 17.69 -35.71
N HIS B 912 -27.75 17.76 -35.29
CA HIS B 912 -26.76 18.65 -35.86
C HIS B 912 -25.79 17.86 -36.74
N PRO B 913 -25.01 18.55 -37.58
CA PRO B 913 -24.01 17.85 -38.39
C PRO B 913 -23.11 16.99 -37.53
N PRO B 914 -22.32 16.10 -38.14
CA PRO B 914 -21.54 15.16 -37.32
C PRO B 914 -20.37 15.81 -36.60
N ASN B 915 -19.62 16.68 -37.29
CA ASN B 915 -18.41 17.28 -36.74
C ASN B 915 -18.61 18.73 -36.32
N GLY B 916 -19.81 19.28 -36.50
CA GLY B 916 -20.04 20.68 -36.20
C GLY B 916 -19.60 21.56 -37.34
N PRO B 917 -19.88 22.85 -37.24
CA PRO B 917 -19.57 23.77 -38.34
C PRO B 917 -18.08 24.09 -38.40
N SER B 918 -17.69 24.69 -39.53
CA SER B 918 -16.33 25.16 -39.75
C SER B 918 -16.35 26.69 -39.83
N PHE B 919 -15.43 27.32 -39.12
CA PHE B 919 -15.38 28.77 -39.00
C PHE B 919 -14.23 29.34 -39.83
N VAL B 920 -14.51 30.43 -40.52
CA VAL B 920 -13.50 31.18 -41.27
C VAL B 920 -13.28 32.48 -40.50
N LEU B 921 -12.10 32.65 -39.94
CA LEU B 921 -11.81 33.82 -39.13
C LEU B 921 -11.68 35.05 -40.02
N ALA B 922 -11.67 36.22 -39.38
CA ALA B 922 -11.57 37.48 -40.10
C ALA B 922 -10.91 38.51 -39.19
N PHE B 923 -9.86 39.15 -39.70
CA PHE B 923 -9.09 40.13 -38.94
C PHE B 923 -9.23 41.50 -39.56
N THR B 924 -9.60 42.48 -38.75
CA THR B 924 -9.90 43.83 -39.23
C THR B 924 -8.64 44.67 -39.30
N GLY B 925 -8.65 45.65 -40.21
CA GLY B 925 -7.59 46.62 -40.30
C GLY B 925 -7.75 47.73 -39.27
N GLN B 926 -6.74 48.61 -39.22
CA GLN B 926 -6.72 49.70 -38.25
C GLN B 926 -7.58 50.85 -38.76
N GLY B 927 -8.89 50.65 -38.66
CA GLY B 927 -9.83 51.67 -39.08
C GLY B 927 -11.07 51.78 -38.20
N SER B 928 -11.11 50.99 -37.12
CA SER B 928 -12.29 50.99 -36.26
C SER B 928 -11.94 50.95 -34.77
N ALA B 929 -10.67 51.13 -34.41
CA ALA B 929 -10.30 51.12 -33.01
C ALA B 929 -10.99 52.26 -32.27
N PHE B 930 -11.39 52.00 -31.02
CA PHE B 930 -12.02 53.01 -30.20
C PHE B 930 -11.37 53.08 -28.82
N ALA B 931 -11.94 53.86 -27.91
CA ALA B 931 -11.27 54.18 -26.65
C ALA B 931 -10.92 52.92 -25.87
N GLY B 932 -11.93 52.20 -25.39
CA GLY B 932 -11.68 51.03 -24.58
C GLY B 932 -11.74 49.75 -25.38
N MET B 933 -10.58 49.22 -25.75
CA MET B 933 -10.52 48.01 -26.57
C MET B 933 -10.57 46.79 -25.67
N GLY B 934 -11.78 46.46 -25.24
CA GLY B 934 -11.99 45.24 -24.47
C GLY B 934 -11.16 45.17 -23.19
N VAL B 935 -11.01 46.30 -22.51
CA VAL B 935 -10.30 46.26 -21.23
C VAL B 935 -11.02 45.34 -20.25
N ASP B 936 -12.34 45.18 -20.41
CA ASP B 936 -13.07 44.22 -19.60
C ASP B 936 -12.51 42.81 -19.78
N LEU B 937 -12.14 42.46 -21.01
CA LEU B 937 -11.49 41.16 -21.22
C LEU B 937 -10.16 41.09 -20.49
N TYR B 938 -9.38 42.17 -20.55
CA TYR B 938 -8.11 42.20 -19.83
C TYR B 938 -8.32 42.03 -18.33
N LYS B 939 -9.48 42.44 -17.82
CA LYS B 939 -9.76 42.38 -16.40
C LYS B 939 -10.31 41.02 -15.97
N ARG B 940 -11.19 40.43 -16.76
CA ARG B 940 -11.94 39.24 -16.35
C ARG B 940 -11.33 37.94 -16.85
N PHE B 941 -10.26 37.99 -17.64
CA PHE B 941 -9.67 36.78 -18.21
C PHE B 941 -8.18 36.75 -17.88
N ALA B 942 -7.73 35.64 -17.29
CA ALA B 942 -6.33 35.52 -16.91
C ALA B 942 -5.45 35.28 -18.12
N SER B 943 -5.91 34.45 -19.07
CA SER B 943 -5.12 34.18 -20.26
C SER B 943 -4.86 35.46 -21.04
N PHE B 944 -5.89 36.29 -21.21
CA PHE B 944 -5.72 37.54 -21.92
C PHE B 944 -4.71 38.44 -21.21
N ARG B 945 -4.82 38.55 -19.88
CA ARG B 945 -3.91 39.41 -19.14
C ARG B 945 -2.48 38.93 -19.28
N SER B 946 -2.26 37.62 -19.15
CA SER B 946 -0.91 37.08 -19.29
C SER B 946 -0.37 37.34 -20.68
N ASP B 947 -1.20 37.15 -21.71
CA ASP B 947 -0.76 37.40 -23.08
C ASP B 947 -0.34 38.85 -23.26
N ILE B 948 -1.15 39.78 -22.77
CA ILE B 948 -0.82 41.19 -22.96
C ILE B 948 0.46 41.54 -22.21
N ALA B 949 0.61 41.03 -20.98
CA ALA B 949 1.83 41.29 -20.24
C ALA B 949 3.05 40.74 -20.98
N ARG B 950 2.93 39.54 -21.53
CA ARG B 950 4.02 38.94 -22.29
C ARG B 950 4.39 39.80 -23.48
N TYR B 951 3.39 40.23 -24.24
CA TYR B 951 3.65 41.00 -25.44
C TYR B 951 4.29 42.34 -25.09
N ASP B 952 3.83 42.96 -24.01
CA ASP B 952 4.46 44.19 -23.56
C ASP B 952 5.93 43.97 -23.21
N GLN B 953 6.22 42.87 -22.50
CA GLN B 953 7.60 42.58 -22.15
C GLN B 953 8.44 42.38 -23.40
N ILE B 954 7.91 41.65 -24.38
CA ILE B 954 8.69 41.36 -25.58
C ILE B 954 8.92 42.64 -26.39
N CYS B 955 7.91 43.51 -26.49
CA CYS B 955 8.12 44.78 -27.15
C CYS B 955 9.19 45.61 -26.43
N GLU B 956 9.15 45.63 -25.10
CA GLU B 956 10.21 46.31 -24.36
C GLU B 956 11.57 45.69 -24.65
N GLY B 957 11.61 44.39 -24.90
CA GLY B 957 12.87 43.75 -25.23
C GLY B 957 13.45 44.24 -26.54
N MET B 958 12.59 44.52 -27.52
CA MET B 958 13.02 44.97 -28.84
C MET B 958 13.18 46.47 -28.92
N SER B 959 12.99 47.20 -27.81
CA SER B 959 13.04 48.65 -27.79
C SER B 959 11.83 49.26 -28.51
N LEU B 960 10.66 48.68 -28.27
CA LEU B 960 9.40 49.15 -28.81
C LEU B 960 8.52 49.73 -27.70
N PRO B 961 7.58 50.61 -28.05
CA PRO B 961 6.74 51.23 -27.01
C PRO B 961 5.94 50.19 -26.24
N SER B 962 5.80 50.43 -24.94
CA SER B 962 4.99 49.57 -24.09
C SER B 962 3.52 49.73 -24.43
N ILE B 963 2.76 48.65 -24.26
CA ILE B 963 1.36 48.61 -24.68
C ILE B 963 0.46 48.19 -23.52
N LYS B 964 1.02 48.10 -22.31
CA LYS B 964 0.18 47.75 -21.17
C LYS B 964 -0.78 48.89 -20.82
N ALA B 965 -0.31 50.13 -20.97
CA ALA B 965 -1.15 51.27 -20.61
C ALA B 965 -2.44 51.28 -21.42
N MET B 966 -2.38 50.86 -22.69
CA MET B 966 -3.56 50.91 -23.54
C MET B 966 -4.68 50.03 -23.00
N PHE B 967 -4.35 49.00 -22.24
CA PHE B 967 -5.33 48.04 -21.77
C PHE B 967 -5.69 48.23 -20.30
N GLU B 968 -5.14 49.26 -19.64
CA GLU B 968 -5.37 49.49 -18.23
C GLU B 968 -6.12 50.79 -17.97
N ASP B 969 -5.61 51.92 -18.46
CA ASP B 969 -6.17 53.20 -18.08
C ASP B 969 -7.40 53.57 -18.91
N GLU B 970 -7.47 53.10 -20.17
CA GLU B 970 -8.55 53.40 -21.09
C GLU B 970 -8.58 54.87 -21.49
N LYS B 971 -7.65 55.68 -20.98
CA LYS B 971 -7.63 57.11 -21.27
C LYS B 971 -6.55 57.53 -22.26
N VAL B 972 -5.47 56.76 -22.39
CA VAL B 972 -4.35 57.16 -23.24
C VAL B 972 -4.64 56.96 -24.73
N PHE B 973 -5.81 56.42 -25.08
CA PHE B 973 -6.14 56.27 -26.50
C PHE B 973 -6.09 57.60 -27.23
N SER B 974 -6.44 58.70 -26.55
CA SER B 974 -6.50 59.99 -27.20
C SER B 974 -5.13 60.52 -27.60
N THR B 975 -4.07 60.05 -26.95
CA THR B 975 -2.71 60.54 -27.19
C THR B 975 -1.77 59.38 -27.49
N ALA B 976 -2.20 58.49 -28.39
CA ALA B 976 -1.43 57.32 -28.77
C ALA B 976 -0.75 57.56 -30.11
N SER B 977 0.54 57.29 -30.19
CA SER B 977 1.27 57.45 -31.43
C SER B 977 0.85 56.37 -32.43
N PRO B 978 1.00 56.64 -33.73
CA PRO B 978 0.58 55.63 -34.72
C PRO B 978 1.26 54.29 -34.52
N THR B 979 2.55 54.28 -34.18
CA THR B 979 3.22 53.02 -33.92
C THR B 979 2.59 52.29 -32.75
N LEU B 980 2.31 53.01 -31.67
CA LEU B 980 1.63 52.39 -30.53
C LEU B 980 0.25 51.92 -30.92
N GLN B 981 -0.46 52.71 -31.74
CA GLN B 981 -1.78 52.30 -32.20
C GLN B 981 -1.73 50.96 -32.93
N GLN B 982 -0.85 50.83 -33.91
CA GLN B 982 -0.78 49.60 -34.68
C GLN B 982 -0.32 48.43 -33.81
N LEU B 983 0.66 48.67 -32.93
CA LEU B 983 1.12 47.60 -32.05
C LEU B 983 -0.02 47.12 -31.16
N THR B 984 -0.79 48.04 -30.59
CA THR B 984 -1.93 47.65 -29.77
C THR B 984 -2.94 46.87 -30.60
N HIS B 985 -3.22 47.33 -31.82
CA HIS B 985 -4.17 46.62 -32.66
C HIS B 985 -3.74 45.18 -32.88
N VAL B 986 -2.48 44.98 -33.29
CA VAL B 986 -2.01 43.62 -33.60
C VAL B 986 -1.95 42.76 -32.35
N CYS B 987 -1.50 43.35 -31.24
CA CYS B 987 -1.43 42.62 -29.98
C CYS B 987 -2.83 42.15 -29.55
N PHE B 988 -3.81 43.05 -29.64
CA PHE B 988 -5.17 42.69 -29.28
C PHE B 988 -5.71 41.62 -30.21
N GLN B 989 -5.40 41.73 -31.51
CA GLN B 989 -5.85 40.70 -32.45
C GLN B 989 -5.32 39.33 -32.04
N MET B 990 -4.02 39.23 -31.77
CA MET B 990 -3.45 37.94 -31.41
C MET B 990 -4.05 37.43 -30.12
N ALA B 991 -4.19 38.30 -29.11
CA ALA B 991 -4.72 37.86 -27.83
C ALA B 991 -6.15 37.34 -27.98
N LEU B 992 -6.98 38.07 -28.71
CA LEU B 992 -8.38 37.64 -28.87
C LEU B 992 -8.46 36.34 -29.65
N TYR B 993 -7.62 36.19 -30.69
CA TYR B 993 -7.63 34.94 -31.43
C TYR B 993 -7.25 33.78 -30.54
N ARG B 994 -6.21 33.95 -29.72
CA ARG B 994 -5.80 32.88 -28.82
C ARG B 994 -6.91 32.54 -27.85
N LEU B 995 -7.55 33.56 -27.28
CA LEU B 995 -8.66 33.31 -26.36
C LEU B 995 -9.74 32.50 -27.06
N TRP B 996 -10.17 32.93 -28.25
CA TRP B 996 -11.25 32.25 -28.94
C TRP B 996 -10.87 30.81 -29.25
N LYS B 997 -9.64 30.58 -29.70
CA LYS B 997 -9.20 29.22 -29.96
C LYS B 997 -9.26 28.38 -28.69
N SER B 998 -8.91 28.98 -27.55
CA SER B 998 -8.99 28.24 -26.29
C SER B 998 -10.40 27.73 -26.03
N LEU B 999 -11.42 28.48 -26.45
CA LEU B 999 -12.79 28.08 -26.19
C LEU B 999 -13.22 26.87 -27.00
N GLY B 1000 -12.51 26.56 -28.08
CA GLY B 1000 -12.81 25.36 -28.84
C GLY B 1000 -13.28 25.61 -30.26
N VAL B 1001 -12.80 26.70 -30.87
CA VAL B 1001 -13.10 27.01 -32.27
C VAL B 1001 -11.81 26.85 -33.06
N GLN B 1002 -11.85 26.02 -34.09
CA GLN B 1002 -10.70 25.74 -34.94
C GLN B 1002 -10.93 26.35 -36.31
N ALA B 1003 -10.02 27.22 -36.73
CA ALA B 1003 -10.18 27.92 -37.99
C ALA B 1003 -10.06 26.95 -39.16
N LYS B 1004 -10.94 27.12 -40.14
CA LYS B 1004 -10.81 26.44 -41.42
C LYS B 1004 -10.18 27.29 -42.50
N ALA B 1005 -10.26 28.62 -42.37
CA ALA B 1005 -9.61 29.55 -43.28
C ALA B 1005 -9.47 30.88 -42.56
N VAL B 1006 -8.61 31.73 -43.12
CA VAL B 1006 -8.28 33.02 -42.49
C VAL B 1006 -8.32 34.10 -43.57
N VAL B 1007 -8.52 35.34 -43.12
CA VAL B 1007 -8.53 36.49 -44.01
C VAL B 1007 -8.29 37.74 -43.18
N GLY B 1008 -7.51 38.67 -43.72
CA GLY B 1008 -7.24 39.93 -43.07
C GLY B 1008 -7.39 41.09 -44.04
N HIS B 1009 -7.41 42.30 -43.49
CA HIS B 1009 -7.60 43.53 -44.29
C HIS B 1009 -6.50 44.54 -43.94
N ALA B 1010 -5.34 44.37 -44.54
CA ALA B 1010 -4.29 45.39 -44.62
C ALA B 1010 -3.57 45.65 -43.30
N LEU B 1011 -4.10 45.18 -42.18
CA LEU B 1011 -3.31 45.04 -40.97
C LEU B 1011 -3.61 43.78 -40.19
N GLY B 1012 -4.80 43.19 -40.33
CA GLY B 1012 -5.05 41.87 -39.79
C GLY B 1012 -4.33 40.78 -40.55
N GLU B 1013 -3.69 41.12 -41.66
CA GLU B 1013 -2.90 40.14 -42.38
C GLU B 1013 -1.79 39.58 -41.51
N TYR B 1014 -1.11 40.45 -40.75
CA TYR B 1014 -0.05 39.99 -39.87
C TYR B 1014 -0.62 39.08 -38.79
N ALA B 1015 -1.72 39.49 -38.16
CA ALA B 1015 -2.38 38.63 -37.19
C ALA B 1015 -2.94 37.38 -37.87
N ALA B 1016 -3.43 37.52 -39.09
CA ALA B 1016 -3.97 36.37 -39.81
C ALA B 1016 -2.91 35.30 -40.03
N LEU B 1017 -1.71 35.72 -40.44
CA LEU B 1017 -0.66 34.75 -40.73
C LEU B 1017 -0.33 33.92 -39.49
N TYR B 1018 -0.18 34.57 -38.34
CA TYR B 1018 0.15 33.83 -37.13
C TYR B 1018 -0.92 32.80 -36.81
N ALA B 1019 -2.19 33.17 -36.95
CA ALA B 1019 -3.26 32.20 -36.75
C ALA B 1019 -3.09 31.01 -37.70
N ALA B 1020 -2.58 31.25 -38.90
CA ALA B 1020 -2.30 30.18 -39.84
C ALA B 1020 -0.99 29.47 -39.53
N GLY B 1021 -0.19 29.97 -38.60
CA GLY B 1021 1.05 29.34 -38.23
C GLY B 1021 2.24 29.72 -39.08
N VAL B 1022 2.10 30.69 -39.98
CA VAL B 1022 3.21 31.07 -40.84
C VAL B 1022 4.32 31.72 -40.03
N LEU B 1023 3.95 32.59 -39.09
CA LEU B 1023 4.91 33.35 -38.30
C LEU B 1023 4.72 33.06 -36.82
N SER B 1024 5.79 33.32 -36.06
CA SER B 1024 5.73 33.27 -34.61
C SER B 1024 5.37 34.65 -34.07
N GLN B 1025 4.72 34.66 -32.90
CA GLN B 1025 4.21 35.91 -32.35
C GLN B 1025 5.29 36.98 -32.30
N SER B 1026 6.49 36.62 -31.84
CA SER B 1026 7.57 37.59 -31.78
C SER B 1026 7.86 38.16 -33.15
N ASP B 1027 7.86 37.31 -34.18
CA ASP B 1027 8.14 37.79 -35.53
C ASP B 1027 7.07 38.78 -36.00
N THR B 1028 5.79 38.49 -35.73
CA THR B 1028 4.74 39.41 -36.14
C THR B 1028 4.89 40.75 -35.44
N LEU B 1029 5.13 40.72 -34.12
CA LEU B 1029 5.29 41.96 -33.39
C LEU B 1029 6.48 42.75 -33.90
N TYR B 1030 7.61 42.07 -34.15
CA TYR B 1030 8.78 42.76 -34.66
C TYR B 1030 8.50 43.39 -36.02
N LEU B 1031 7.86 42.64 -36.92
CA LEU B 1031 7.54 43.18 -38.24
C LEU B 1031 6.68 44.42 -38.12
N VAL B 1032 5.59 44.32 -37.36
CA VAL B 1032 4.65 45.45 -37.27
C VAL B 1032 5.34 46.66 -36.66
N GLY B 1033 6.07 46.45 -35.55
CA GLY B 1033 6.72 47.56 -34.90
C GLY B 1033 7.76 48.23 -35.78
N ARG B 1034 8.61 47.42 -36.43
CA ARG B 1034 9.67 48.01 -37.25
C ARG B 1034 9.10 48.70 -38.48
N ARG B 1035 8.04 48.15 -39.08
CA ARG B 1035 7.43 48.84 -40.20
C ARG B 1035 6.85 50.17 -39.76
N ALA B 1036 6.19 50.19 -38.60
CA ALA B 1036 5.68 51.45 -38.08
C ALA B 1036 6.80 52.45 -37.84
N GLN B 1037 7.89 52.01 -37.23
CA GLN B 1037 9.02 52.91 -36.97
C GLN B 1037 9.59 53.44 -38.28
N LEU B 1038 9.77 52.58 -39.27
CA LEU B 1038 10.34 53.01 -40.54
C LEU B 1038 9.45 54.03 -41.22
N MET B 1039 8.15 53.76 -41.28
CA MET B 1039 7.25 54.68 -41.97
C MET B 1039 7.04 55.96 -41.18
N GLU B 1040 7.25 55.94 -39.87
CA GLU B 1040 7.19 57.18 -39.10
C GLU B 1040 8.45 58.01 -39.29
N LYS B 1041 9.62 57.35 -39.37
CA LYS B 1041 10.88 58.07 -39.46
C LYS B 1041 11.04 58.77 -40.81
N HIS B 1042 10.77 58.05 -41.90
CA HIS B 1042 11.08 58.52 -43.24
C HIS B 1042 10.00 59.40 -43.86
N LEU B 1043 8.82 59.47 -43.25
CA LEU B 1043 7.67 60.13 -43.85
C LEU B 1043 7.32 61.40 -43.10
N SER B 1044 6.43 62.18 -43.70
CA SER B 1044 5.84 63.35 -43.07
C SER B 1044 4.35 63.10 -42.85
N GLN B 1045 3.84 63.50 -41.69
CA GLN B 1045 2.47 63.20 -41.33
C GLN B 1045 1.51 64.13 -42.06
N GLY B 1046 0.43 63.54 -42.59
CA GLY B 1046 -0.62 64.30 -43.23
C GLY B 1046 -0.37 64.66 -44.67
N THR B 1047 0.75 64.24 -45.27
CA THR B 1047 1.01 64.56 -46.67
C THR B 1047 -0.05 63.94 -47.58
N HIS B 1048 -0.44 62.71 -47.30
CA HIS B 1048 -1.45 61.99 -48.07
C HIS B 1048 -2.72 61.83 -47.25
N ALA B 1049 -3.74 61.27 -47.88
CA ALA B 1049 -5.00 60.98 -47.21
C ALA B 1049 -5.71 59.88 -47.99
N MET B 1050 -6.92 59.55 -47.57
CA MET B 1050 -7.65 58.43 -48.15
C MET B 1050 -9.12 58.77 -48.21
N LEU B 1051 -9.79 58.32 -49.27
CA LEU B 1051 -11.20 58.61 -49.48
C LEU B 1051 -11.95 57.32 -49.76
N ALA B 1052 -13.13 57.18 -49.15
CA ALA B 1052 -13.97 56.01 -49.33
C ALA B 1052 -15.19 56.39 -50.15
N VAL B 1053 -15.48 55.61 -51.18
CA VAL B 1053 -16.58 55.88 -52.10
C VAL B 1053 -17.45 54.63 -52.23
N ARG B 1054 -18.77 54.83 -52.21
CA ARG B 1054 -19.73 53.74 -52.38
C ARG B 1054 -20.29 53.83 -53.79
N ALA B 1055 -19.58 53.19 -54.73
CA ALA B 1055 -19.99 53.19 -56.12
C ALA B 1055 -19.14 52.20 -56.89
N LYS B 1056 -19.60 51.86 -58.09
CA LYS B 1056 -18.86 50.93 -58.94
C LYS B 1056 -17.58 51.57 -59.46
N GLU B 1057 -16.60 50.72 -59.78
CA GLU B 1057 -15.33 51.21 -60.29
C GLU B 1057 -15.50 51.93 -61.61
N GLU B 1058 -16.35 51.40 -62.51
CA GLU B 1058 -16.53 52.02 -63.81
C GLU B 1058 -17.05 53.43 -63.68
N ALA B 1059 -18.05 53.65 -62.81
CA ALA B 1059 -18.57 55.00 -62.61
C ALA B 1059 -17.50 55.91 -62.04
N ILE B 1060 -16.67 55.39 -61.12
CA ILE B 1060 -15.62 56.20 -60.52
C ILE B 1060 -14.62 56.65 -61.58
N VAL B 1061 -14.21 55.73 -62.46
CA VAL B 1061 -13.23 56.10 -63.48
C VAL B 1061 -13.84 57.05 -64.50
N ALA B 1062 -15.12 56.86 -64.83
CA ALA B 1062 -15.76 57.71 -65.83
C ALA B 1062 -16.14 59.08 -65.28
N ALA B 1063 -16.26 59.23 -63.96
CA ALA B 1063 -16.74 60.47 -63.36
C ALA B 1063 -15.63 61.40 -62.91
N ILE B 1064 -14.37 61.01 -63.08
CA ILE B 1064 -13.23 61.83 -62.66
C ILE B 1064 -12.30 62.01 -63.86
N ASP B 1065 -11.95 63.26 -64.14
CA ASP B 1065 -11.00 63.55 -65.22
C ASP B 1065 -9.62 63.03 -64.86
N GLY B 1066 -8.93 62.45 -65.84
CA GLY B 1066 -7.63 61.89 -65.62
C GLY B 1066 -7.69 60.41 -65.31
N PRO B 1067 -6.87 59.59 -65.98
CA PRO B 1067 -6.96 58.16 -65.77
C PRO B 1067 -6.47 57.78 -64.38
N PRO B 1068 -6.98 56.69 -63.82
CA PRO B 1068 -6.45 56.21 -62.54
C PRO B 1068 -4.99 55.83 -62.66
N GLY B 1069 -4.24 56.08 -61.59
CA GLY B 1069 -2.83 55.77 -61.55
C GLY B 1069 -1.97 57.00 -61.40
N GLU B 1070 -2.34 58.08 -62.10
CA GLU B 1070 -1.67 59.36 -62.00
C GLU B 1070 -2.45 60.36 -61.17
N ALA B 1071 -3.77 60.43 -61.35
CA ALA B 1071 -4.62 61.30 -60.55
C ALA B 1071 -5.04 60.65 -59.25
N TYR B 1072 -5.43 59.37 -59.29
CA TYR B 1072 -5.83 58.66 -58.10
C TYR B 1072 -5.59 57.17 -58.31
N GLU B 1073 -5.51 56.43 -57.20
CA GLU B 1073 -5.22 55.00 -57.22
C GLU B 1073 -6.22 54.27 -56.34
N PHE B 1074 -6.64 53.10 -56.79
CA PHE B 1074 -7.51 52.25 -55.98
C PHE B 1074 -6.70 51.61 -54.87
N SER B 1075 -6.64 52.26 -53.71
CA SER B 1075 -5.83 51.74 -52.61
C SER B 1075 -6.34 50.37 -52.18
N CYS B 1076 -7.66 50.19 -52.12
CA CYS B 1076 -8.25 48.90 -51.78
C CYS B 1076 -9.57 48.74 -52.49
N ARG B 1077 -9.79 47.57 -53.07
CA ARG B 1077 -11.06 47.21 -53.71
C ARG B 1077 -11.88 46.43 -52.68
N ASN B 1078 -12.88 47.09 -52.10
CA ASN B 1078 -13.58 46.54 -50.95
C ASN B 1078 -14.72 45.61 -51.36
N GLY B 1079 -15.55 46.05 -52.30
CA GLY B 1079 -16.69 45.25 -52.70
C GLY B 1079 -17.23 45.70 -54.03
N GLU B 1080 -18.38 45.12 -54.40
CA GLU B 1080 -19.00 45.45 -55.67
C GLU B 1080 -19.23 46.96 -55.80
N GLN B 1081 -19.87 47.55 -54.79
CA GLN B 1081 -20.22 48.97 -54.81
C GLN B 1081 -19.41 49.78 -53.81
N ARG B 1082 -18.46 49.16 -53.12
CA ARG B 1082 -17.66 49.83 -52.10
C ARG B 1082 -16.21 49.85 -52.56
N ASN B 1083 -15.64 51.04 -52.66
CA ASN B 1083 -14.24 51.21 -53.05
C ASN B 1083 -13.66 52.37 -52.27
N VAL B 1084 -12.34 52.36 -52.13
CA VAL B 1084 -11.63 53.38 -51.38
C VAL B 1084 -10.42 53.83 -52.19
N LEU B 1085 -10.14 55.13 -52.16
CA LEU B 1085 -9.10 55.72 -52.97
C LEU B 1085 -8.15 56.52 -52.10
N GLY B 1086 -6.91 56.67 -52.56
CA GLY B 1086 -5.90 57.40 -51.82
C GLY B 1086 -4.95 58.12 -52.74
N GLY B 1087 -4.21 59.05 -52.17
CA GLY B 1087 -3.28 59.87 -52.94
C GLY B 1087 -2.85 61.10 -52.15
N THR B 1088 -2.48 62.13 -52.89
CA THR B 1088 -2.07 63.40 -52.30
C THR B 1088 -3.27 64.26 -51.97
N VAL B 1089 -3.04 65.31 -51.19
CA VAL B 1089 -4.12 66.19 -50.76
C VAL B 1089 -4.81 66.82 -51.97
N ALA B 1090 -4.02 67.32 -52.92
CA ALA B 1090 -4.59 67.96 -54.10
C ALA B 1090 -5.40 66.97 -54.92
N GLN B 1091 -4.82 65.79 -55.19
CA GLN B 1091 -5.54 64.79 -55.97
C GLN B 1091 -6.82 64.36 -55.26
N ILE B 1092 -6.75 64.14 -53.94
CA ILE B 1092 -7.91 63.67 -53.21
C ILE B 1092 -9.00 64.73 -53.20
N GLN B 1093 -8.63 66.00 -52.98
CA GLN B 1093 -9.66 67.05 -52.97
C GLN B 1093 -10.28 67.23 -54.35
N ALA B 1094 -9.46 67.13 -55.41
CA ALA B 1094 -10.01 67.23 -56.76
C ALA B 1094 -10.99 66.09 -57.03
N ALA B 1095 -10.62 64.87 -56.64
CA ALA B 1095 -11.51 63.73 -56.83
C ALA B 1095 -12.78 63.89 -56.01
N LYS B 1096 -12.66 64.41 -54.79
CA LYS B 1096 -13.84 64.63 -53.95
C LYS B 1096 -14.78 65.62 -54.61
N ALA B 1097 -14.23 66.72 -55.12
CA ALA B 1097 -15.06 67.72 -55.79
C ALA B 1097 -15.74 67.13 -57.02
N ALA B 1098 -14.99 66.37 -57.82
CA ALA B 1098 -15.57 65.80 -59.03
C ALA B 1098 -16.69 64.81 -58.71
N LEU B 1099 -16.46 63.94 -57.71
CA LEU B 1099 -17.44 62.91 -57.39
C LEU B 1099 -18.69 63.51 -56.73
N GLU B 1100 -18.50 64.39 -55.74
CA GLU B 1100 -19.64 65.01 -55.10
C GLU B 1100 -20.44 65.85 -56.08
N ALA B 1101 -19.77 66.49 -57.03
CA ALA B 1101 -20.48 67.22 -58.07
C ALA B 1101 -21.36 66.29 -58.90
N LYS B 1102 -21.05 64.99 -58.91
CA LYS B 1102 -21.83 64.01 -59.65
C LYS B 1102 -22.93 63.39 -58.79
N LYS B 1103 -23.09 63.84 -57.55
CA LYS B 1103 -24.10 63.31 -56.64
C LYS B 1103 -23.79 61.85 -56.27
N ILE B 1104 -22.55 61.62 -55.85
CA ILE B 1104 -22.11 60.33 -55.34
C ILE B 1104 -21.44 60.59 -54.00
N ARG B 1105 -22.07 60.16 -52.92
CA ARG B 1105 -21.56 60.47 -51.59
C ARG B 1105 -20.21 59.79 -51.36
N CYS B 1106 -19.31 60.52 -50.73
CA CYS B 1106 -17.97 60.04 -50.43
C CYS B 1106 -17.52 60.62 -49.10
N GLN B 1107 -16.81 59.81 -48.32
CA GLN B 1107 -16.48 60.12 -46.93
C GLN B 1107 -14.97 60.09 -46.74
N TYR B 1108 -14.42 61.16 -46.15
CA TYR B 1108 -13.02 61.18 -45.77
C TYR B 1108 -12.76 60.12 -44.70
N LEU B 1109 -11.54 59.60 -44.68
CA LEU B 1109 -11.10 58.65 -43.66
C LEU B 1109 -10.02 59.30 -42.82
N ASP B 1110 -10.12 59.13 -41.50
CA ASP B 1110 -9.29 59.84 -40.55
C ASP B 1110 -7.85 59.35 -40.51
N THR B 1111 -7.52 58.26 -41.19
CA THR B 1111 -6.18 57.70 -41.14
C THR B 1111 -5.15 58.75 -41.52
N PRO B 1112 -4.35 59.25 -40.58
CA PRO B 1112 -3.33 60.25 -40.96
C PRO B 1112 -2.36 59.72 -42.00
N MET B 1113 -1.99 58.45 -41.92
CA MET B 1113 -1.20 57.79 -42.94
C MET B 1113 -2.12 57.20 -43.99
N ALA B 1114 -1.53 56.78 -45.12
CA ALA B 1114 -2.30 56.23 -46.24
C ALA B 1114 -1.51 55.06 -46.81
N PHE B 1115 -1.82 53.86 -46.34
CA PHE B 1115 -1.16 52.66 -46.86
C PHE B 1115 -1.59 52.42 -48.30
N HIS B 1116 -0.74 51.71 -49.03
CA HIS B 1116 -1.00 51.37 -50.43
C HIS B 1116 -1.08 52.63 -51.29
N THR B 1117 -0.12 53.53 -51.08
CA THR B 1117 -0.06 54.79 -51.80
C THR B 1117 1.38 55.10 -52.14
N GLY B 1118 1.62 56.29 -52.69
CA GLY B 1118 2.98 56.75 -52.91
C GLY B 1118 3.70 57.11 -51.64
N GLN B 1119 2.97 57.26 -50.53
CA GLN B 1119 3.60 57.58 -49.25
C GLN B 1119 4.55 56.49 -48.81
N VAL B 1120 4.16 55.22 -49.00
CA VAL B 1120 4.92 54.09 -48.48
C VAL B 1120 6.09 53.72 -49.37
N ASP B 1121 6.32 54.45 -50.46
CA ASP B 1121 7.38 54.09 -51.39
C ASP B 1121 8.76 54.04 -50.75
N PRO B 1122 9.19 55.02 -49.96
CA PRO B 1122 10.61 55.12 -49.59
C PRO B 1122 11.03 54.26 -48.40
N ILE B 1123 10.18 53.34 -47.92
CA ILE B 1123 10.57 52.46 -46.82
C ILE B 1123 10.78 51.02 -47.27
N LEU B 1124 10.46 50.69 -48.50
CA LEU B 1124 10.50 49.28 -48.92
C LEU B 1124 11.85 48.63 -48.73
N PRO B 1125 12.99 49.27 -49.07
CA PRO B 1125 14.28 48.61 -48.84
C PRO B 1125 14.47 48.14 -47.40
N GLU B 1126 14.27 49.04 -46.44
CA GLU B 1126 14.49 48.68 -45.04
C GLU B 1126 13.47 47.68 -44.55
N LEU B 1127 12.22 47.78 -45.02
CA LEU B 1127 11.21 46.80 -44.65
C LEU B 1127 11.59 45.42 -45.15
N LEU B 1128 12.07 45.33 -46.39
CA LEU B 1128 12.55 44.05 -46.91
C LEU B 1128 13.72 43.53 -46.09
N GLN B 1129 14.67 44.41 -45.76
CA GLN B 1129 15.80 44.00 -44.94
C GLN B 1129 15.34 43.40 -43.61
N VAL B 1130 14.40 44.08 -42.96
CA VAL B 1130 13.81 43.55 -41.73
C VAL B 1130 13.01 42.28 -42.03
N ALA B 1131 12.32 42.26 -43.16
CA ALA B 1131 11.47 41.11 -43.49
C ALA B 1131 12.28 39.83 -43.60
N ALA B 1132 13.45 39.90 -44.24
CA ALA B 1132 14.24 38.68 -44.46
C ALA B 1132 14.65 38.02 -43.16
N ALA B 1133 14.72 38.76 -42.07
CA ALA B 1133 15.23 38.21 -40.81
C ALA B 1133 14.25 37.30 -40.11
N CYS B 1134 12.95 37.39 -40.42
CA CYS B 1134 11.97 36.55 -39.76
C CYS B 1134 12.14 35.10 -40.19
N SER B 1135 11.35 34.22 -39.59
CA SER B 1135 11.38 32.78 -39.89
C SER B 1135 10.03 32.39 -40.45
N ILE B 1136 9.89 32.45 -41.78
CA ILE B 1136 8.65 32.07 -42.42
C ILE B 1136 8.49 30.55 -42.35
N GLN B 1137 7.24 30.11 -42.44
CA GLN B 1137 6.94 28.68 -42.30
C GLN B 1137 5.70 28.35 -43.13
N ASP B 1138 5.57 27.07 -43.46
CA ASP B 1138 4.44 26.63 -44.26
C ASP B 1138 3.14 26.85 -43.47
N PRO B 1139 2.08 27.34 -44.11
CA PRO B 1139 0.83 27.52 -43.39
C PRO B 1139 0.21 26.20 -42.97
N GLN B 1140 -0.47 26.22 -41.83
CA GLN B 1140 -1.22 25.07 -41.34
C GLN B 1140 -2.63 25.02 -41.89
N ILE B 1141 -3.15 26.14 -42.38
CA ILE B 1141 -4.48 26.20 -42.98
C ILE B 1141 -4.47 27.25 -44.08
N PRO B 1142 -5.39 27.20 -45.03
CA PRO B 1142 -5.36 28.15 -46.14
C PRO B 1142 -5.46 29.58 -45.66
N VAL B 1143 -4.74 30.48 -46.35
CA VAL B 1143 -4.76 31.90 -46.07
C VAL B 1143 -5.39 32.61 -47.27
N ILE B 1144 -6.47 33.33 -47.02
CA ILE B 1144 -7.18 34.04 -48.10
C ILE B 1144 -6.51 35.41 -48.20
N SER B 1145 -5.43 35.46 -48.95
CA SER B 1145 -4.63 36.67 -49.05
C SER B 1145 -5.25 37.64 -50.04
N PRO B 1146 -5.57 38.87 -49.64
CA PRO B 1146 -6.05 39.85 -50.61
C PRO B 1146 -4.94 40.57 -51.36
N ALA B 1147 -3.73 40.61 -50.79
CA ALA B 1147 -2.63 41.29 -51.47
C ALA B 1147 -2.38 40.72 -52.86
N TYR B 1148 -2.21 39.39 -52.93
CA TYR B 1148 -2.08 38.72 -54.21
C TYR B 1148 -3.42 38.39 -54.84
N GLY B 1149 -4.52 38.59 -54.12
CA GLY B 1149 -5.82 38.23 -54.65
C GLY B 1149 -5.96 36.76 -54.96
N LYS B 1150 -5.33 35.89 -54.16
CA LYS B 1150 -5.41 34.46 -54.39
C LYS B 1150 -5.26 33.73 -53.07
N VAL B 1151 -5.90 32.58 -52.97
CA VAL B 1151 -5.71 31.71 -51.81
C VAL B 1151 -4.28 31.17 -51.84
N ILE B 1152 -3.61 31.21 -50.69
CA ILE B 1152 -2.23 30.79 -50.57
C ILE B 1152 -2.17 29.60 -49.62
N ARG B 1153 -1.44 28.56 -50.03
CA ARG B 1153 -1.32 27.36 -49.21
C ARG B 1153 0.11 26.83 -49.19
N SER B 1154 1.10 27.66 -49.49
CA SER B 1154 2.50 27.25 -49.49
C SER B 1154 3.36 28.38 -48.99
N ALA B 1155 4.53 28.02 -48.44
CA ALA B 1155 5.48 29.00 -47.96
C ALA B 1155 6.18 29.74 -49.08
N LYS B 1156 6.10 29.23 -50.32
CA LYS B 1156 6.83 29.85 -51.42
C LYS B 1156 6.31 31.24 -51.72
N ASP B 1157 5.05 31.53 -51.39
CA ASP B 1157 4.47 32.83 -51.67
C ASP B 1157 4.79 33.87 -50.60
N PHE B 1158 5.25 33.45 -49.43
CA PHE B 1158 5.52 34.36 -48.32
C PHE B 1158 6.99 34.74 -48.23
N GLN B 1159 7.68 34.81 -49.38
CA GLN B 1159 9.05 35.27 -49.39
C GLN B 1159 9.14 36.68 -48.80
N PRO B 1160 10.33 37.12 -48.42
CA PRO B 1160 10.44 38.45 -47.80
C PRO B 1160 9.93 39.57 -48.67
N GLU B 1161 9.85 39.36 -49.99
CA GLU B 1161 9.27 40.37 -50.87
C GLU B 1161 7.77 40.44 -50.76
N TYR B 1162 7.12 39.39 -50.22
CA TYR B 1162 5.67 39.41 -50.08
C TYR B 1162 5.23 40.55 -49.17
N PHE B 1163 5.97 40.80 -48.10
CA PHE B 1163 5.59 41.88 -47.19
C PHE B 1163 5.68 43.24 -47.90
N THR B 1164 6.74 43.44 -48.69
CA THR B 1164 6.85 44.68 -49.45
C THR B 1164 5.69 44.82 -50.42
N HIS B 1165 5.36 43.75 -51.13
CA HIS B 1165 4.26 43.80 -52.09
C HIS B 1165 2.94 44.12 -51.38
N HIS B 1166 2.71 43.49 -50.23
CA HIS B 1166 1.50 43.74 -49.47
C HIS B 1166 1.43 45.19 -49.01
N CYS B 1167 2.54 45.73 -48.49
CA CYS B 1167 2.53 47.09 -47.98
C CYS B 1167 2.42 48.12 -49.08
N ARG B 1168 2.87 47.78 -50.29
CA ARG B 1168 2.84 48.73 -51.40
C ARG B 1168 1.57 48.57 -52.24
N SER B 1169 1.30 47.35 -52.71
CA SER B 1169 0.21 47.13 -53.65
C SER B 1169 -1.14 47.31 -52.97
N SER B 1170 -2.16 47.50 -53.80
CA SER B 1170 -3.52 47.66 -53.31
C SER B 1170 -4.02 46.37 -52.68
N VAL B 1171 -5.13 46.48 -51.96
CA VAL B 1171 -5.73 45.34 -51.26
C VAL B 1171 -6.95 44.92 -52.08
N ASN B 1172 -6.75 43.94 -52.95
CA ASN B 1172 -7.85 43.37 -53.73
C ASN B 1172 -8.57 42.34 -52.88
N MET B 1173 -9.81 42.63 -52.52
CA MET B 1173 -10.61 41.76 -51.66
C MET B 1173 -11.69 41.00 -52.40
N VAL B 1174 -12.33 41.62 -53.39
CA VAL B 1174 -13.44 40.95 -54.07
C VAL B 1174 -12.95 39.74 -54.86
N ASP B 1175 -11.84 39.88 -55.57
CA ASP B 1175 -11.36 38.76 -56.38
C ASP B 1175 -10.90 37.59 -55.52
N ALA B 1176 -10.20 37.88 -54.42
CA ALA B 1176 -9.77 36.80 -53.53
C ALA B 1176 -10.97 36.07 -52.95
N LEU B 1177 -12.00 36.82 -52.54
CA LEU B 1177 -13.19 36.19 -51.98
C LEU B 1177 -13.92 35.36 -53.03
N GLN B 1178 -14.00 35.87 -54.26
CA GLN B 1178 -14.62 35.10 -55.33
C GLN B 1178 -13.85 33.81 -55.60
N SER B 1179 -12.52 33.90 -55.61
CA SER B 1179 -11.71 32.70 -55.81
C SER B 1179 -11.95 31.69 -54.70
N ALA B 1180 -12.03 32.17 -53.45
CA ALA B 1180 -12.32 31.26 -52.34
C ALA B 1180 -13.68 30.62 -52.50
N VAL B 1181 -14.68 31.41 -52.92
CA VAL B 1181 -16.04 30.88 -53.07
C VAL B 1181 -16.06 29.78 -54.14
N GLU B 1182 -15.42 30.03 -55.27
CA GLU B 1182 -15.42 29.03 -56.34
C GLU B 1182 -14.53 27.85 -56.01
N GLU B 1183 -13.55 28.02 -55.12
CA GLU B 1183 -12.67 26.93 -54.72
C GLU B 1183 -13.33 25.94 -53.78
N GLY B 1184 -14.51 26.26 -53.25
CA GLY B 1184 -15.15 25.41 -52.27
C GLY B 1184 -14.68 25.62 -50.85
N LEU B 1185 -13.70 26.50 -50.63
CA LEU B 1185 -13.26 26.81 -49.28
C LEU B 1185 -14.41 27.42 -48.47
N LEU B 1186 -14.91 28.57 -48.91
CA LEU B 1186 -16.06 29.17 -48.28
C LEU B 1186 -17.34 28.59 -48.89
N ASP B 1187 -18.45 28.78 -48.17
CA ASP B 1187 -19.72 28.20 -48.57
C ASP B 1187 -20.80 28.89 -47.75
N LYS B 1188 -22.05 28.70 -48.16
CA LYS B 1188 -23.19 29.24 -47.43
C LYS B 1188 -23.42 28.56 -46.09
N ASN B 1189 -22.60 27.56 -45.74
CA ASN B 1189 -22.78 26.83 -44.49
C ASN B 1189 -21.74 27.15 -43.43
N VAL B 1190 -20.56 27.65 -43.81
CA VAL B 1190 -19.56 27.99 -42.81
C VAL B 1190 -20.00 29.24 -42.04
N ILE B 1191 -19.49 29.38 -40.83
CA ILE B 1191 -19.86 30.46 -39.93
C ILE B 1191 -18.68 31.42 -39.86
N GLY B 1192 -18.87 32.63 -40.39
CA GLY B 1192 -17.85 33.64 -40.26
C GLY B 1192 -17.77 34.17 -38.83
N LEU B 1193 -16.59 34.64 -38.46
CA LEU B 1193 -16.37 35.13 -37.11
C LEU B 1193 -15.26 36.18 -37.16
N GLU B 1194 -15.60 37.42 -36.87
CA GLU B 1194 -14.63 38.50 -36.90
C GLU B 1194 -13.88 38.58 -35.57
N ILE B 1195 -12.57 38.73 -35.66
CA ILE B 1195 -11.74 38.97 -34.48
C ILE B 1195 -11.23 40.41 -34.55
N GLY B 1196 -11.95 41.34 -33.94
CA GLY B 1196 -11.58 42.73 -33.99
C GLY B 1196 -12.73 43.65 -33.65
N PRO B 1197 -12.50 44.96 -33.74
CA PRO B 1197 -13.52 45.96 -33.35
C PRO B 1197 -14.60 46.19 -34.40
N GLY B 1198 -15.61 45.31 -34.39
CA GLY B 1198 -16.79 45.51 -35.19
C GLY B 1198 -16.82 44.64 -36.43
N PRO B 1199 -18.03 44.34 -36.93
CA PRO B 1199 -18.19 43.49 -38.13
C PRO B 1199 -18.06 44.24 -39.44
N VAL B 1200 -16.83 44.45 -39.89
CA VAL B 1200 -16.56 45.10 -41.16
C VAL B 1200 -16.13 44.10 -42.22
N VAL B 1201 -15.21 43.19 -41.89
CA VAL B 1201 -14.78 42.19 -42.87
C VAL B 1201 -15.87 41.15 -43.07
N THR B 1202 -16.53 40.73 -41.99
CA THR B 1202 -17.60 39.74 -42.13
C THR B 1202 -18.72 40.25 -43.02
N GLN B 1203 -18.97 41.57 -43.03
CA GLN B 1203 -19.95 42.11 -43.96
C GLN B 1203 -19.52 41.87 -45.41
N PHE B 1204 -18.24 42.10 -45.70
CA PHE B 1204 -17.73 41.85 -47.05
C PHE B 1204 -17.89 40.39 -47.41
N VAL B 1205 -17.53 39.50 -46.49
CA VAL B 1205 -17.61 38.07 -46.77
C VAL B 1205 -19.06 37.65 -47.02
N LYS B 1206 -19.97 38.14 -46.18
CA LYS B 1206 -21.38 37.80 -46.35
C LYS B 1206 -21.91 38.31 -47.68
N GLU B 1207 -21.54 39.53 -48.06
CA GLU B 1207 -21.96 40.06 -49.35
C GLU B 1207 -21.43 39.23 -50.50
N ALA B 1208 -20.17 38.81 -50.41
CA ALA B 1208 -19.55 38.09 -51.52
C ALA B 1208 -19.81 36.60 -51.51
N VAL B 1209 -20.50 36.08 -50.49
CA VAL B 1209 -20.80 34.66 -50.41
C VAL B 1209 -22.28 34.35 -50.38
N GLY B 1210 -23.13 35.27 -49.91
CA GLY B 1210 -24.55 35.00 -49.81
C GLY B 1210 -25.16 35.70 -48.62
N THR B 1211 -26.37 36.24 -48.80
CA THR B 1211 -27.03 36.97 -47.73
C THR B 1211 -27.51 36.06 -46.60
N THR B 1212 -27.46 34.74 -46.77
CA THR B 1212 -27.92 33.80 -45.76
C THR B 1212 -26.79 33.30 -44.87
N MET B 1213 -25.58 33.82 -45.02
CA MET B 1213 -24.46 33.38 -44.21
C MET B 1213 -24.49 34.04 -42.84
N GLN B 1214 -24.06 33.31 -41.83
CA GLN B 1214 -24.07 33.79 -40.45
C GLN B 1214 -22.74 34.45 -40.12
N THR B 1215 -22.81 35.62 -39.48
CA THR B 1215 -21.63 36.39 -39.10
C THR B 1215 -21.73 36.80 -37.64
N PHE B 1216 -20.58 36.96 -37.00
CA PHE B 1216 -20.53 37.31 -35.59
C PHE B 1216 -19.32 38.21 -35.34
N ALA B 1217 -19.51 39.22 -34.50
CA ALA B 1217 -18.45 40.14 -34.12
C ALA B 1217 -18.21 40.00 -32.62
N SER B 1218 -16.95 39.87 -32.23
CA SER B 1218 -16.61 39.65 -30.83
C SER B 1218 -16.52 40.93 -30.01
N ILE B 1219 -16.43 42.08 -30.65
CA ILE B 1219 -16.32 43.36 -29.97
C ILE B 1219 -17.19 44.39 -30.69
N ASN B 1220 -17.66 45.38 -29.95
CA ASN B 1220 -18.41 46.47 -30.54
C ASN B 1220 -18.30 47.70 -29.65
N LYS B 1221 -18.44 48.87 -30.28
CA LYS B 1221 -18.23 50.13 -29.56
C LYS B 1221 -19.26 50.31 -28.44
N ASP B 1222 -20.53 50.02 -28.72
CA ASP B 1222 -21.63 50.34 -27.83
C ASP B 1222 -22.39 49.10 -27.41
N LYS B 1223 -21.68 48.03 -27.07
CA LYS B 1223 -22.30 46.80 -26.61
C LYS B 1223 -21.31 46.04 -25.75
N ASP B 1224 -21.69 45.76 -24.51
CA ASP B 1224 -20.79 45.01 -23.64
C ASP B 1224 -20.42 43.68 -24.28
N THR B 1225 -19.14 43.32 -24.20
CA THR B 1225 -18.63 42.21 -24.97
C THR B 1225 -19.38 40.91 -24.69
N TRP B 1226 -19.93 40.77 -23.49
CA TRP B 1226 -20.44 39.45 -23.10
C TRP B 1226 -21.76 39.10 -23.76
N GLN B 1227 -22.60 40.07 -24.11
CA GLN B 1227 -23.80 39.71 -24.87
C GLN B 1227 -23.42 39.12 -26.21
N LEU B 1228 -22.44 39.73 -26.90
CA LEU B 1228 -21.96 39.16 -28.15
C LEU B 1228 -21.33 37.79 -27.92
N MET B 1229 -20.56 37.65 -26.84
CA MET B 1229 -19.91 36.37 -26.57
C MET B 1229 -20.93 35.27 -26.36
N THR B 1230 -21.95 35.53 -25.54
CA THR B 1230 -22.97 34.51 -25.30
C THR B 1230 -23.76 34.22 -26.56
N GLN B 1231 -24.09 35.24 -27.35
CA GLN B 1231 -24.83 34.97 -28.59
C GLN B 1231 -24.01 34.09 -29.53
N ALA B 1232 -22.73 34.42 -29.70
CA ALA B 1232 -21.89 33.62 -30.60
C ALA B 1232 -21.73 32.21 -30.08
N LEU B 1233 -21.51 32.04 -28.78
CA LEU B 1233 -21.35 30.70 -28.22
C LEU B 1233 -22.64 29.91 -28.33
N ALA B 1234 -23.78 30.56 -28.12
CA ALA B 1234 -25.06 29.87 -28.28
C ALA B 1234 -25.25 29.39 -29.71
N LYS B 1235 -24.90 30.22 -30.68
CA LYS B 1235 -25.07 29.80 -32.08
C LYS B 1235 -24.08 28.71 -32.44
N PHE B 1236 -22.85 28.78 -31.94
CA PHE B 1236 -21.88 27.71 -32.17
C PHE B 1236 -22.39 26.39 -31.58
N TYR B 1237 -22.91 26.45 -30.35
CA TYR B 1237 -23.44 25.25 -29.71
C TYR B 1237 -24.60 24.67 -30.51
N LEU B 1238 -25.61 25.48 -30.80
CA LEU B 1238 -26.79 24.98 -31.49
C LEU B 1238 -26.43 24.47 -32.89
N ALA B 1239 -25.39 25.04 -33.51
CA ALA B 1239 -24.97 24.55 -34.82
C ALA B 1239 -24.49 23.11 -34.73
N GLY B 1240 -23.76 22.77 -33.68
CA GLY B 1240 -23.25 21.43 -33.51
C GLY B 1240 -21.80 21.37 -33.05
N ALA B 1241 -21.21 22.53 -32.78
CA ALA B 1241 -19.82 22.59 -32.37
C ALA B 1241 -19.65 21.93 -31.00
N SER B 1242 -18.40 21.87 -30.54
CA SER B 1242 -18.04 21.31 -29.24
C SER B 1242 -17.17 22.35 -28.54
N VAL B 1243 -17.80 23.28 -27.82
CA VAL B 1243 -17.09 24.35 -27.15
C VAL B 1243 -16.51 23.83 -25.84
N GLU B 1244 -15.34 24.32 -25.49
CA GLU B 1244 -14.68 23.96 -24.23
C GLU B 1244 -15.26 24.86 -23.14
N TRP B 1245 -16.36 24.39 -22.54
CA TRP B 1245 -17.08 25.20 -21.56
C TRP B 1245 -16.24 25.38 -20.29
N SER B 1246 -15.52 24.35 -19.88
CA SER B 1246 -14.78 24.41 -18.61
C SER B 1246 -13.87 25.63 -18.57
N ARG B 1247 -13.22 25.94 -19.69
CA ARG B 1247 -12.34 27.10 -19.75
C ARG B 1247 -13.11 28.41 -19.84
N TYR B 1248 -14.40 28.36 -20.19
CA TYR B 1248 -15.21 29.57 -20.24
C TYR B 1248 -15.51 30.11 -18.84
N HIS B 1249 -15.50 29.24 -17.83
CA HIS B 1249 -15.87 29.62 -16.47
C HIS B 1249 -14.68 29.65 -15.52
N GLU B 1250 -13.49 29.22 -15.95
CA GLU B 1250 -12.40 29.01 -15.01
C GLU B 1250 -11.98 30.28 -14.30
N ASP B 1251 -12.25 31.45 -14.87
CA ASP B 1251 -11.81 32.71 -14.28
C ASP B 1251 -12.86 33.33 -13.37
N PHE B 1252 -13.97 32.65 -13.11
CA PHE B 1252 -15.09 33.19 -12.36
C PHE B 1252 -15.42 32.23 -11.22
N PRO B 1253 -14.69 32.30 -10.10
CA PRO B 1253 -14.95 31.36 -9.00
C PRO B 1253 -16.34 31.47 -8.43
N GLY B 1254 -17.03 32.59 -8.61
CA GLY B 1254 -18.35 32.74 -8.03
C GLY B 1254 -19.35 31.72 -8.56
N ALA B 1255 -19.22 31.36 -9.83
CA ALA B 1255 -20.18 30.50 -10.50
C ALA B 1255 -19.76 29.03 -10.54
N GLN B 1256 -18.85 28.62 -9.66
CA GLN B 1256 -18.35 27.24 -9.64
C GLN B 1256 -19.05 26.49 -8.52
N LYS B 1257 -20.22 25.95 -8.84
CA LYS B 1257 -20.97 25.13 -7.88
C LYS B 1257 -22.03 24.34 -8.64
N VAL B 1258 -22.07 23.04 -8.41
CA VAL B 1258 -23.00 22.16 -9.09
C VAL B 1258 -24.33 22.18 -8.35
N LEU B 1259 -25.38 22.64 -9.04
CA LEU B 1259 -26.72 22.62 -8.46
C LEU B 1259 -27.29 21.20 -8.59
N GLU B 1260 -28.57 21.05 -8.27
CA GLU B 1260 -29.26 19.77 -8.38
C GLU B 1260 -30.40 19.94 -9.37
N LEU B 1261 -30.09 19.80 -10.65
CA LEU B 1261 -31.10 19.88 -11.69
C LEU B 1261 -31.91 18.59 -11.73
N PRO B 1262 -33.11 18.63 -12.30
CA PRO B 1262 -33.93 17.42 -12.36
C PRO B 1262 -33.30 16.37 -13.25
N ALA B 1263 -33.59 15.11 -12.92
CA ALA B 1263 -32.99 13.99 -13.63
C ALA B 1263 -33.28 14.08 -15.13
N TYR B 1264 -32.46 13.38 -15.91
CA TYR B 1264 -32.64 13.35 -17.35
C TYR B 1264 -34.03 12.83 -17.69
N GLY B 1265 -34.65 13.44 -18.69
CA GLY B 1265 -36.00 13.08 -19.08
C GLY B 1265 -36.06 11.87 -19.99
N TRP B 1266 -35.89 10.68 -19.42
CA TRP B 1266 -35.94 9.46 -20.21
C TRP B 1266 -37.28 9.34 -20.92
N ALA B 1267 -37.24 8.87 -22.16
CA ALA B 1267 -38.46 8.48 -22.88
C ALA B 1267 -38.82 7.07 -22.43
N LEU B 1268 -39.74 6.98 -21.48
CA LEU B 1268 -40.02 5.71 -20.80
C LEU B 1268 -40.87 4.83 -21.71
N LYS B 1269 -40.29 3.72 -22.15
CA LYS B 1269 -40.98 2.72 -22.95
C LYS B 1269 -40.96 1.40 -22.20
N ASN B 1270 -42.06 0.66 -22.28
CA ASN B 1270 -42.26 -0.53 -21.47
C ASN B 1270 -41.81 -1.77 -22.22
N TYR B 1271 -41.04 -2.61 -21.53
CA TYR B 1271 -40.62 -3.91 -22.05
C TYR B 1271 -40.59 -4.92 -20.91
N TRP B 1272 -41.22 -6.07 -21.13
CA TRP B 1272 -41.26 -7.12 -20.13
C TRP B 1272 -41.52 -8.45 -20.81
N LEU B 1273 -40.69 -9.43 -20.54
CA LEU B 1273 -40.80 -10.74 -21.18
C LEU B 1273 -40.22 -11.84 -20.29
N ILE C 11 29.84 -7.16 -38.48
CA ILE C 11 30.56 -6.33 -37.51
C ILE C 11 31.71 -5.63 -38.21
N GLY C 12 32.35 -6.33 -39.16
CA GLY C 12 33.55 -5.79 -39.79
C GLY C 12 33.30 -4.49 -40.51
N THR C 13 32.26 -4.44 -41.34
CA THR C 13 31.95 -3.20 -42.06
C THR C 13 31.51 -2.10 -41.10
N VAL C 14 30.66 -2.44 -40.14
CA VAL C 14 30.20 -1.45 -39.17
C VAL C 14 31.37 -0.97 -38.33
N TRP C 15 32.23 -1.90 -37.91
CA TRP C 15 33.39 -1.51 -37.10
C TRP C 15 34.34 -0.64 -37.91
N ARG C 16 34.52 -0.92 -39.19
CA ARG C 16 35.41 -0.10 -40.01
C ARG C 16 34.84 1.30 -40.22
N ASP C 17 33.53 1.41 -40.42
CA ASP C 17 32.92 2.73 -40.50
C ASP C 17 33.09 3.48 -39.17
N ALA C 18 32.95 2.78 -38.05
CA ALA C 18 33.21 3.39 -36.75
C ALA C 18 34.65 3.87 -36.65
N LEU C 19 35.59 3.07 -37.16
CA LEU C 19 36.99 3.48 -37.16
C LEU C 19 37.20 4.72 -37.99
N LYS C 20 36.53 4.82 -39.14
CA LYS C 20 36.62 6.03 -39.95
C LYS C 20 36.09 7.23 -39.19
N ILE C 21 34.98 7.05 -38.47
CA ILE C 21 34.42 8.16 -37.69
C ILE C 21 35.40 8.59 -36.62
N LEU C 22 36.00 7.63 -35.92
CA LEU C 22 36.96 7.95 -34.85
C LEU C 22 38.17 8.66 -35.41
N SER C 23 38.68 8.20 -36.56
CA SER C 23 39.82 8.86 -37.19
C SER C 23 39.46 10.29 -37.59
N GLU C 24 38.25 10.49 -38.11
CA GLU C 24 37.81 11.83 -38.47
C GLU C 24 37.78 12.74 -37.25
N GLU C 25 37.18 12.26 -36.16
CA GLU C 25 37.02 13.11 -34.98
C GLU C 25 38.36 13.40 -34.31
N SER C 26 39.16 12.36 -34.07
CA SER C 26 40.44 12.54 -33.39
C SER C 26 41.51 13.10 -34.29
N GLY C 27 41.30 13.08 -35.61
CA GLY C 27 42.30 13.54 -36.55
C GLY C 27 43.40 12.54 -36.83
N LEU C 28 43.35 11.35 -36.24
CA LEU C 28 44.35 10.32 -36.47
C LEU C 28 43.98 9.51 -37.72
N THR C 29 44.77 8.49 -38.01
CA THR C 29 44.57 7.65 -39.18
C THR C 29 44.11 6.26 -38.74
N ASP C 30 43.38 5.59 -39.63
CA ASP C 30 42.79 4.29 -39.29
C ASP C 30 43.84 3.33 -38.74
N GLU C 31 45.01 3.29 -39.37
CA GLU C 31 46.05 2.37 -38.92
C GLU C 31 46.52 2.70 -37.51
N GLU C 32 46.38 3.96 -37.09
CA GLU C 32 46.88 4.35 -35.78
C GLU C 32 45.97 3.90 -34.64
N LEU C 33 44.66 3.87 -34.86
CA LEU C 33 43.71 3.46 -33.81
C LEU C 33 43.80 1.95 -33.63
N THR C 34 44.83 1.53 -32.88
CA THR C 34 45.05 0.13 -32.56
C THR C 34 44.53 -0.19 -31.17
N ASP C 35 44.57 -1.47 -30.82
CA ASP C 35 44.01 -1.92 -29.55
C ASP C 35 44.73 -1.26 -28.37
N ASP C 36 46.07 -1.17 -28.43
CA ASP C 36 46.83 -0.70 -27.28
C ASP C 36 46.56 0.77 -26.99
N THR C 37 46.25 1.57 -28.01
CA THR C 37 46.09 3.00 -27.81
C THR C 37 44.94 3.28 -26.84
N SER C 38 45.13 4.30 -26.00
CA SER C 38 44.16 4.67 -24.98
C SER C 38 43.55 6.03 -25.31
N PHE C 39 42.26 6.17 -25.03
CA PHE C 39 41.56 7.42 -25.34
C PHE C 39 42.27 8.62 -24.72
N ALA C 40 42.87 8.44 -23.54
CA ALA C 40 43.59 9.54 -22.91
C ALA C 40 44.73 10.02 -23.82
N ASP C 41 45.49 9.09 -24.40
CA ASP C 41 46.56 9.47 -25.31
C ASP C 41 46.00 10.10 -26.59
N VAL C 42 44.94 9.51 -27.14
CA VAL C 42 44.30 10.09 -28.32
C VAL C 42 43.71 11.46 -28.04
N GLY C 43 43.55 11.83 -26.77
CA GLY C 43 42.91 13.08 -26.45
C GLY C 43 41.41 13.08 -26.72
N VAL C 44 40.77 11.92 -26.62
CA VAL C 44 39.33 11.84 -26.80
C VAL C 44 38.72 12.45 -25.55
N ASP C 45 38.33 13.72 -25.64
CA ASP C 45 37.79 14.42 -24.50
C ASP C 45 36.33 14.02 -24.29
N SER C 46 35.82 14.37 -23.12
CA SER C 46 34.46 13.99 -22.76
C SER C 46 33.43 14.55 -23.73
N LEU C 47 33.54 15.83 -24.09
CA LEU C 47 32.74 16.33 -25.18
C LEU C 47 33.03 15.57 -26.46
N MET C 48 34.29 15.18 -26.65
CA MET C 48 34.66 14.39 -27.82
C MET C 48 33.95 13.04 -27.79
N SER C 49 33.84 12.43 -26.62
CA SER C 49 33.10 11.17 -26.52
C SER C 49 31.64 11.37 -26.89
N LEU C 50 31.03 12.47 -26.42
CA LEU C 50 29.64 12.71 -26.80
C LEU C 50 29.47 12.86 -28.31
N VAL C 51 30.36 13.63 -28.95
CA VAL C 51 30.21 13.84 -30.38
C VAL C 51 30.44 12.54 -31.14
N ILE C 52 31.41 11.73 -30.68
CA ILE C 52 31.67 10.45 -31.34
C ILE C 52 30.46 9.54 -31.22
N THR C 53 29.86 9.47 -30.03
CA THR C 53 28.68 8.64 -29.85
C THR C 53 27.53 9.11 -30.73
N SER C 54 27.33 10.43 -30.82
CA SER C 54 26.28 10.96 -31.67
C SER C 54 26.51 10.61 -33.14
N ARG C 55 27.75 10.77 -33.60
CA ARG C 55 28.07 10.43 -34.98
C ARG C 55 27.85 8.95 -35.25
N LEU C 56 28.25 8.09 -34.30
CA LEU C 56 28.05 6.67 -34.45
C LEU C 56 26.56 6.33 -34.57
N ARG C 57 25.75 6.81 -33.63
CA ARG C 57 24.34 6.48 -33.66
C ARG C 57 23.60 7.16 -34.80
N ASP C 58 24.21 8.17 -35.43
CA ASP C 58 23.60 8.83 -36.57
C ASP C 58 23.93 8.11 -37.89
N GLU C 59 25.20 7.76 -38.09
CA GLU C 59 25.58 7.07 -39.33
C GLU C 59 25.26 5.58 -39.25
N LEU C 60 25.88 4.86 -38.32
CA LEU C 60 25.73 3.41 -38.27
C LEU C 60 24.52 2.95 -37.47
N ASP C 61 23.75 3.89 -36.91
CA ASP C 61 22.44 3.58 -36.34
C ASP C 61 22.53 2.49 -35.28
N ILE C 62 23.42 2.69 -34.31
CA ILE C 62 23.66 1.72 -33.25
C ILE C 62 23.08 2.26 -31.95
N ASP C 63 22.72 1.33 -31.07
CA ASP C 63 22.17 1.68 -29.76
C ASP C 63 23.28 1.77 -28.73
N PHE C 64 24.09 2.82 -28.87
CA PHE C 64 25.23 3.06 -28.00
C PHE C 64 24.94 4.25 -27.09
N PRO C 65 24.86 4.06 -25.77
CA PRO C 65 24.58 5.21 -24.89
C PRO C 65 25.75 6.20 -24.90
N ASP C 66 25.42 7.45 -24.61
CA ASP C 66 26.40 8.52 -24.75
C ASP C 66 27.59 8.37 -23.81
N ARG C 67 27.48 7.53 -22.78
CA ARG C 67 28.52 7.43 -21.76
C ARG C 67 29.28 6.11 -21.78
N ALA C 68 28.82 5.10 -22.52
CA ALA C 68 29.54 3.83 -22.55
C ALA C 68 30.96 4.01 -23.08
N LEU C 69 31.14 4.94 -24.03
CA LEU C 69 32.48 5.20 -24.55
C LEU C 69 33.42 5.66 -23.45
N PHE C 70 32.99 6.64 -22.65
CA PHE C 70 33.81 7.10 -21.53
C PHE C 70 33.77 6.11 -20.37
N GLU C 71 32.59 5.55 -20.08
CA GLU C 71 32.45 4.70 -18.89
C GLU C 71 33.20 3.39 -19.06
N GLU C 72 33.03 2.72 -20.20
CA GLU C 72 33.54 1.37 -20.39
C GLU C 72 34.83 1.34 -21.21
N CYS C 73 34.95 2.21 -22.22
CA CYS C 73 36.04 2.13 -23.18
C CYS C 73 37.19 3.02 -22.73
N GLN C 74 38.25 2.42 -22.20
CA GLN C 74 39.48 3.12 -21.88
C GLN C 74 40.53 2.98 -22.97
N THR C 75 40.42 1.95 -23.81
CA THR C 75 41.28 1.75 -24.96
C THR C 75 40.41 1.39 -26.16
N ILE C 76 41.04 1.25 -27.32
CA ILE C 76 40.30 0.92 -28.53
C ILE C 76 39.77 -0.51 -28.47
N PHE C 77 40.47 -1.41 -27.77
CA PHE C 77 40.03 -2.79 -27.72
C PHE C 77 38.69 -2.93 -27.02
N ASP C 78 38.48 -2.19 -25.93
CA ASP C 78 37.21 -2.26 -25.23
C ASP C 78 36.06 -1.78 -26.11
N LEU C 79 36.30 -0.70 -26.86
CA LEU C 79 35.28 -0.22 -27.80
C LEU C 79 35.02 -1.26 -28.89
N ARG C 80 36.07 -1.90 -29.38
CA ARG C 80 35.89 -2.96 -30.38
C ARG C 80 35.02 -4.07 -29.82
N LYS C 81 35.29 -4.48 -28.59
CA LYS C 81 34.47 -5.51 -27.95
C LYS C 81 33.02 -5.05 -27.81
N ARG C 82 32.82 -3.80 -27.41
CA ARG C 82 31.46 -3.28 -27.28
C ARG C 82 30.73 -3.30 -28.61
N PHE C 83 31.42 -2.94 -29.69
CA PHE C 83 30.80 -2.96 -31.01
C PHE C 83 30.58 -4.38 -31.53
N SER C 84 31.31 -5.36 -30.99
CA SER C 84 31.13 -6.73 -31.43
C SER C 84 29.71 -7.23 -31.17
N GLY C 85 29.04 -6.68 -30.15
CA GLY C 85 27.69 -7.07 -29.84
C GLY C 85 27.56 -8.52 -29.44
C14 42X D . 31.85 20.40 -20.36
C10 42X D . 31.94 18.73 -22.19
O01 42X D . 34.73 17.45 -22.57
P02 42X D . 34.47 16.95 -21.18
O03 42X D . 35.76 16.61 -20.48
O05 42X D . 33.80 18.19 -20.35
C06 42X D . 32.50 18.07 -19.88
C09 42X D . 31.58 18.94 -20.73
C18 42X D . 30.12 18.56 -20.51
O20 42X D . 29.89 18.36 -19.14
C22 42X D . 29.24 19.67 -21.02
O23 42X D . 28.90 19.70 -22.15
N24 42X D . 28.80 20.72 -20.11
C26 42X D . 27.95 21.78 -20.60
C29 42X D . 27.45 22.58 -19.39
C32 42X D . 26.17 23.31 -19.78
O33 42X D . 25.71 23.21 -20.85
N34 42X D . 25.51 24.15 -18.80
C36 42X D . 24.29 24.85 -19.15
C39 42X D . 23.13 23.85 -19.12
N42 42X D . 22.03 24.39 -18.35
C44 42X D . 20.91 23.53 -18.01
O45 42X D . 20.92 22.39 -18.37
C46 42X D . 19.72 24.04 -17.20
C49 42X D . 18.43 23.98 -18.00
H1 42X D . 31.57 21.05 -21.18
H2 42X D . 32.91 20.51 -20.15
H3 42X D . 31.29 20.67 -19.46
H4 42X D . 32.00 17.66 -22.40
H5 42X D . 31.18 19.18 -22.83
H6 42X D . 32.90 19.18 -22.39
H9 42X D . 32.20 17.02 -19.95
H10 42X D . 32.47 18.41 -18.85
H11 42X D . 29.90 17.65 -21.04
H12 42X D . 30.24 19.08 -18.65
H13 42X D . 29.08 20.70 -19.15
H14 42X D . 28.52 22.42 -21.26
H15 42X D . 27.11 21.34 -21.13
H16 42X D . 27.25 21.91 -18.57
H17 42X D . 28.21 23.31 -19.10
H18 42X D . 25.88 24.25 -17.88
H19 42X D . 24.37 25.25 -20.15
H20 42X D . 24.10 25.65 -18.45
H21 42X D . 22.80 23.65 -20.13
H22 42X D . 23.47 22.93 -18.66
H23 42X D . 22.04 25.35 -18.05
H25 42X D . 19.60 23.42 -16.33
H26 42X D . 18.37 24.83 -18.67
H27 42X D . 17.58 23.99 -17.32
H28 42X D . 18.42 23.06 -18.59
#